data_6EX9
# 
_entry.id   6EX9 
# 
_audit_conform.dict_name       mmcif_pdbx.dic 
_audit_conform.dict_version    5.383 
_audit_conform.dict_location   http://mmcif.pdb.org/dictionaries/ascii/mmcif_pdbx.dic 
# 
loop_
_database_2.database_id 
_database_2.database_code 
_database_2.pdbx_database_accession 
_database_2.pdbx_DOI 
PDB   6EX9         pdb_00006ex9 10.2210/pdb6ex9/pdb 
WWPDB D_1200007405 ?            ?                   
# 
loop_
_pdbx_audit_revision_history.ordinal 
_pdbx_audit_revision_history.data_content_type 
_pdbx_audit_revision_history.major_revision 
_pdbx_audit_revision_history.minor_revision 
_pdbx_audit_revision_history.revision_date 
1 'Structure model' 1 0 2018-06-06 
2 'Structure model' 1 1 2019-08-21 
3 'Structure model' 1 2 2024-01-17 
# 
_pdbx_audit_revision_details.ordinal             1 
_pdbx_audit_revision_details.revision_ordinal    1 
_pdbx_audit_revision_details.data_content_type   'Structure model' 
_pdbx_audit_revision_details.provider            repository 
_pdbx_audit_revision_details.type                'Initial release' 
_pdbx_audit_revision_details.description         ? 
_pdbx_audit_revision_details.details             ? 
# 
loop_
_pdbx_audit_revision_group.ordinal 
_pdbx_audit_revision_group.revision_ordinal 
_pdbx_audit_revision_group.data_content_type 
_pdbx_audit_revision_group.group 
1 2 'Structure model' 'Data collection'        
2 2 'Structure model' 'Source and taxonomy'    
3 2 'Structure model' 'Structure summary'      
4 3 'Structure model' 'Data collection'        
5 3 'Structure model' 'Database references'    
6 3 'Structure model' 'Refinement description' 
# 
loop_
_pdbx_audit_revision_category.ordinal 
_pdbx_audit_revision_category.revision_ordinal 
_pdbx_audit_revision_category.data_content_type 
_pdbx_audit_revision_category.category 
1 2 'Structure model' entity                        
2 2 'Structure model' entity_src_gen                
3 2 'Structure model' pdbx_entity_src_syn           
4 3 'Structure model' chem_comp_atom                
5 3 'Structure model' chem_comp_bond                
6 3 'Structure model' citation                      
7 3 'Structure model' database_2                    
8 3 'Structure model' pdbx_initial_refinement_model 
# 
loop_
_pdbx_audit_revision_item.ordinal 
_pdbx_audit_revision_item.revision_ordinal 
_pdbx_audit_revision_item.data_content_type 
_pdbx_audit_revision_item.item 
1 2 'Structure model' '_entity.src_method'                  
2 3 'Structure model' '_citation.journal_id_ISSN'           
3 3 'Structure model' '_database_2.pdbx_DOI'                
4 3 'Structure model' '_database_2.pdbx_database_accession' 
# 
_pdbx_database_status.status_code                     REL 
_pdbx_database_status.status_code_sf                  REL 
_pdbx_database_status.status_code_mr                  ? 
_pdbx_database_status.entry_id                        6EX9 
_pdbx_database_status.recvd_initial_deposition_date   2017-11-07 
_pdbx_database_status.SG_entry                        N 
_pdbx_database_status.deposit_site                    PDBE 
_pdbx_database_status.process_site                    PDBE 
_pdbx_database_status.status_code_cs                  ? 
_pdbx_database_status.methods_development_category    ? 
_pdbx_database_status.pdb_format_compatible           Y 
_pdbx_database_status.status_code_nmr_data            ? 
# 
loop_
_audit_author.name 
_audit_author.pdbx_ordinal 
_audit_author.identifier_ORCID 
'Galilee, M.' 1 ? 
'Alian, A.'   2 ? 
# 
_citation.abstract                  ? 
_citation.abstract_id_CAS           ? 
_citation.book_id_ISBN              ? 
_citation.book_publisher            ? 
_citation.book_publisher_city       ? 
_citation.book_title                ? 
_citation.coordinate_linkage        ? 
_citation.country                   US 
_citation.database_id_Medline       ? 
_citation.details                   ? 
_citation.id                        primary 
_citation.journal_abbrev            Biorxiv 
_citation.journal_id_ASTM           ? 
_citation.journal_id_CSD            ? 
_citation.journal_id_ISSN           2692-8205 
_citation.journal_full              ? 
_citation.journal_issue             ? 
_citation.journal_volume            ? 
_citation.language                  ? 
_citation.page_first                ? 
_citation.page_last                 ? 
_citation.title                     'Multimerization of HIV-1 integrase hinges on conserved SH3-docking platforms' 
_citation.year                      2018 
_citation.database_id_CSD           ? 
_citation.pdbx_database_id_DOI      10.1101/301721 
_citation.pdbx_database_id_PubMed   ? 
_citation.unpublished_flag          ? 
# 
loop_
_citation_author.citation_id 
_citation_author.name 
_citation_author.ordinal 
_citation_author.identifier_ORCID 
primary 'Galilee, M.' 1 ? 
primary 'Alian, A.'   2 ? 
# 
loop_
_entity.id 
_entity.type 
_entity.src_method 
_entity.pdbx_description 
_entity.formula_weight 
_entity.pdbx_number_of_molecules 
_entity.pdbx_ec 
_entity.pdbx_mutation 
_entity.pdbx_fragment 
_entity.details 
1 polymer man Integrase           16549.908 1  ? ? ? ? 
2 polymer syn 'Inhibitor Peptide' 2008.016  1  ? ? ? ? 
3 water   nat water               18.015    51 ? ? ? ? 
# 
loop_
_entity_poly.entity_id 
_entity_poly.type 
_entity_poly.nstd_linkage 
_entity_poly.nstd_monomer 
_entity_poly.pdbx_seq_one_letter_code 
_entity_poly.pdbx_seq_one_letter_code_can 
_entity_poly.pdbx_strand_id 
_entity_poly.pdbx_target_identifier 
1 'polypeptide(L)' no no 
;SPGIWQLDCTHLEGKVILVAVHVASGYIEAEVIPAETGQETAYFLLKLAGRWPVKTIHTDNGSNFTGATVRAACDWAGIK
QEFGIPYNPQSQGVVESMNKELKKIIGQVRDQAEHLKTAVQMAVFIHNKKRKGGIGGYSAGERIVDIIATDI
;
;SPGIWQLDCTHLEGKVILVAVHVASGYIEAEVIPAETGQETAYFLLKLAGRWPVKTIHTDNGSNFTGATVRAACDWAGIK
QEFGIPYNPQSQGVVESMNKELKKIIGQVRDQAEHLKTAVQMAVFIHNKKRKGGIGGYSAGERIVDIIATDI
;
A ? 
2 'polypeptide(L)' no no WSYFYDGSYSYYDYE WSYFYDGSYSYYDYE B ? 
# 
_pdbx_entity_nonpoly.entity_id   3 
_pdbx_entity_nonpoly.name        water 
_pdbx_entity_nonpoly.comp_id     HOH 
# 
loop_
_entity_poly_seq.entity_id 
_entity_poly_seq.num 
_entity_poly_seq.mon_id 
_entity_poly_seq.hetero 
1 1   SER n 
1 2   PRO n 
1 3   GLY n 
1 4   ILE n 
1 5   TRP n 
1 6   GLN n 
1 7   LEU n 
1 8   ASP n 
1 9   CYS n 
1 10  THR n 
1 11  HIS n 
1 12  LEU n 
1 13  GLU n 
1 14  GLY n 
1 15  LYS n 
1 16  VAL n 
1 17  ILE n 
1 18  LEU n 
1 19  VAL n 
1 20  ALA n 
1 21  VAL n 
1 22  HIS n 
1 23  VAL n 
1 24  ALA n 
1 25  SER n 
1 26  GLY n 
1 27  TYR n 
1 28  ILE n 
1 29  GLU n 
1 30  ALA n 
1 31  GLU n 
1 32  VAL n 
1 33  ILE n 
1 34  PRO n 
1 35  ALA n 
1 36  GLU n 
1 37  THR n 
1 38  GLY n 
1 39  GLN n 
1 40  GLU n 
1 41  THR n 
1 42  ALA n 
1 43  TYR n 
1 44  PHE n 
1 45  LEU n 
1 46  LEU n 
1 47  LYS n 
1 48  LEU n 
1 49  ALA n 
1 50  GLY n 
1 51  ARG n 
1 52  TRP n 
1 53  PRO n 
1 54  VAL n 
1 55  LYS n 
1 56  THR n 
1 57  ILE n 
1 58  HIS n 
1 59  THR n 
1 60  ASP n 
1 61  ASN n 
1 62  GLY n 
1 63  SER n 
1 64  ASN n 
1 65  PHE n 
1 66  THR n 
1 67  GLY n 
1 68  ALA n 
1 69  THR n 
1 70  VAL n 
1 71  ARG n 
1 72  ALA n 
1 73  ALA n 
1 74  CYS n 
1 75  ASP n 
1 76  TRP n 
1 77  ALA n 
1 78  GLY n 
1 79  ILE n 
1 80  LYS n 
1 81  GLN n 
1 82  GLU n 
1 83  PHE n 
1 84  GLY n 
1 85  ILE n 
1 86  PRO n 
1 87  TYR n 
1 88  ASN n 
1 89  PRO n 
1 90  GLN n 
1 91  SER n 
1 92  GLN n 
1 93  GLY n 
1 94  VAL n 
1 95  VAL n 
1 96  GLU n 
1 97  SER n 
1 98  MET n 
1 99  ASN n 
1 100 LYS n 
1 101 GLU n 
1 102 LEU n 
1 103 LYS n 
1 104 LYS n 
1 105 ILE n 
1 106 ILE n 
1 107 GLY n 
1 108 GLN n 
1 109 VAL n 
1 110 ARG n 
1 111 ASP n 
1 112 GLN n 
1 113 ALA n 
1 114 GLU n 
1 115 HIS n 
1 116 LEU n 
1 117 LYS n 
1 118 THR n 
1 119 ALA n 
1 120 VAL n 
1 121 GLN n 
1 122 MET n 
1 123 ALA n 
1 124 VAL n 
1 125 PHE n 
1 126 ILE n 
1 127 HIS n 
1 128 ASN n 
1 129 LYS n 
1 130 LYS n 
1 131 ARG n 
1 132 LYS n 
1 133 GLY n 
1 134 GLY n 
1 135 ILE n 
1 136 GLY n 
1 137 GLY n 
1 138 TYR n 
1 139 SER n 
1 140 ALA n 
1 141 GLY n 
1 142 GLU n 
1 143 ARG n 
1 144 ILE n 
1 145 VAL n 
1 146 ASP n 
1 147 ILE n 
1 148 ILE n 
1 149 ALA n 
1 150 THR n 
1 151 ASP n 
1 152 ILE n 
2 1   TRP n 
2 2   SER n 
2 3   TYR n 
2 4   PHE n 
2 5   TYR n 
2 6   ASP n 
2 7   GLY n 
2 8   SER n 
2 9   TYR n 
2 10  SER n 
2 11  TYR n 
2 12  TYR n 
2 13  ASP n 
2 14  TYR n 
2 15  GLU n 
# 
_entity_src_gen.entity_id                          1 
_entity_src_gen.pdbx_src_id                        1 
_entity_src_gen.pdbx_alt_source_flag               sample 
_entity_src_gen.pdbx_seq_type                      'Biological sequence' 
_entity_src_gen.pdbx_beg_seq_num                   1 
_entity_src_gen.pdbx_end_seq_num                   152 
_entity_src_gen.gene_src_common_name               ? 
_entity_src_gen.gene_src_genus                     ? 
_entity_src_gen.pdbx_gene_src_gene                 pol 
_entity_src_gen.gene_src_species                   ? 
_entity_src_gen.gene_src_strain                    ? 
_entity_src_gen.gene_src_tissue                    ? 
_entity_src_gen.gene_src_tissue_fraction           ? 
_entity_src_gen.gene_src_details                   ? 
_entity_src_gen.pdbx_gene_src_fragment             ? 
_entity_src_gen.pdbx_gene_src_scientific_name      'Human immunodeficiency virus 1' 
_entity_src_gen.pdbx_gene_src_ncbi_taxonomy_id     11676 
_entity_src_gen.pdbx_gene_src_variant              ? 
_entity_src_gen.pdbx_gene_src_cell_line            ? 
_entity_src_gen.pdbx_gene_src_atcc                 ? 
_entity_src_gen.pdbx_gene_src_organ                ? 
_entity_src_gen.pdbx_gene_src_organelle            ? 
_entity_src_gen.pdbx_gene_src_cell                 ? 
_entity_src_gen.pdbx_gene_src_cellular_location    ? 
_entity_src_gen.host_org_common_name               ? 
_entity_src_gen.pdbx_host_org_scientific_name      'Escherichia coli BL21(DE3)' 
_entity_src_gen.pdbx_host_org_ncbi_taxonomy_id     469008 
_entity_src_gen.host_org_genus                     ? 
_entity_src_gen.pdbx_host_org_gene                 ? 
_entity_src_gen.pdbx_host_org_organ                ? 
_entity_src_gen.host_org_species                   ? 
_entity_src_gen.pdbx_host_org_tissue               ? 
_entity_src_gen.pdbx_host_org_tissue_fraction      ? 
_entity_src_gen.pdbx_host_org_strain               ? 
_entity_src_gen.pdbx_host_org_variant              ? 
_entity_src_gen.pdbx_host_org_cell_line            ? 
_entity_src_gen.pdbx_host_org_atcc                 ? 
_entity_src_gen.pdbx_host_org_culture_collection   ? 
_entity_src_gen.pdbx_host_org_cell                 ? 
_entity_src_gen.pdbx_host_org_organelle            ? 
_entity_src_gen.pdbx_host_org_cellular_location    ? 
_entity_src_gen.pdbx_host_org_vector_type          ? 
_entity_src_gen.pdbx_host_org_vector               ? 
_entity_src_gen.host_org_details                   ? 
_entity_src_gen.expression_system_id               ? 
_entity_src_gen.plasmid_name                       ? 
_entity_src_gen.plasmid_details                    ? 
_entity_src_gen.pdbx_description                   ? 
# 
_pdbx_entity_src_syn.entity_id              2 
_pdbx_entity_src_syn.pdbx_src_id            1 
_pdbx_entity_src_syn.pdbx_alt_source_flag   sample 
_pdbx_entity_src_syn.pdbx_beg_seq_num       ? 
_pdbx_entity_src_syn.pdbx_end_seq_num       ? 
_pdbx_entity_src_syn.organism_scientific    'synthetic construct' 
_pdbx_entity_src_syn.organism_common_name   ? 
_pdbx_entity_src_syn.ncbi_taxonomy_id       32630 
_pdbx_entity_src_syn.details                ? 
# 
loop_
_chem_comp.id 
_chem_comp.type 
_chem_comp.mon_nstd_flag 
_chem_comp.name 
_chem_comp.pdbx_synonyms 
_chem_comp.formula 
_chem_comp.formula_weight 
ALA 'L-peptide linking' y ALANINE         ? 'C3 H7 N O2'     89.093  
ARG 'L-peptide linking' y ARGININE        ? 'C6 H15 N4 O2 1' 175.209 
ASN 'L-peptide linking' y ASPARAGINE      ? 'C4 H8 N2 O3'    132.118 
ASP 'L-peptide linking' y 'ASPARTIC ACID' ? 'C4 H7 N O4'     133.103 
CYS 'L-peptide linking' y CYSTEINE        ? 'C3 H7 N O2 S'   121.158 
GLN 'L-peptide linking' y GLUTAMINE       ? 'C5 H10 N2 O3'   146.144 
GLU 'L-peptide linking' y 'GLUTAMIC ACID' ? 'C5 H9 N O4'     147.129 
GLY 'peptide linking'   y GLYCINE         ? 'C2 H5 N O2'     75.067  
HIS 'L-peptide linking' y HISTIDINE       ? 'C6 H10 N3 O2 1' 156.162 
HOH non-polymer         . WATER           ? 'H2 O'           18.015  
ILE 'L-peptide linking' y ISOLEUCINE      ? 'C6 H13 N O2'    131.173 
LEU 'L-peptide linking' y LEUCINE         ? 'C6 H13 N O2'    131.173 
LYS 'L-peptide linking' y LYSINE          ? 'C6 H15 N2 O2 1' 147.195 
MET 'L-peptide linking' y METHIONINE      ? 'C5 H11 N O2 S'  149.211 
PHE 'L-peptide linking' y PHENYLALANINE   ? 'C9 H11 N O2'    165.189 
PRO 'L-peptide linking' y PROLINE         ? 'C5 H9 N O2'     115.130 
SER 'L-peptide linking' y SERINE          ? 'C3 H7 N O3'     105.093 
THR 'L-peptide linking' y THREONINE       ? 'C4 H9 N O3'     119.119 
TRP 'L-peptide linking' y TRYPTOPHAN      ? 'C11 H12 N2 O2'  204.225 
TYR 'L-peptide linking' y TYROSINE        ? 'C9 H11 N O3'    181.189 
VAL 'L-peptide linking' y VALINE          ? 'C5 H11 N O2'    117.146 
# 
loop_
_pdbx_poly_seq_scheme.asym_id 
_pdbx_poly_seq_scheme.entity_id 
_pdbx_poly_seq_scheme.seq_id 
_pdbx_poly_seq_scheme.mon_id 
_pdbx_poly_seq_scheme.ndb_seq_num 
_pdbx_poly_seq_scheme.pdb_seq_num 
_pdbx_poly_seq_scheme.auth_seq_num 
_pdbx_poly_seq_scheme.pdb_mon_id 
_pdbx_poly_seq_scheme.auth_mon_id 
_pdbx_poly_seq_scheme.pdb_strand_id 
_pdbx_poly_seq_scheme.pdb_ins_code 
_pdbx_poly_seq_scheme.hetero 
A 1 1   SER 1   57  57  SER SER A . n 
A 1 2   PRO 2   58  58  PRO PRO A . n 
A 1 3   GLY 3   59  59  GLY GLY A . n 
A 1 4   ILE 4   60  60  ILE ILE A . n 
A 1 5   TRP 5   61  61  TRP TRP A . n 
A 1 6   GLN 6   62  62  GLN GLN A . n 
A 1 7   LEU 7   63  63  LEU LEU A . n 
A 1 8   ASP 8   64  64  ASP ASP A . n 
A 1 9   CYS 9   65  65  CYS CYS A . n 
A 1 10  THR 10  66  66  THR THR A . n 
A 1 11  HIS 11  67  67  HIS HIS A . n 
A 1 12  LEU 12  68  68  LEU LEU A . n 
A 1 13  GLU 13  69  69  GLU GLU A . n 
A 1 14  GLY 14  70  70  GLY GLY A . n 
A 1 15  LYS 15  71  71  LYS LYS A . n 
A 1 16  VAL 16  72  72  VAL VAL A . n 
A 1 17  ILE 17  73  73  ILE ILE A . n 
A 1 18  LEU 18  74  74  LEU LEU A . n 
A 1 19  VAL 19  75  75  VAL VAL A . n 
A 1 20  ALA 20  76  76  ALA ALA A . n 
A 1 21  VAL 21  77  77  VAL VAL A . n 
A 1 22  HIS 22  78  78  HIS HIS A . n 
A 1 23  VAL 23  79  79  VAL VAL A . n 
A 1 24  ALA 24  80  80  ALA ALA A . n 
A 1 25  SER 25  81  81  SER SER A . n 
A 1 26  GLY 26  82  82  GLY GLY A . n 
A 1 27  TYR 27  83  83  TYR TYR A . n 
A 1 28  ILE 28  84  84  ILE ILE A . n 
A 1 29  GLU 29  85  85  GLU GLU A . n 
A 1 30  ALA 30  86  86  ALA ALA A . n 
A 1 31  GLU 31  87  87  GLU GLU A . n 
A 1 32  VAL 32  88  88  VAL VAL A . n 
A 1 33  ILE 33  89  89  ILE ILE A . n 
A 1 34  PRO 34  90  90  PRO PRO A . n 
A 1 35  ALA 35  91  91  ALA ALA A . n 
A 1 36  GLU 36  92  92  GLU GLU A . n 
A 1 37  THR 37  93  93  THR THR A . n 
A 1 38  GLY 38  94  94  GLY GLY A . n 
A 1 39  GLN 39  95  95  GLN GLN A . n 
A 1 40  GLU 40  96  96  GLU GLU A . n 
A 1 41  THR 41  97  97  THR THR A . n 
A 1 42  ALA 42  98  98  ALA ALA A . n 
A 1 43  TYR 43  99  99  TYR TYR A . n 
A 1 44  PHE 44  100 100 PHE PHE A . n 
A 1 45  LEU 45  101 101 LEU LEU A . n 
A 1 46  LEU 46  102 102 LEU LEU A . n 
A 1 47  LYS 47  103 103 LYS LYS A . n 
A 1 48  LEU 48  104 104 LEU LEU A . n 
A 1 49  ALA 49  105 105 ALA ALA A . n 
A 1 50  GLY 50  106 106 GLY GLY A . n 
A 1 51  ARG 51  107 107 ARG ARG A . n 
A 1 52  TRP 52  108 108 TRP TRP A . n 
A 1 53  PRO 53  109 109 PRO PRO A . n 
A 1 54  VAL 54  110 110 VAL VAL A . n 
A 1 55  LYS 55  111 111 LYS LYS A . n 
A 1 56  THR 56  112 112 THR THR A . n 
A 1 57  ILE 57  113 113 ILE ILE A . n 
A 1 58  HIS 58  114 114 HIS HIS A . n 
A 1 59  THR 59  115 115 THR THR A . n 
A 1 60  ASP 60  116 116 ASP ASP A . n 
A 1 61  ASN 61  117 117 ASN ASN A . n 
A 1 62  GLY 62  118 118 GLY GLY A . n 
A 1 63  SER 63  119 119 SER SER A . n 
A 1 64  ASN 64  120 120 ASN ASN A . n 
A 1 65  PHE 65  121 121 PHE PHE A . n 
A 1 66  THR 66  122 122 THR THR A . n 
A 1 67  GLY 67  123 123 GLY GLY A . n 
A 1 68  ALA 68  124 124 ALA ALA A . n 
A 1 69  THR 69  125 125 THR THR A . n 
A 1 70  VAL 70  126 126 VAL VAL A . n 
A 1 71  ARG 71  127 127 ARG ARG A . n 
A 1 72  ALA 72  128 128 ALA ALA A . n 
A 1 73  ALA 73  129 129 ALA ALA A . n 
A 1 74  CYS 74  130 130 CYS CYS A . n 
A 1 75  ASP 75  131 131 ASP ASP A . n 
A 1 76  TRP 76  132 132 TRP TRP A . n 
A 1 77  ALA 77  133 133 ALA ALA A . n 
A 1 78  GLY 78  134 134 GLY GLY A . n 
A 1 79  ILE 79  135 135 ILE ILE A . n 
A 1 80  LYS 80  136 136 LYS LYS A . n 
A 1 81  GLN 81  137 137 GLN GLN A . n 
A 1 82  GLU 82  138 138 GLU GLU A . n 
A 1 83  PHE 83  139 139 PHE PHE A . n 
A 1 84  GLY 84  140 ?   ?   ?   A . n 
A 1 85  ILE 85  141 ?   ?   ?   A . n 
A 1 86  PRO 86  142 ?   ?   ?   A . n 
A 1 87  TYR 87  143 ?   ?   ?   A . n 
A 1 88  ASN 88  144 ?   ?   ?   A . n 
A 1 89  PRO 89  145 ?   ?   ?   A . n 
A 1 90  GLN 90  146 ?   ?   ?   A . n 
A 1 91  SER 91  147 ?   ?   ?   A . n 
A 1 92  GLN 92  148 148 GLN GLN A . n 
A 1 93  GLY 93  149 149 GLY GLY A . n 
A 1 94  VAL 94  150 150 VAL VAL A . n 
A 1 95  VAL 95  151 151 VAL VAL A . n 
A 1 96  GLU 96  152 152 GLU GLU A . n 
A 1 97  SER 97  153 153 SER SER A . n 
A 1 98  MET 98  154 154 MET MET A . n 
A 1 99  ASN 99  155 155 ASN ASN A . n 
A 1 100 LYS 100 156 156 LYS LYS A . n 
A 1 101 GLU 101 157 157 GLU GLU A . n 
A 1 102 LEU 102 158 158 LEU LEU A . n 
A 1 103 LYS 103 159 159 LYS LYS A . n 
A 1 104 LYS 104 160 160 LYS LYS A . n 
A 1 105 ILE 105 161 161 ILE ILE A . n 
A 1 106 ILE 106 162 162 ILE ILE A . n 
A 1 107 GLY 107 163 163 GLY GLY A . n 
A 1 108 GLN 108 164 164 GLN GLN A . n 
A 1 109 VAL 109 165 165 VAL VAL A . n 
A 1 110 ARG 110 166 166 ARG ARG A . n 
A 1 111 ASP 111 167 167 ASP ASP A . n 
A 1 112 GLN 112 168 168 GLN GLN A . n 
A 1 113 ALA 113 169 169 ALA ALA A . n 
A 1 114 GLU 114 170 170 GLU GLU A . n 
A 1 115 HIS 115 171 171 HIS HIS A . n 
A 1 116 LEU 116 172 172 LEU LEU A . n 
A 1 117 LYS 117 173 173 LYS LYS A . n 
A 1 118 THR 118 174 174 THR THR A . n 
A 1 119 ALA 119 175 175 ALA ALA A . n 
A 1 120 VAL 120 176 176 VAL VAL A . n 
A 1 121 GLN 121 177 177 GLN GLN A . n 
A 1 122 MET 122 178 178 MET MET A . n 
A 1 123 ALA 123 179 179 ALA ALA A . n 
A 1 124 VAL 124 180 180 VAL VAL A . n 
A 1 125 PHE 125 181 181 PHE PHE A . n 
A 1 126 ILE 126 182 182 ILE ILE A . n 
A 1 127 HIS 127 183 183 HIS HIS A . n 
A 1 128 ASN 128 184 184 ASN ASN A . n 
A 1 129 LYS 129 185 185 LYS LYS A . n 
A 1 130 LYS 130 186 186 LYS LYS A . n 
A 1 131 ARG 131 187 187 ARG ARG A . n 
A 1 132 LYS 132 188 188 LYS LYS A . n 
A 1 133 GLY 133 189 ?   ?   ?   A . n 
A 1 134 GLY 134 190 ?   ?   ?   A . n 
A 1 135 ILE 135 191 ?   ?   ?   A . n 
A 1 136 GLY 136 192 ?   ?   ?   A . n 
A 1 137 GLY 137 193 193 GLY GLY A . n 
A 1 138 TYR 138 194 194 TYR TYR A . n 
A 1 139 SER 139 195 195 SER SER A . n 
A 1 140 ALA 140 196 196 ALA ALA A . n 
A 1 141 GLY 141 197 197 GLY GLY A . n 
A 1 142 GLU 142 198 198 GLU GLU A . n 
A 1 143 ARG 143 199 199 ARG ARG A . n 
A 1 144 ILE 144 200 200 ILE ILE A . n 
A 1 145 VAL 145 201 201 VAL VAL A . n 
A 1 146 ASP 146 202 202 ASP ASP A . n 
A 1 147 ILE 147 203 203 ILE ILE A . n 
A 1 148 ILE 148 204 204 ILE ILE A . n 
A 1 149 ALA 149 205 205 ALA ALA A . n 
A 1 150 THR 150 206 206 THR THR A . n 
A 1 151 ASP 151 207 207 ASP ASP A . n 
A 1 152 ILE 152 208 208 ILE ILE A . n 
B 2 1   TRP 1   1   1   TRP TRP B . n 
B 2 2   SER 2   2   2   SER SER B . n 
B 2 3   TYR 3   3   3   TYR TYR B . n 
B 2 4   PHE 4   4   4   PHE PHE B . n 
B 2 5   TYR 5   5   5   TYR TYR B . n 
B 2 6   ASP 6   6   6   ASP ASP B . n 
B 2 7   GLY 7   7   7   GLY GLY B . n 
B 2 8   SER 8   8   8   SER SER B . n 
B 2 9   TYR 9   9   9   TYR TYR B . n 
B 2 10  SER 10  10  10  SER SER B . n 
B 2 11  TYR 11  11  11  TYR TYR B . n 
B 2 12  TYR 12  12  12  TYR TYR B . n 
B 2 13  ASP 13  13  13  ASP ASP B . n 
B 2 14  TYR 14  14  14  TYR TYR B . n 
B 2 15  GLU 15  15  15  GLU GLU B . n 
# 
loop_
_pdbx_nonpoly_scheme.asym_id 
_pdbx_nonpoly_scheme.entity_id 
_pdbx_nonpoly_scheme.mon_id 
_pdbx_nonpoly_scheme.ndb_seq_num 
_pdbx_nonpoly_scheme.pdb_seq_num 
_pdbx_nonpoly_scheme.auth_seq_num 
_pdbx_nonpoly_scheme.pdb_mon_id 
_pdbx_nonpoly_scheme.auth_mon_id 
_pdbx_nonpoly_scheme.pdb_strand_id 
_pdbx_nonpoly_scheme.pdb_ins_code 
C 3 HOH 1  301 6  HOH HOH A . 
C 3 HOH 2  302 38 HOH HOH A . 
C 3 HOH 3  303 34 HOH HOH A . 
C 3 HOH 4  304 26 HOH HOH A . 
C 3 HOH 5  305 14 HOH HOH A . 
C 3 HOH 6  306 27 HOH HOH A . 
C 3 HOH 7  307 9  HOH HOH A . 
C 3 HOH 8  308 22 HOH HOH A . 
C 3 HOH 9  309 37 HOH HOH A . 
C 3 HOH 10 310 7  HOH HOH A . 
C 3 HOH 11 311 29 HOH HOH A . 
C 3 HOH 12 312 19 HOH HOH A . 
C 3 HOH 13 313 39 HOH HOH A . 
C 3 HOH 14 314 41 HOH HOH A . 
C 3 HOH 15 315 12 HOH HOH A . 
C 3 HOH 16 316 2  HOH HOH A . 
C 3 HOH 17 317 17 HOH HOH A . 
C 3 HOH 18 318 1  HOH HOH A . 
C 3 HOH 19 319 13 HOH HOH A . 
C 3 HOH 20 320 48 HOH HOH A . 
C 3 HOH 21 321 31 HOH HOH A . 
C 3 HOH 22 322 25 HOH HOH A . 
C 3 HOH 23 323 30 HOH HOH A . 
C 3 HOH 24 324 16 HOH HOH A . 
C 3 HOH 25 325 28 HOH HOH A . 
C 3 HOH 26 326 24 HOH HOH A . 
C 3 HOH 27 327 8  HOH HOH A . 
C 3 HOH 28 328 45 HOH HOH A . 
C 3 HOH 29 329 11 HOH HOH A . 
C 3 HOH 30 330 23 HOH HOH A . 
C 3 HOH 31 331 18 HOH HOH A . 
C 3 HOH 32 332 10 HOH HOH A . 
C 3 HOH 33 333 32 HOH HOH A . 
C 3 HOH 34 334 15 HOH HOH A . 
C 3 HOH 35 335 5  HOH HOH A . 
C 3 HOH 36 336 46 HOH HOH A . 
C 3 HOH 37 337 35 HOH HOH A . 
C 3 HOH 38 338 4  HOH HOH A . 
C 3 HOH 39 339 40 HOH HOH A . 
C 3 HOH 40 340 42 HOH HOH A . 
C 3 HOH 41 341 36 HOH HOH A . 
D 3 HOH 1  101 21 HOH HOH B . 
D 3 HOH 2  102 49 HOH HOH B . 
D 3 HOH 3  103 50 HOH HOH B . 
D 3 HOH 4  104 20 HOH HOH B . 
D 3 HOH 5  105 3  HOH HOH B . 
D 3 HOH 6  106 43 HOH HOH B . 
D 3 HOH 7  107 44 HOH HOH B . 
D 3 HOH 8  108 47 HOH HOH B . 
D 3 HOH 9  109 33 HOH HOH B . 
D 3 HOH 10 110 51 HOH HOH B . 
# 
loop_
_pdbx_unobs_or_zero_occ_atoms.id 
_pdbx_unobs_or_zero_occ_atoms.PDB_model_num 
_pdbx_unobs_or_zero_occ_atoms.polymer_flag 
_pdbx_unobs_or_zero_occ_atoms.occupancy_flag 
_pdbx_unobs_or_zero_occ_atoms.auth_asym_id 
_pdbx_unobs_or_zero_occ_atoms.auth_comp_id 
_pdbx_unobs_or_zero_occ_atoms.auth_seq_id 
_pdbx_unobs_or_zero_occ_atoms.PDB_ins_code 
_pdbx_unobs_or_zero_occ_atoms.auth_atom_id 
_pdbx_unobs_or_zero_occ_atoms.label_alt_id 
_pdbx_unobs_or_zero_occ_atoms.label_asym_id 
_pdbx_unobs_or_zero_occ_atoms.label_comp_id 
_pdbx_unobs_or_zero_occ_atoms.label_seq_id 
_pdbx_unobs_or_zero_occ_atoms.label_atom_id 
1  1 Y 1 A GLN 95  ? CG  ? A GLN 39  CG  
2  1 Y 1 A GLN 95  ? CD  ? A GLN 39  CD  
3  1 Y 1 A GLN 95  ? OE1 ? A GLN 39  OE1 
4  1 Y 1 A GLN 95  ? NE2 ? A GLN 39  NE2 
5  1 Y 1 A ARG 127 ? CG  ? A ARG 71  CG  
6  1 Y 1 A ARG 127 ? CD  ? A ARG 71  CD  
7  1 Y 1 A ARG 127 ? NE  ? A ARG 71  NE  
8  1 Y 1 A ARG 127 ? CZ  ? A ARG 71  CZ  
9  1 Y 1 A ARG 127 ? NH1 ? A ARG 71  NH1 
10 1 Y 1 A ARG 127 ? NH2 ? A ARG 71  NH2 
11 1 Y 1 A ASP 131 ? CG  ? A ASP 75  CG  
12 1 Y 1 A ASP 131 ? OD1 ? A ASP 75  OD1 
13 1 Y 1 A ASP 131 ? OD2 ? A ASP 75  OD2 
14 1 Y 1 A LYS 136 ? CG  ? A LYS 80  CG  
15 1 Y 1 A LYS 136 ? CD  ? A LYS 80  CD  
16 1 Y 1 A LYS 136 ? CE  ? A LYS 80  CE  
17 1 Y 1 A LYS 136 ? NZ  ? A LYS 80  NZ  
18 1 Y 1 A GLN 148 ? CG  ? A GLN 92  CG  
19 1 Y 1 A GLN 148 ? CD  ? A GLN 92  CD  
20 1 Y 1 A GLN 148 ? OE1 ? A GLN 92  OE1 
21 1 Y 1 A GLN 148 ? NE2 ? A GLN 92  NE2 
22 1 Y 1 A VAL 151 ? CG1 ? A VAL 95  CG1 
23 1 Y 1 A VAL 151 ? CG2 ? A VAL 95  CG2 
24 1 Y 1 A GLU 152 ? CG  ? A GLU 96  CG  
25 1 Y 1 A GLU 152 ? CD  ? A GLU 96  CD  
26 1 Y 1 A GLU 152 ? OE1 ? A GLU 96  OE1 
27 1 Y 1 A GLU 152 ? OE2 ? A GLU 96  OE2 
28 1 Y 1 A LYS 156 ? CG  ? A LYS 100 CG  
29 1 Y 1 A LYS 156 ? CD  ? A LYS 100 CD  
30 1 Y 1 A LYS 156 ? CE  ? A LYS 100 CE  
31 1 Y 1 A LYS 156 ? NZ  ? A LYS 100 NZ  
32 1 Y 1 A LYS 160 ? CG  ? A LYS 104 CG  
33 1 Y 1 A LYS 160 ? CD  ? A LYS 104 CD  
34 1 Y 1 A LYS 160 ? CE  ? A LYS 104 CE  
35 1 Y 1 A LYS 160 ? NZ  ? A LYS 104 NZ  
36 1 Y 1 A LYS 186 ? CG  ? A LYS 130 CG  
37 1 Y 1 A LYS 186 ? CD  ? A LYS 130 CD  
38 1 Y 1 A LYS 186 ? CE  ? A LYS 130 CE  
39 1 Y 1 A LYS 186 ? NZ  ? A LYS 130 NZ  
40 1 Y 1 A LYS 188 ? CG  ? A LYS 132 CG  
41 1 Y 1 A LYS 188 ? CD  ? A LYS 132 CD  
42 1 Y 1 A LYS 188 ? CE  ? A LYS 132 CE  
43 1 Y 1 A LYS 188 ? NZ  ? A LYS 132 NZ  
44 1 Y 1 B TYR 5   ? CG  ? B TYR 5   CG  
45 1 Y 1 B TYR 5   ? CD1 ? B TYR 5   CD1 
46 1 Y 1 B TYR 5   ? CD2 ? B TYR 5   CD2 
47 1 Y 1 B TYR 5   ? CE1 ? B TYR 5   CE1 
48 1 Y 1 B TYR 5   ? CE2 ? B TYR 5   CE2 
49 1 Y 1 B TYR 5   ? CZ  ? B TYR 5   CZ  
50 1 Y 1 B TYR 5   ? OH  ? B TYR 5   OH  
# 
loop_
_software.citation_id 
_software.classification 
_software.compiler_name 
_software.compiler_version 
_software.contact_author 
_software.contact_author_email 
_software.date 
_software.description 
_software.dependencies 
_software.hardware 
_software.language 
_software.location 
_software.mods 
_software.name 
_software.os 
_software.os_version 
_software.type 
_software.version 
_software.pdbx_ordinal 
? refinement       ? ? ? ? ? ? ? ? ? ? ? PHENIX  ? ? ? '(1.11.1_2575: ???)' 1 
? 'data reduction' ? ? ? ? ? ? ? ? ? ? ? MOSFLM  ? ? ? .                    2 
? 'data scaling'   ? ? ? ? ? ? ? ? ? ? ? Aimless ? ? ? .                    3 
? phasing          ? ? ? ? ? ? ? ? ? ? ? REFMAC  ? ? ? .                    4 
# 
_cell.entry_id           6EX9 
_cell.length_a           96.519 
_cell.length_b           96.519 
_cell.length_c           48.489 
_cell.angle_alpha        90.00 
_cell.angle_beta         90.00 
_cell.angle_gamma        90.00 
_cell.Z_PDB              8 
_cell.pdbx_unique_axis   ? 
# 
_symmetry.entry_id                         6EX9 
_symmetry.space_group_name_H-M             'P 41 21 2' 
_symmetry.pdbx_full_space_group_name_H-M   ? 
_symmetry.cell_setting                     ? 
_symmetry.Int_Tables_number                92 
# 
_exptl.absorpt_coefficient_mu     ? 
_exptl.absorpt_correction_T_max   ? 
_exptl.absorpt_correction_T_min   ? 
_exptl.absorpt_correction_type    ? 
_exptl.absorpt_process_details    ? 
_exptl.entry_id                   6EX9 
_exptl.crystals_number            1 
_exptl.details                    ? 
_exptl.method                     'X-RAY DIFFRACTION' 
_exptl.method_details             ? 
# 
_exptl_crystal.colour                      ? 
_exptl_crystal.density_diffrn              ? 
_exptl_crystal.density_Matthews            3.04 
_exptl_crystal.density_method              ? 
_exptl_crystal.density_percent_sol         59.61 
_exptl_crystal.description                 ? 
_exptl_crystal.F_000                       ? 
_exptl_crystal.id                          1 
_exptl_crystal.preparation                 ? 
_exptl_crystal.size_max                    ? 
_exptl_crystal.size_mid                    ? 
_exptl_crystal.size_min                    ? 
_exptl_crystal.size_rad                    ? 
_exptl_crystal.colour_lustre               ? 
_exptl_crystal.colour_modifier             ? 
_exptl_crystal.colour_primary              ? 
_exptl_crystal.density_meas                ? 
_exptl_crystal.density_meas_esd            ? 
_exptl_crystal.density_meas_gt             ? 
_exptl_crystal.density_meas_lt             ? 
_exptl_crystal.density_meas_temp           ? 
_exptl_crystal.density_meas_temp_esd       ? 
_exptl_crystal.density_meas_temp_gt        ? 
_exptl_crystal.density_meas_temp_lt        ? 
_exptl_crystal.pdbx_crystal_image_url      ? 
_exptl_crystal.pdbx_crystal_image_format   ? 
_exptl_crystal.pdbx_mosaicity              ? 
_exptl_crystal.pdbx_mosaicity_esd          ? 
# 
_exptl_crystal_grow.apparatus       ? 
_exptl_crystal_grow.atmosphere      ? 
_exptl_crystal_grow.crystal_id      1 
_exptl_crystal_grow.details         ? 
_exptl_crystal_grow.method          'VAPOR DIFFUSION' 
_exptl_crystal_grow.method_ref      ? 
_exptl_crystal_grow.pH              ? 
_exptl_crystal_grow.pressure        ? 
_exptl_crystal_grow.pressure_esd    ? 
_exptl_crystal_grow.seeding         ? 
_exptl_crystal_grow.seeding_ref     ? 
_exptl_crystal_grow.temp            293 
_exptl_crystal_grow.temp_details    ? 
_exptl_crystal_grow.temp_esd        ? 
_exptl_crystal_grow.time            ? 
_exptl_crystal_grow.pdbx_details    '0.1 M Succinic acid, 15 % w/v PEG 3350' 
_exptl_crystal_grow.pdbx_pH_range   ? 
# 
_diffrn.ambient_environment    ? 
_diffrn.ambient_temp           100 
_diffrn.ambient_temp_details   ? 
_diffrn.ambient_temp_esd       ? 
_diffrn.crystal_id             1 
_diffrn.crystal_support        ? 
_diffrn.crystal_treatment      ? 
_diffrn.details                ? 
_diffrn.id                     1 
_diffrn.ambient_pressure       ? 
_diffrn.ambient_pressure_esd   ? 
_diffrn.ambient_pressure_gt    ? 
_diffrn.ambient_pressure_lt    ? 
_diffrn.ambient_temp_gt        ? 
_diffrn.ambient_temp_lt        ? 
# 
_diffrn_detector.details                      ? 
_diffrn_detector.detector                     CCD 
_diffrn_detector.diffrn_id                    1 
_diffrn_detector.type                         'ADSC QUANTUM 315r' 
_diffrn_detector.area_resol_mean              ? 
_diffrn_detector.dtime                        ? 
_diffrn_detector.pdbx_frames_total            ? 
_diffrn_detector.pdbx_collection_time_total   ? 
_diffrn_detector.pdbx_collection_date         2016-02-20 
# 
_diffrn_radiation.collimation                      ? 
_diffrn_radiation.diffrn_id                        1 
_diffrn_radiation.filter_edge                      ? 
_diffrn_radiation.inhomogeneity                    ? 
_diffrn_radiation.monochromator                    ? 
_diffrn_radiation.polarisn_norm                    ? 
_diffrn_radiation.polarisn_ratio                   ? 
_diffrn_radiation.probe                            ? 
_diffrn_radiation.type                             ? 
_diffrn_radiation.xray_symbol                      ? 
_diffrn_radiation.wavelength_id                    1 
_diffrn_radiation.pdbx_monochromatic_or_laue_m_l   M 
_diffrn_radiation.pdbx_wavelength_list             ? 
_diffrn_radiation.pdbx_wavelength                  ? 
_diffrn_radiation.pdbx_diffrn_protocol             'SINGLE WAVELENGTH' 
_diffrn_radiation.pdbx_analyzer                    ? 
_diffrn_radiation.pdbx_scattering_type             x-ray 
# 
_diffrn_radiation_wavelength.id           1 
_diffrn_radiation_wavelength.wavelength   0.97933 
_diffrn_radiation_wavelength.wt           1.0 
# 
_diffrn_source.current                     ? 
_diffrn_source.details                     ? 
_diffrn_source.diffrn_id                   1 
_diffrn_source.power                       ? 
_diffrn_source.size                        ? 
_diffrn_source.source                      SYNCHROTRON 
_diffrn_source.target                      ? 
_diffrn_source.type                        'ESRF BEAMLINE ID23-1' 
_diffrn_source.voltage                     ? 
_diffrn_source.take-off_angle              ? 
_diffrn_source.pdbx_wavelength_list        0.97933 
_diffrn_source.pdbx_wavelength             ? 
_diffrn_source.pdbx_synchrotron_beamline   ID23-1 
_diffrn_source.pdbx_synchrotron_site       ESRF 
# 
_reflns.B_iso_Wilson_estimate            ? 
_reflns.entry_id                         6EX9 
_reflns.data_reduction_details           ? 
_reflns.data_reduction_method            ? 
_reflns.d_resolution_high                2.014 
_reflns.d_resolution_low                 68.26 
_reflns.details                          ? 
_reflns.limit_h_max                      ? 
_reflns.limit_h_min                      ? 
_reflns.limit_k_max                      ? 
_reflns.limit_k_min                      ? 
_reflns.limit_l_max                      ? 
_reflns.limit_l_min                      ? 
_reflns.number_all                       ? 
_reflns.number_obs                       15682 
_reflns.observed_criterion               ? 
_reflns.observed_criterion_F_max         ? 
_reflns.observed_criterion_F_min         ? 
_reflns.observed_criterion_I_max         ? 
_reflns.observed_criterion_I_min         ? 
_reflns.observed_criterion_sigma_F       ? 
_reflns.observed_criterion_sigma_I       ? 
_reflns.percent_possible_obs             99.97 
_reflns.R_free_details                   ? 
_reflns.Rmerge_F_all                     ? 
_reflns.Rmerge_F_obs                     ? 
_reflns.Friedel_coverage                 ? 
_reflns.number_gt                        ? 
_reflns.threshold_expression             ? 
_reflns.pdbx_redundancy                  9.7 
_reflns.pdbx_Rmerge_I_obs                0.061 
_reflns.pdbx_Rmerge_I_all                ? 
_reflns.pdbx_Rsym_value                  ? 
_reflns.pdbx_netI_over_av_sigmaI         ? 
_reflns.pdbx_netI_over_sigmaI            17.9 
_reflns.pdbx_res_netI_over_av_sigmaI_2   ? 
_reflns.pdbx_res_netI_over_sigmaI_2      ? 
_reflns.pdbx_chi_squared                 ? 
_reflns.pdbx_scaling_rejects             ? 
_reflns.pdbx_d_res_high_opt              ? 
_reflns.pdbx_d_res_low_opt               ? 
_reflns.pdbx_d_res_opt_method            ? 
_reflns.phase_calculation_details        ? 
_reflns.pdbx_Rrim_I_all                  0.067 
_reflns.pdbx_Rpim_I_all                  0.029 
_reflns.pdbx_d_opt                       ? 
_reflns.pdbx_number_measured_all         ? 
_reflns.pdbx_diffrn_id                   1 
_reflns.pdbx_ordinal                     1 
_reflns.pdbx_CC_half                     0.996 
_reflns.pdbx_R_split                     ? 
# 
_reflns_shell.d_res_high                  2.014 
_reflns_shell.d_res_low                   2.086 
_reflns_shell.meanI_over_sigI_all         ? 
_reflns_shell.meanI_over_sigI_obs         2.6 
_reflns_shell.number_measured_all         ? 
_reflns_shell.number_measured_obs         ? 
_reflns_shell.number_possible             ? 
_reflns_shell.number_unique_all           ? 
_reflns_shell.number_unique_obs           1524 
_reflns_shell.percent_possible_all        99.93 
_reflns_shell.percent_possible_obs        ? 
_reflns_shell.Rmerge_F_all                ? 
_reflns_shell.Rmerge_F_obs                ? 
_reflns_shell.Rmerge_I_all                ? 
_reflns_shell.Rmerge_I_obs                0.885 
_reflns_shell.meanI_over_sigI_gt          ? 
_reflns_shell.meanI_over_uI_all           ? 
_reflns_shell.meanI_over_uI_gt            ? 
_reflns_shell.number_measured_gt          ? 
_reflns_shell.number_unique_gt            ? 
_reflns_shell.percent_possible_gt         ? 
_reflns_shell.Rmerge_F_gt                 ? 
_reflns_shell.Rmerge_I_gt                 ? 
_reflns_shell.pdbx_redundancy             ? 
_reflns_shell.pdbx_Rsym_value             ? 
_reflns_shell.pdbx_chi_squared            ? 
_reflns_shell.pdbx_netI_over_sigmaI_all   ? 
_reflns_shell.pdbx_netI_over_sigmaI_obs   ? 
_reflns_shell.pdbx_Rrim_I_all             ? 
_reflns_shell.pdbx_Rpim_I_all             ? 
_reflns_shell.pdbx_rejects                ? 
_reflns_shell.pdbx_ordinal                1 
_reflns_shell.pdbx_diffrn_id              1 
_reflns_shell.pdbx_CC_half                ? 
_reflns_shell.pdbx_R_split                ? 
# 
_refine.pdbx_refine_id                           'X-RAY DIFFRACTION' 
_refine.entry_id                                 6EX9 
_refine.pdbx_diffrn_id                           1 
_refine.pdbx_TLS_residual_ADP_flag               ? 
_refine.ls_number_reflns_obs                     15679 
_refine.ls_number_reflns_all                     ? 
_refine.pdbx_ls_sigma_I                          ? 
_refine.pdbx_ls_sigma_F                          1.35 
_refine.pdbx_data_cutoff_high_absF               ? 
_refine.pdbx_data_cutoff_low_absF                ? 
_refine.pdbx_data_cutoff_high_rms_absF           ? 
_refine.ls_d_res_low                             68.249 
_refine.ls_d_res_high                            2.014 
_refine.ls_percent_reflns_obs                    99.97 
_refine.ls_R_factor_obs                          0.2284 
_refine.ls_R_factor_all                          ? 
_refine.ls_R_factor_R_work                       0.2256 
_refine.ls_R_factor_R_free                       0.2793 
_refine.ls_R_factor_R_free_error                 ? 
_refine.ls_R_factor_R_free_error_details         ? 
_refine.ls_percent_reflns_R_free                 5.17 
_refine.ls_number_reflns_R_free                  810 
_refine.ls_number_parameters                     ? 
_refine.ls_number_restraints                     ? 
_refine.occupancy_min                            ? 
_refine.occupancy_max                            ? 
_refine.correlation_coeff_Fo_to_Fc               ? 
_refine.correlation_coeff_Fo_to_Fc_free          ? 
_refine.B_iso_mean                               ? 
_refine.aniso_B[1][1]                            ? 
_refine.aniso_B[2][2]                            ? 
_refine.aniso_B[3][3]                            ? 
_refine.aniso_B[1][2]                            ? 
_refine.aniso_B[1][3]                            ? 
_refine.aniso_B[2][3]                            ? 
_refine.solvent_model_details                    'FLAT BULK SOLVENT MODEL' 
_refine.solvent_model_param_ksol                 ? 
_refine.solvent_model_param_bsol                 ? 
_refine.pdbx_solvent_vdw_probe_radii             1.11 
_refine.pdbx_solvent_ion_probe_radii             ? 
_refine.pdbx_solvent_shrinkage_radii             0.90 
_refine.pdbx_ls_cross_valid_method               THROUGHOUT 
_refine.details                                  ? 
_refine.pdbx_starting_model                      1BIS 
_refine.pdbx_method_to_determine_struct          'MOLECULAR REPLACEMENT' 
_refine.pdbx_isotropic_thermal_model             ? 
_refine.pdbx_stereochemistry_target_values       ML 
_refine.pdbx_stereochem_target_val_spec_case     ? 
_refine.pdbx_R_Free_selection_details            RANDOM 
_refine.pdbx_overall_ESU_R                       ? 
_refine.pdbx_overall_ESU_R_Free                  ? 
_refine.overall_SU_ML                            0.33 
_refine.pdbx_overall_phase_error                 31.66 
_refine.overall_SU_B                             ? 
_refine.overall_SU_R_Cruickshank_DPI             ? 
_refine.pdbx_overall_SU_R_free_Cruickshank_DPI   ? 
_refine.pdbx_overall_SU_R_Blow_DPI               ? 
_refine.pdbx_overall_SU_R_free_Blow_DPI          ? 
# 
_refine_hist.pdbx_refine_id                   'X-RAY DIFFRACTION' 
_refine_hist.cycle_id                         LAST 
_refine_hist.pdbx_number_atoms_protein        1177 
_refine_hist.pdbx_number_atoms_nucleic_acid   0 
_refine_hist.pdbx_number_atoms_ligand         0 
_refine_hist.number_atoms_solvent             51 
_refine_hist.number_atoms_total               1228 
_refine_hist.d_res_high                       2.014 
_refine_hist.d_res_low                        68.249 
# 
loop_
_refine_ls_restr.type 
_refine_ls_restr.dev_ideal 
_refine_ls_restr.dev_ideal_target 
_refine_ls_restr.weight 
_refine_ls_restr.number 
_refine_ls_restr.pdbx_refine_id 
_refine_ls_restr.pdbx_restraint_function 
f_bond_d           0.007 ? ? 1201 'X-RAY DIFFRACTION' ? 
f_angle_d          0.841 ? ? 1631 'X-RAY DIFFRACTION' ? 
f_dihedral_angle_d 3.040 ? ? 686  'X-RAY DIFFRACTION' ? 
f_chiral_restr     0.052 ? ? 183  'X-RAY DIFFRACTION' ? 
f_plane_restr      0.006 ? ? 206  'X-RAY DIFFRACTION' ? 
# 
loop_
_refine_ls_shell.pdbx_refine_id 
_refine_ls_shell.pdbx_total_number_of_bins_used 
_refine_ls_shell.d_res_high 
_refine_ls_shell.d_res_low 
_refine_ls_shell.number_reflns_R_work 
_refine_ls_shell.R_factor_R_work 
_refine_ls_shell.percent_reflns_obs 
_refine_ls_shell.R_factor_R_free 
_refine_ls_shell.R_factor_R_free_error 
_refine_ls_shell.percent_reflns_R_free 
_refine_ls_shell.number_reflns_R_free 
_refine_ls_shell.number_reflns_all 
_refine_ls_shell.R_factor_all 
_refine_ls_shell.R_factor_obs 
_refine_ls_shell.number_reflns_obs 
'X-RAY DIFFRACTION' . 2.0140 2.1402  2431 0.3422 100.00 0.3686 . . 120 . . . . 
'X-RAY DIFFRACTION' . 2.1402 2.3054  2443 0.2930 100.00 0.3364 . . 123 . . . . 
'X-RAY DIFFRACTION' . 2.3054 2.5374  2420 0.2623 100.00 0.2956 . . 153 . . . . 
'X-RAY DIFFRACTION' . 2.5374 2.9046  2465 0.2549 100.00 0.3252 . . 124 . . . . 
'X-RAY DIFFRACTION' . 2.9046 3.6595  2481 0.2338 100.00 0.2776 . . 136 . . . . 
'X-RAY DIFFRACTION' . 3.6595 68.2883 2629 0.1890 100.00 0.2544 . . 154 . . . . 
# 
_struct.entry_id                     6EX9 
_struct.title                        'Crystal Structure of HIV-1 Integrase Catalytic Core Domain with Inhibitor Peptide' 
_struct.pdbx_model_details           ? 
_struct.pdbx_formula_weight          ? 
_struct.pdbx_formula_weight_method   ? 
_struct.pdbx_model_type_details      ? 
_struct.pdbx_CASP_flag               N 
# 
_struct_keywords.entry_id        6EX9 
_struct_keywords.text            'HIV-1, Integrase, Retroviruses, Catalytic core, VIRAL PROTEIN' 
_struct_keywords.pdbx_keywords   'VIRAL PROTEIN' 
# 
loop_
_struct_asym.id 
_struct_asym.pdbx_blank_PDB_chainid_flag 
_struct_asym.pdbx_modified 
_struct_asym.entity_id 
_struct_asym.details 
A N N 1 ? 
B N N 2 ? 
C N N 3 ? 
D N N 3 ? 
# 
loop_
_struct_ref.id 
_struct_ref.db_name 
_struct_ref.db_code 
_struct_ref.pdbx_db_accession 
_struct_ref.pdbx_db_isoform 
_struct_ref.entity_id 
_struct_ref.pdbx_seq_one_letter_code 
_struct_ref.pdbx_align_begin 
1 UNP A0A0U5B5J2_9HIV1 A0A0U5B5J2 ? 1 
;SPGIWQLDCTHLEGKVILVAVHVASGYIEAEVIPAETGQETAYFLLKLAGRWPVKTIHTDNGSNFTGATVRAACWWAGIK
QEFGIPYNPQSQGVVESMNKELKKIIGQVRDQAEHLKTAVQMAVFIHNFKRKGGIGGYSAGERIVDIIATDI
;
57 
2 PDB 6EX9             6EX9       ? 2 ? 1  
# 
loop_
_struct_ref_seq.align_id 
_struct_ref_seq.ref_id 
_struct_ref_seq.pdbx_PDB_id_code 
_struct_ref_seq.pdbx_strand_id 
_struct_ref_seq.seq_align_beg 
_struct_ref_seq.pdbx_seq_align_beg_ins_code 
_struct_ref_seq.seq_align_end 
_struct_ref_seq.pdbx_seq_align_end_ins_code 
_struct_ref_seq.pdbx_db_accession 
_struct_ref_seq.db_align_beg 
_struct_ref_seq.pdbx_db_align_beg_ins_code 
_struct_ref_seq.db_align_end 
_struct_ref_seq.pdbx_db_align_end_ins_code 
_struct_ref_seq.pdbx_auth_seq_align_beg 
_struct_ref_seq.pdbx_auth_seq_align_end 
1 1 6EX9 A 1 ? 152 ? A0A0U5B5J2 57 ? 208 ? 57 208 
2 2 6EX9 B 1 ? 15  ? 6EX9       1  ? 15  ? 1  15  
# 
loop_
_struct_ref_seq_dif.align_id 
_struct_ref_seq_dif.pdbx_pdb_id_code 
_struct_ref_seq_dif.mon_id 
_struct_ref_seq_dif.pdbx_pdb_strand_id 
_struct_ref_seq_dif.seq_num 
_struct_ref_seq_dif.pdbx_pdb_ins_code 
_struct_ref_seq_dif.pdbx_seq_db_name 
_struct_ref_seq_dif.pdbx_seq_db_accession_code 
_struct_ref_seq_dif.db_mon_id 
_struct_ref_seq_dif.pdbx_seq_db_seq_num 
_struct_ref_seq_dif.details 
_struct_ref_seq_dif.pdbx_auth_seq_num 
_struct_ref_seq_dif.pdbx_ordinal 
1 6EX9 ASP A 75  ? UNP A0A0U5B5J2 TRP 131 conflict 131 1 
1 6EX9 LYS A 129 ? UNP A0A0U5B5J2 PHE 185 conflict 185 2 
# 
_pdbx_struct_assembly.id                   1 
_pdbx_struct_assembly.details              author_defined_assembly 
_pdbx_struct_assembly.method_details       ? 
_pdbx_struct_assembly.oligomeric_details   tetrameric 
_pdbx_struct_assembly.oligomeric_count     4 
# 
loop_
_pdbx_struct_assembly_gen.assembly_id 
_pdbx_struct_assembly_gen.oper_expression 
_pdbx_struct_assembly_gen.asym_id_list 
1 1 A,B,C,D 
1 2 A,B,C,D 
# 
_pdbx_struct_assembly_auth_evidence.id                     1 
_pdbx_struct_assembly_auth_evidence.assembly_id            1 
_pdbx_struct_assembly_auth_evidence.experimental_support   'gel filtration' 
_pdbx_struct_assembly_auth_evidence.details                ? 
# 
loop_
_pdbx_struct_oper_list.id 
_pdbx_struct_oper_list.type 
_pdbx_struct_oper_list.name 
_pdbx_struct_oper_list.symmetry_operation 
_pdbx_struct_oper_list.matrix[1][1] 
_pdbx_struct_oper_list.matrix[1][2] 
_pdbx_struct_oper_list.matrix[1][3] 
_pdbx_struct_oper_list.vector[1] 
_pdbx_struct_oper_list.matrix[2][1] 
_pdbx_struct_oper_list.matrix[2][2] 
_pdbx_struct_oper_list.matrix[2][3] 
_pdbx_struct_oper_list.vector[2] 
_pdbx_struct_oper_list.matrix[3][1] 
_pdbx_struct_oper_list.matrix[3][2] 
_pdbx_struct_oper_list.matrix[3][3] 
_pdbx_struct_oper_list.vector[3] 
1 'identity operation'         1_555 x,y,z  1.0000000000  0.0000000000  0.0000000000 0.0000000000   0.0000000000  1.0000000000  0.0000000000  0.0000000000  0.0000000000 0.0000000000  1.0000000000 0.0000000000 
2 'crystal symmetry operation' 7_555 y,x,-z -0.9472329401 -0.0554531442 0.3157130120 -13.7070380285 -0.0554531442 -0.9417240375 -0.3317842462 15.8961573577 0.3157130120 -0.3317842462 0.8889569776 5.0830087514 
# 
loop_
_struct_conf.conf_type_id 
_struct_conf.id 
_struct_conf.pdbx_PDB_helix_id 
_struct_conf.beg_label_comp_id 
_struct_conf.beg_label_asym_id 
_struct_conf.beg_label_seq_id 
_struct_conf.pdbx_beg_PDB_ins_code 
_struct_conf.end_label_comp_id 
_struct_conf.end_label_asym_id 
_struct_conf.end_label_seq_id 
_struct_conf.pdbx_end_PDB_ins_code 
_struct_conf.beg_auth_comp_id 
_struct_conf.beg_auth_asym_id 
_struct_conf.beg_auth_seq_id 
_struct_conf.end_auth_comp_id 
_struct_conf.end_auth_asym_id 
_struct_conf.end_auth_seq_id 
_struct_conf.pdbx_PDB_helix_class 
_struct_conf.details 
_struct_conf.pdbx_PDB_helix_length 
HELX_P HELX_P1 AA1 THR A 37  ? TRP A 52  ? THR A 93  TRP A 108 1 ? 16 
HELX_P HELX_P2 AA2 GLY A 62  ? GLY A 67  ? GLY A 118 GLY A 123 1 ? 6  
HELX_P HELX_P3 AA3 GLY A 67  ? GLY A 78  ? GLY A 123 GLY A 134 1 ? 12 
HELX_P HELX_P4 AA4 GLY A 93  ? ARG A 110 ? GLY A 149 ARG A 166 1 ? 18 
HELX_P HELX_P5 AA5 ASP A 111 ? ALA A 113 ? ASP A 167 ALA A 169 5 ? 3  
HELX_P HELX_P6 AA6 HIS A 115 ? LYS A 130 ? HIS A 171 LYS A 186 1 ? 16 
HELX_P HELX_P7 AA7 SER A 139 ? ASP A 151 ? SER A 195 ASP A 207 1 ? 13 
# 
_struct_conf_type.id          HELX_P 
_struct_conf_type.criteria    ? 
_struct_conf_type.reference   ? 
# 
loop_
_struct_sheet.id 
_struct_sheet.type 
_struct_sheet.number_strands 
_struct_sheet.details 
AA1 ? 5 ? 
AA2 ? 2 ? 
# 
loop_
_struct_sheet_order.sheet_id 
_struct_sheet_order.range_id_1 
_struct_sheet_order.range_id_2 
_struct_sheet_order.offset 
_struct_sheet_order.sense 
AA1 1 2 ? anti-parallel 
AA1 2 3 ? anti-parallel 
AA1 3 4 ? parallel      
AA1 4 5 ? parallel      
AA2 1 2 ? anti-parallel 
# 
loop_
_struct_sheet_range.sheet_id 
_struct_sheet_range.id 
_struct_sheet_range.beg_label_comp_id 
_struct_sheet_range.beg_label_asym_id 
_struct_sheet_range.beg_label_seq_id 
_struct_sheet_range.pdbx_beg_PDB_ins_code 
_struct_sheet_range.end_label_comp_id 
_struct_sheet_range.end_label_asym_id 
_struct_sheet_range.end_label_seq_id 
_struct_sheet_range.pdbx_end_PDB_ins_code 
_struct_sheet_range.beg_auth_comp_id 
_struct_sheet_range.beg_auth_asym_id 
_struct_sheet_range.beg_auth_seq_id 
_struct_sheet_range.end_auth_comp_id 
_struct_sheet_range.end_auth_asym_id 
_struct_sheet_range.end_auth_seq_id 
AA1 1 ILE A 28 ? ILE A 33 ? ILE A 84  ILE A 89  
AA1 2 LYS A 15 ? HIS A 22 ? LYS A 71  HIS A 78  
AA1 3 ILE A 4  ? LEU A 12 ? ILE A 60  LEU A 68  
AA1 4 THR A 56 ? HIS A 58 ? THR A 112 HIS A 114 
AA1 5 LYS A 80 ? GLU A 82 ? LYS A 136 GLU A 138 
AA2 1 SER B 2  ? TYR B 3  ? SER B 2   TYR B 3   
AA2 2 TYR B 9  ? SER B 10 ? TYR B 9   SER B 10  
# 
loop_
_pdbx_struct_sheet_hbond.sheet_id 
_pdbx_struct_sheet_hbond.range_id_1 
_pdbx_struct_sheet_hbond.range_id_2 
_pdbx_struct_sheet_hbond.range_1_label_atom_id 
_pdbx_struct_sheet_hbond.range_1_label_comp_id 
_pdbx_struct_sheet_hbond.range_1_label_asym_id 
_pdbx_struct_sheet_hbond.range_1_label_seq_id 
_pdbx_struct_sheet_hbond.range_1_PDB_ins_code 
_pdbx_struct_sheet_hbond.range_1_auth_atom_id 
_pdbx_struct_sheet_hbond.range_1_auth_comp_id 
_pdbx_struct_sheet_hbond.range_1_auth_asym_id 
_pdbx_struct_sheet_hbond.range_1_auth_seq_id 
_pdbx_struct_sheet_hbond.range_2_label_atom_id 
_pdbx_struct_sheet_hbond.range_2_label_comp_id 
_pdbx_struct_sheet_hbond.range_2_label_asym_id 
_pdbx_struct_sheet_hbond.range_2_label_seq_id 
_pdbx_struct_sheet_hbond.range_2_PDB_ins_code 
_pdbx_struct_sheet_hbond.range_2_auth_atom_id 
_pdbx_struct_sheet_hbond.range_2_auth_comp_id 
_pdbx_struct_sheet_hbond.range_2_auth_asym_id 
_pdbx_struct_sheet_hbond.range_2_auth_seq_id 
AA1 1 2 O GLU A 29 ? O GLU A 85  N ALA A 20 ? N ALA A 76  
AA1 2 3 O ILE A 17 ? O ILE A 73  N THR A 10 ? N THR A 66  
AA1 3 4 N LEU A 7  ? N LEU A 63  O HIS A 58 ? O HIS A 114 
AA1 4 5 N ILE A 57 ? N ILE A 113 O LYS A 80 ? O LYS A 136 
AA2 1 2 N SER B 2  ? N SER B 2   O SER B 10 ? O SER B 10  
# 
_pdbx_validate_close_contact.id               1 
_pdbx_validate_close_contact.PDB_model_num    1 
_pdbx_validate_close_contact.auth_atom_id_1   OD2 
_pdbx_validate_close_contact.auth_asym_id_1   A 
_pdbx_validate_close_contact.auth_comp_id_1   ASP 
_pdbx_validate_close_contact.auth_seq_id_1    202 
_pdbx_validate_close_contact.PDB_ins_code_1   ? 
_pdbx_validate_close_contact.label_alt_id_1   ? 
_pdbx_validate_close_contact.auth_atom_id_2   O 
_pdbx_validate_close_contact.auth_asym_id_2   A 
_pdbx_validate_close_contact.auth_comp_id_2   HOH 
_pdbx_validate_close_contact.auth_seq_id_2    301 
_pdbx_validate_close_contact.PDB_ins_code_2   ? 
_pdbx_validate_close_contact.label_alt_id_2   ? 
_pdbx_validate_close_contact.dist             2.18 
# 
loop_
_pdbx_validate_torsion.id 
_pdbx_validate_torsion.PDB_model_num 
_pdbx_validate_torsion.auth_comp_id 
_pdbx_validate_torsion.auth_asym_id 
_pdbx_validate_torsion.auth_seq_id 
_pdbx_validate_torsion.PDB_ins_code 
_pdbx_validate_torsion.label_alt_id 
_pdbx_validate_torsion.phi 
_pdbx_validate_torsion.psi 
1 1 PRO A 109 ? ? -68.97 92.23 
2 1 TYR A 194 ? ? 70.87  97.51 
3 1 ASP A 207 ? ? -67.05 8.55  
# 
loop_
_pdbx_unobs_or_zero_occ_residues.id 
_pdbx_unobs_or_zero_occ_residues.PDB_model_num 
_pdbx_unobs_or_zero_occ_residues.polymer_flag 
_pdbx_unobs_or_zero_occ_residues.occupancy_flag 
_pdbx_unobs_or_zero_occ_residues.auth_asym_id 
_pdbx_unobs_or_zero_occ_residues.auth_comp_id 
_pdbx_unobs_or_zero_occ_residues.auth_seq_id 
_pdbx_unobs_or_zero_occ_residues.PDB_ins_code 
_pdbx_unobs_or_zero_occ_residues.label_asym_id 
_pdbx_unobs_or_zero_occ_residues.label_comp_id 
_pdbx_unobs_or_zero_occ_residues.label_seq_id 
1  1 Y 1 A GLY 140 ? A GLY 84  
2  1 Y 1 A ILE 141 ? A ILE 85  
3  1 Y 1 A PRO 142 ? A PRO 86  
4  1 Y 1 A TYR 143 ? A TYR 87  
5  1 Y 1 A ASN 144 ? A ASN 88  
6  1 Y 1 A PRO 145 ? A PRO 89  
7  1 Y 1 A GLN 146 ? A GLN 90  
8  1 Y 1 A SER 147 ? A SER 91  
9  1 Y 1 A GLY 189 ? A GLY 133 
10 1 Y 1 A GLY 190 ? A GLY 134 
11 1 Y 1 A ILE 191 ? A ILE 135 
12 1 Y 1 A GLY 192 ? A GLY 136 
# 
loop_
_chem_comp_atom.comp_id 
_chem_comp_atom.atom_id 
_chem_comp_atom.type_symbol 
_chem_comp_atom.pdbx_aromatic_flag 
_chem_comp_atom.pdbx_stereo_config 
_chem_comp_atom.pdbx_ordinal 
ALA N    N N N 1   
ALA CA   C N S 2   
ALA C    C N N 3   
ALA O    O N N 4   
ALA CB   C N N 5   
ALA OXT  O N N 6   
ALA H    H N N 7   
ALA H2   H N N 8   
ALA HA   H N N 9   
ALA HB1  H N N 10  
ALA HB2  H N N 11  
ALA HB3  H N N 12  
ALA HXT  H N N 13  
ARG N    N N N 14  
ARG CA   C N S 15  
ARG C    C N N 16  
ARG O    O N N 17  
ARG CB   C N N 18  
ARG CG   C N N 19  
ARG CD   C N N 20  
ARG NE   N N N 21  
ARG CZ   C N N 22  
ARG NH1  N N N 23  
ARG NH2  N N N 24  
ARG OXT  O N N 25  
ARG H    H N N 26  
ARG H2   H N N 27  
ARG HA   H N N 28  
ARG HB2  H N N 29  
ARG HB3  H N N 30  
ARG HG2  H N N 31  
ARG HG3  H N N 32  
ARG HD2  H N N 33  
ARG HD3  H N N 34  
ARG HE   H N N 35  
ARG HH11 H N N 36  
ARG HH12 H N N 37  
ARG HH21 H N N 38  
ARG HH22 H N N 39  
ARG HXT  H N N 40  
ASN N    N N N 41  
ASN CA   C N S 42  
ASN C    C N N 43  
ASN O    O N N 44  
ASN CB   C N N 45  
ASN CG   C N N 46  
ASN OD1  O N N 47  
ASN ND2  N N N 48  
ASN OXT  O N N 49  
ASN H    H N N 50  
ASN H2   H N N 51  
ASN HA   H N N 52  
ASN HB2  H N N 53  
ASN HB3  H N N 54  
ASN HD21 H N N 55  
ASN HD22 H N N 56  
ASN HXT  H N N 57  
ASP N    N N N 58  
ASP CA   C N S 59  
ASP C    C N N 60  
ASP O    O N N 61  
ASP CB   C N N 62  
ASP CG   C N N 63  
ASP OD1  O N N 64  
ASP OD2  O N N 65  
ASP OXT  O N N 66  
ASP H    H N N 67  
ASP H2   H N N 68  
ASP HA   H N N 69  
ASP HB2  H N N 70  
ASP HB3  H N N 71  
ASP HD2  H N N 72  
ASP HXT  H N N 73  
CYS N    N N N 74  
CYS CA   C N R 75  
CYS C    C N N 76  
CYS O    O N N 77  
CYS CB   C N N 78  
CYS SG   S N N 79  
CYS OXT  O N N 80  
CYS H    H N N 81  
CYS H2   H N N 82  
CYS HA   H N N 83  
CYS HB2  H N N 84  
CYS HB3  H N N 85  
CYS HG   H N N 86  
CYS HXT  H N N 87  
GLN N    N N N 88  
GLN CA   C N S 89  
GLN C    C N N 90  
GLN O    O N N 91  
GLN CB   C N N 92  
GLN CG   C N N 93  
GLN CD   C N N 94  
GLN OE1  O N N 95  
GLN NE2  N N N 96  
GLN OXT  O N N 97  
GLN H    H N N 98  
GLN H2   H N N 99  
GLN HA   H N N 100 
GLN HB2  H N N 101 
GLN HB3  H N N 102 
GLN HG2  H N N 103 
GLN HG3  H N N 104 
GLN HE21 H N N 105 
GLN HE22 H N N 106 
GLN HXT  H N N 107 
GLU N    N N N 108 
GLU CA   C N S 109 
GLU C    C N N 110 
GLU O    O N N 111 
GLU CB   C N N 112 
GLU CG   C N N 113 
GLU CD   C N N 114 
GLU OE1  O N N 115 
GLU OE2  O N N 116 
GLU OXT  O N N 117 
GLU H    H N N 118 
GLU H2   H N N 119 
GLU HA   H N N 120 
GLU HB2  H N N 121 
GLU HB3  H N N 122 
GLU HG2  H N N 123 
GLU HG3  H N N 124 
GLU HE2  H N N 125 
GLU HXT  H N N 126 
GLY N    N N N 127 
GLY CA   C N N 128 
GLY C    C N N 129 
GLY O    O N N 130 
GLY OXT  O N N 131 
GLY H    H N N 132 
GLY H2   H N N 133 
GLY HA2  H N N 134 
GLY HA3  H N N 135 
GLY HXT  H N N 136 
HIS N    N N N 137 
HIS CA   C N S 138 
HIS C    C N N 139 
HIS O    O N N 140 
HIS CB   C N N 141 
HIS CG   C Y N 142 
HIS ND1  N Y N 143 
HIS CD2  C Y N 144 
HIS CE1  C Y N 145 
HIS NE2  N Y N 146 
HIS OXT  O N N 147 
HIS H    H N N 148 
HIS H2   H N N 149 
HIS HA   H N N 150 
HIS HB2  H N N 151 
HIS HB3  H N N 152 
HIS HD1  H N N 153 
HIS HD2  H N N 154 
HIS HE1  H N N 155 
HIS HE2  H N N 156 
HIS HXT  H N N 157 
HOH O    O N N 158 
HOH H1   H N N 159 
HOH H2   H N N 160 
ILE N    N N N 161 
ILE CA   C N S 162 
ILE C    C N N 163 
ILE O    O N N 164 
ILE CB   C N S 165 
ILE CG1  C N N 166 
ILE CG2  C N N 167 
ILE CD1  C N N 168 
ILE OXT  O N N 169 
ILE H    H N N 170 
ILE H2   H N N 171 
ILE HA   H N N 172 
ILE HB   H N N 173 
ILE HG12 H N N 174 
ILE HG13 H N N 175 
ILE HG21 H N N 176 
ILE HG22 H N N 177 
ILE HG23 H N N 178 
ILE HD11 H N N 179 
ILE HD12 H N N 180 
ILE HD13 H N N 181 
ILE HXT  H N N 182 
LEU N    N N N 183 
LEU CA   C N S 184 
LEU C    C N N 185 
LEU O    O N N 186 
LEU CB   C N N 187 
LEU CG   C N N 188 
LEU CD1  C N N 189 
LEU CD2  C N N 190 
LEU OXT  O N N 191 
LEU H    H N N 192 
LEU H2   H N N 193 
LEU HA   H N N 194 
LEU HB2  H N N 195 
LEU HB3  H N N 196 
LEU HG   H N N 197 
LEU HD11 H N N 198 
LEU HD12 H N N 199 
LEU HD13 H N N 200 
LEU HD21 H N N 201 
LEU HD22 H N N 202 
LEU HD23 H N N 203 
LEU HXT  H N N 204 
LYS N    N N N 205 
LYS CA   C N S 206 
LYS C    C N N 207 
LYS O    O N N 208 
LYS CB   C N N 209 
LYS CG   C N N 210 
LYS CD   C N N 211 
LYS CE   C N N 212 
LYS NZ   N N N 213 
LYS OXT  O N N 214 
LYS H    H N N 215 
LYS H2   H N N 216 
LYS HA   H N N 217 
LYS HB2  H N N 218 
LYS HB3  H N N 219 
LYS HG2  H N N 220 
LYS HG3  H N N 221 
LYS HD2  H N N 222 
LYS HD3  H N N 223 
LYS HE2  H N N 224 
LYS HE3  H N N 225 
LYS HZ1  H N N 226 
LYS HZ2  H N N 227 
LYS HZ3  H N N 228 
LYS HXT  H N N 229 
MET N    N N N 230 
MET CA   C N S 231 
MET C    C N N 232 
MET O    O N N 233 
MET CB   C N N 234 
MET CG   C N N 235 
MET SD   S N N 236 
MET CE   C N N 237 
MET OXT  O N N 238 
MET H    H N N 239 
MET H2   H N N 240 
MET HA   H N N 241 
MET HB2  H N N 242 
MET HB3  H N N 243 
MET HG2  H N N 244 
MET HG3  H N N 245 
MET HE1  H N N 246 
MET HE2  H N N 247 
MET HE3  H N N 248 
MET HXT  H N N 249 
PHE N    N N N 250 
PHE CA   C N S 251 
PHE C    C N N 252 
PHE O    O N N 253 
PHE CB   C N N 254 
PHE CG   C Y N 255 
PHE CD1  C Y N 256 
PHE CD2  C Y N 257 
PHE CE1  C Y N 258 
PHE CE2  C Y N 259 
PHE CZ   C Y N 260 
PHE OXT  O N N 261 
PHE H    H N N 262 
PHE H2   H N N 263 
PHE HA   H N N 264 
PHE HB2  H N N 265 
PHE HB3  H N N 266 
PHE HD1  H N N 267 
PHE HD2  H N N 268 
PHE HE1  H N N 269 
PHE HE2  H N N 270 
PHE HZ   H N N 271 
PHE HXT  H N N 272 
PRO N    N N N 273 
PRO CA   C N S 274 
PRO C    C N N 275 
PRO O    O N N 276 
PRO CB   C N N 277 
PRO CG   C N N 278 
PRO CD   C N N 279 
PRO OXT  O N N 280 
PRO H    H N N 281 
PRO HA   H N N 282 
PRO HB2  H N N 283 
PRO HB3  H N N 284 
PRO HG2  H N N 285 
PRO HG3  H N N 286 
PRO HD2  H N N 287 
PRO HD3  H N N 288 
PRO HXT  H N N 289 
SER N    N N N 290 
SER CA   C N S 291 
SER C    C N N 292 
SER O    O N N 293 
SER CB   C N N 294 
SER OG   O N N 295 
SER OXT  O N N 296 
SER H    H N N 297 
SER H2   H N N 298 
SER HA   H N N 299 
SER HB2  H N N 300 
SER HB3  H N N 301 
SER HG   H N N 302 
SER HXT  H N N 303 
THR N    N N N 304 
THR CA   C N S 305 
THR C    C N N 306 
THR O    O N N 307 
THR CB   C N R 308 
THR OG1  O N N 309 
THR CG2  C N N 310 
THR OXT  O N N 311 
THR H    H N N 312 
THR H2   H N N 313 
THR HA   H N N 314 
THR HB   H N N 315 
THR HG1  H N N 316 
THR HG21 H N N 317 
THR HG22 H N N 318 
THR HG23 H N N 319 
THR HXT  H N N 320 
TRP N    N N N 321 
TRP CA   C N S 322 
TRP C    C N N 323 
TRP O    O N N 324 
TRP CB   C N N 325 
TRP CG   C Y N 326 
TRP CD1  C Y N 327 
TRP CD2  C Y N 328 
TRP NE1  N Y N 329 
TRP CE2  C Y N 330 
TRP CE3  C Y N 331 
TRP CZ2  C Y N 332 
TRP CZ3  C Y N 333 
TRP CH2  C Y N 334 
TRP OXT  O N N 335 
TRP H    H N N 336 
TRP H2   H N N 337 
TRP HA   H N N 338 
TRP HB2  H N N 339 
TRP HB3  H N N 340 
TRP HD1  H N N 341 
TRP HE1  H N N 342 
TRP HE3  H N N 343 
TRP HZ2  H N N 344 
TRP HZ3  H N N 345 
TRP HH2  H N N 346 
TRP HXT  H N N 347 
TYR N    N N N 348 
TYR CA   C N S 349 
TYR C    C N N 350 
TYR O    O N N 351 
TYR CB   C N N 352 
TYR CG   C Y N 353 
TYR CD1  C Y N 354 
TYR CD2  C Y N 355 
TYR CE1  C Y N 356 
TYR CE2  C Y N 357 
TYR CZ   C Y N 358 
TYR OH   O N N 359 
TYR OXT  O N N 360 
TYR H    H N N 361 
TYR H2   H N N 362 
TYR HA   H N N 363 
TYR HB2  H N N 364 
TYR HB3  H N N 365 
TYR HD1  H N N 366 
TYR HD2  H N N 367 
TYR HE1  H N N 368 
TYR HE2  H N N 369 
TYR HH   H N N 370 
TYR HXT  H N N 371 
VAL N    N N N 372 
VAL CA   C N S 373 
VAL C    C N N 374 
VAL O    O N N 375 
VAL CB   C N N 376 
VAL CG1  C N N 377 
VAL CG2  C N N 378 
VAL OXT  O N N 379 
VAL H    H N N 380 
VAL H2   H N N 381 
VAL HA   H N N 382 
VAL HB   H N N 383 
VAL HG11 H N N 384 
VAL HG12 H N N 385 
VAL HG13 H N N 386 
VAL HG21 H N N 387 
VAL HG22 H N N 388 
VAL HG23 H N N 389 
VAL HXT  H N N 390 
# 
loop_
_chem_comp_bond.comp_id 
_chem_comp_bond.atom_id_1 
_chem_comp_bond.atom_id_2 
_chem_comp_bond.value_order 
_chem_comp_bond.pdbx_aromatic_flag 
_chem_comp_bond.pdbx_stereo_config 
_chem_comp_bond.pdbx_ordinal 
ALA N   CA   sing N N 1   
ALA N   H    sing N N 2   
ALA N   H2   sing N N 3   
ALA CA  C    sing N N 4   
ALA CA  CB   sing N N 5   
ALA CA  HA   sing N N 6   
ALA C   O    doub N N 7   
ALA C   OXT  sing N N 8   
ALA CB  HB1  sing N N 9   
ALA CB  HB2  sing N N 10  
ALA CB  HB3  sing N N 11  
ALA OXT HXT  sing N N 12  
ARG N   CA   sing N N 13  
ARG N   H    sing N N 14  
ARG N   H2   sing N N 15  
ARG CA  C    sing N N 16  
ARG CA  CB   sing N N 17  
ARG CA  HA   sing N N 18  
ARG C   O    doub N N 19  
ARG C   OXT  sing N N 20  
ARG CB  CG   sing N N 21  
ARG CB  HB2  sing N N 22  
ARG CB  HB3  sing N N 23  
ARG CG  CD   sing N N 24  
ARG CG  HG2  sing N N 25  
ARG CG  HG3  sing N N 26  
ARG CD  NE   sing N N 27  
ARG CD  HD2  sing N N 28  
ARG CD  HD3  sing N N 29  
ARG NE  CZ   sing N N 30  
ARG NE  HE   sing N N 31  
ARG CZ  NH1  sing N N 32  
ARG CZ  NH2  doub N N 33  
ARG NH1 HH11 sing N N 34  
ARG NH1 HH12 sing N N 35  
ARG NH2 HH21 sing N N 36  
ARG NH2 HH22 sing N N 37  
ARG OXT HXT  sing N N 38  
ASN N   CA   sing N N 39  
ASN N   H    sing N N 40  
ASN N   H2   sing N N 41  
ASN CA  C    sing N N 42  
ASN CA  CB   sing N N 43  
ASN CA  HA   sing N N 44  
ASN C   O    doub N N 45  
ASN C   OXT  sing N N 46  
ASN CB  CG   sing N N 47  
ASN CB  HB2  sing N N 48  
ASN CB  HB3  sing N N 49  
ASN CG  OD1  doub N N 50  
ASN CG  ND2  sing N N 51  
ASN ND2 HD21 sing N N 52  
ASN ND2 HD22 sing N N 53  
ASN OXT HXT  sing N N 54  
ASP N   CA   sing N N 55  
ASP N   H    sing N N 56  
ASP N   H2   sing N N 57  
ASP CA  C    sing N N 58  
ASP CA  CB   sing N N 59  
ASP CA  HA   sing N N 60  
ASP C   O    doub N N 61  
ASP C   OXT  sing N N 62  
ASP CB  CG   sing N N 63  
ASP CB  HB2  sing N N 64  
ASP CB  HB3  sing N N 65  
ASP CG  OD1  doub N N 66  
ASP CG  OD2  sing N N 67  
ASP OD2 HD2  sing N N 68  
ASP OXT HXT  sing N N 69  
CYS N   CA   sing N N 70  
CYS N   H    sing N N 71  
CYS N   H2   sing N N 72  
CYS CA  C    sing N N 73  
CYS CA  CB   sing N N 74  
CYS CA  HA   sing N N 75  
CYS C   O    doub N N 76  
CYS C   OXT  sing N N 77  
CYS CB  SG   sing N N 78  
CYS CB  HB2  sing N N 79  
CYS CB  HB3  sing N N 80  
CYS SG  HG   sing N N 81  
CYS OXT HXT  sing N N 82  
GLN N   CA   sing N N 83  
GLN N   H    sing N N 84  
GLN N   H2   sing N N 85  
GLN CA  C    sing N N 86  
GLN CA  CB   sing N N 87  
GLN CA  HA   sing N N 88  
GLN C   O    doub N N 89  
GLN C   OXT  sing N N 90  
GLN CB  CG   sing N N 91  
GLN CB  HB2  sing N N 92  
GLN CB  HB3  sing N N 93  
GLN CG  CD   sing N N 94  
GLN CG  HG2  sing N N 95  
GLN CG  HG3  sing N N 96  
GLN CD  OE1  doub N N 97  
GLN CD  NE2  sing N N 98  
GLN NE2 HE21 sing N N 99  
GLN NE2 HE22 sing N N 100 
GLN OXT HXT  sing N N 101 
GLU N   CA   sing N N 102 
GLU N   H    sing N N 103 
GLU N   H2   sing N N 104 
GLU CA  C    sing N N 105 
GLU CA  CB   sing N N 106 
GLU CA  HA   sing N N 107 
GLU C   O    doub N N 108 
GLU C   OXT  sing N N 109 
GLU CB  CG   sing N N 110 
GLU CB  HB2  sing N N 111 
GLU CB  HB3  sing N N 112 
GLU CG  CD   sing N N 113 
GLU CG  HG2  sing N N 114 
GLU CG  HG3  sing N N 115 
GLU CD  OE1  doub N N 116 
GLU CD  OE2  sing N N 117 
GLU OE2 HE2  sing N N 118 
GLU OXT HXT  sing N N 119 
GLY N   CA   sing N N 120 
GLY N   H    sing N N 121 
GLY N   H2   sing N N 122 
GLY CA  C    sing N N 123 
GLY CA  HA2  sing N N 124 
GLY CA  HA3  sing N N 125 
GLY C   O    doub N N 126 
GLY C   OXT  sing N N 127 
GLY OXT HXT  sing N N 128 
HIS N   CA   sing N N 129 
HIS N   H    sing N N 130 
HIS N   H2   sing N N 131 
HIS CA  C    sing N N 132 
HIS CA  CB   sing N N 133 
HIS CA  HA   sing N N 134 
HIS C   O    doub N N 135 
HIS C   OXT  sing N N 136 
HIS CB  CG   sing N N 137 
HIS CB  HB2  sing N N 138 
HIS CB  HB3  sing N N 139 
HIS CG  ND1  sing Y N 140 
HIS CG  CD2  doub Y N 141 
HIS ND1 CE1  doub Y N 142 
HIS ND1 HD1  sing N N 143 
HIS CD2 NE2  sing Y N 144 
HIS CD2 HD2  sing N N 145 
HIS CE1 NE2  sing Y N 146 
HIS CE1 HE1  sing N N 147 
HIS NE2 HE2  sing N N 148 
HIS OXT HXT  sing N N 149 
HOH O   H1   sing N N 150 
HOH O   H2   sing N N 151 
ILE N   CA   sing N N 152 
ILE N   H    sing N N 153 
ILE N   H2   sing N N 154 
ILE CA  C    sing N N 155 
ILE CA  CB   sing N N 156 
ILE CA  HA   sing N N 157 
ILE C   O    doub N N 158 
ILE C   OXT  sing N N 159 
ILE CB  CG1  sing N N 160 
ILE CB  CG2  sing N N 161 
ILE CB  HB   sing N N 162 
ILE CG1 CD1  sing N N 163 
ILE CG1 HG12 sing N N 164 
ILE CG1 HG13 sing N N 165 
ILE CG2 HG21 sing N N 166 
ILE CG2 HG22 sing N N 167 
ILE CG2 HG23 sing N N 168 
ILE CD1 HD11 sing N N 169 
ILE CD1 HD12 sing N N 170 
ILE CD1 HD13 sing N N 171 
ILE OXT HXT  sing N N 172 
LEU N   CA   sing N N 173 
LEU N   H    sing N N 174 
LEU N   H2   sing N N 175 
LEU CA  C    sing N N 176 
LEU CA  CB   sing N N 177 
LEU CA  HA   sing N N 178 
LEU C   O    doub N N 179 
LEU C   OXT  sing N N 180 
LEU CB  CG   sing N N 181 
LEU CB  HB2  sing N N 182 
LEU CB  HB3  sing N N 183 
LEU CG  CD1  sing N N 184 
LEU CG  CD2  sing N N 185 
LEU CG  HG   sing N N 186 
LEU CD1 HD11 sing N N 187 
LEU CD1 HD12 sing N N 188 
LEU CD1 HD13 sing N N 189 
LEU CD2 HD21 sing N N 190 
LEU CD2 HD22 sing N N 191 
LEU CD2 HD23 sing N N 192 
LEU OXT HXT  sing N N 193 
LYS N   CA   sing N N 194 
LYS N   H    sing N N 195 
LYS N   H2   sing N N 196 
LYS CA  C    sing N N 197 
LYS CA  CB   sing N N 198 
LYS CA  HA   sing N N 199 
LYS C   O    doub N N 200 
LYS C   OXT  sing N N 201 
LYS CB  CG   sing N N 202 
LYS CB  HB2  sing N N 203 
LYS CB  HB3  sing N N 204 
LYS CG  CD   sing N N 205 
LYS CG  HG2  sing N N 206 
LYS CG  HG3  sing N N 207 
LYS CD  CE   sing N N 208 
LYS CD  HD2  sing N N 209 
LYS CD  HD3  sing N N 210 
LYS CE  NZ   sing N N 211 
LYS CE  HE2  sing N N 212 
LYS CE  HE3  sing N N 213 
LYS NZ  HZ1  sing N N 214 
LYS NZ  HZ2  sing N N 215 
LYS NZ  HZ3  sing N N 216 
LYS OXT HXT  sing N N 217 
MET N   CA   sing N N 218 
MET N   H    sing N N 219 
MET N   H2   sing N N 220 
MET CA  C    sing N N 221 
MET CA  CB   sing N N 222 
MET CA  HA   sing N N 223 
MET C   O    doub N N 224 
MET C   OXT  sing N N 225 
MET CB  CG   sing N N 226 
MET CB  HB2  sing N N 227 
MET CB  HB3  sing N N 228 
MET CG  SD   sing N N 229 
MET CG  HG2  sing N N 230 
MET CG  HG3  sing N N 231 
MET SD  CE   sing N N 232 
MET CE  HE1  sing N N 233 
MET CE  HE2  sing N N 234 
MET CE  HE3  sing N N 235 
MET OXT HXT  sing N N 236 
PHE N   CA   sing N N 237 
PHE N   H    sing N N 238 
PHE N   H2   sing N N 239 
PHE CA  C    sing N N 240 
PHE CA  CB   sing N N 241 
PHE CA  HA   sing N N 242 
PHE C   O    doub N N 243 
PHE C   OXT  sing N N 244 
PHE CB  CG   sing N N 245 
PHE CB  HB2  sing N N 246 
PHE CB  HB3  sing N N 247 
PHE CG  CD1  doub Y N 248 
PHE CG  CD2  sing Y N 249 
PHE CD1 CE1  sing Y N 250 
PHE CD1 HD1  sing N N 251 
PHE CD2 CE2  doub Y N 252 
PHE CD2 HD2  sing N N 253 
PHE CE1 CZ   doub Y N 254 
PHE CE1 HE1  sing N N 255 
PHE CE2 CZ   sing Y N 256 
PHE CE2 HE2  sing N N 257 
PHE CZ  HZ   sing N N 258 
PHE OXT HXT  sing N N 259 
PRO N   CA   sing N N 260 
PRO N   CD   sing N N 261 
PRO N   H    sing N N 262 
PRO CA  C    sing N N 263 
PRO CA  CB   sing N N 264 
PRO CA  HA   sing N N 265 
PRO C   O    doub N N 266 
PRO C   OXT  sing N N 267 
PRO CB  CG   sing N N 268 
PRO CB  HB2  sing N N 269 
PRO CB  HB3  sing N N 270 
PRO CG  CD   sing N N 271 
PRO CG  HG2  sing N N 272 
PRO CG  HG3  sing N N 273 
PRO CD  HD2  sing N N 274 
PRO CD  HD3  sing N N 275 
PRO OXT HXT  sing N N 276 
SER N   CA   sing N N 277 
SER N   H    sing N N 278 
SER N   H2   sing N N 279 
SER CA  C    sing N N 280 
SER CA  CB   sing N N 281 
SER CA  HA   sing N N 282 
SER C   O    doub N N 283 
SER C   OXT  sing N N 284 
SER CB  OG   sing N N 285 
SER CB  HB2  sing N N 286 
SER CB  HB3  sing N N 287 
SER OG  HG   sing N N 288 
SER OXT HXT  sing N N 289 
THR N   CA   sing N N 290 
THR N   H    sing N N 291 
THR N   H2   sing N N 292 
THR CA  C    sing N N 293 
THR CA  CB   sing N N 294 
THR CA  HA   sing N N 295 
THR C   O    doub N N 296 
THR C   OXT  sing N N 297 
THR CB  OG1  sing N N 298 
THR CB  CG2  sing N N 299 
THR CB  HB   sing N N 300 
THR OG1 HG1  sing N N 301 
THR CG2 HG21 sing N N 302 
THR CG2 HG22 sing N N 303 
THR CG2 HG23 sing N N 304 
THR OXT HXT  sing N N 305 
TRP N   CA   sing N N 306 
TRP N   H    sing N N 307 
TRP N   H2   sing N N 308 
TRP CA  C    sing N N 309 
TRP CA  CB   sing N N 310 
TRP CA  HA   sing N N 311 
TRP C   O    doub N N 312 
TRP C   OXT  sing N N 313 
TRP CB  CG   sing N N 314 
TRP CB  HB2  sing N N 315 
TRP CB  HB3  sing N N 316 
TRP CG  CD1  doub Y N 317 
TRP CG  CD2  sing Y N 318 
TRP CD1 NE1  sing Y N 319 
TRP CD1 HD1  sing N N 320 
TRP CD2 CE2  doub Y N 321 
TRP CD2 CE3  sing Y N 322 
TRP NE1 CE2  sing Y N 323 
TRP NE1 HE1  sing N N 324 
TRP CE2 CZ2  sing Y N 325 
TRP CE3 CZ3  doub Y N 326 
TRP CE3 HE3  sing N N 327 
TRP CZ2 CH2  doub Y N 328 
TRP CZ2 HZ2  sing N N 329 
TRP CZ3 CH2  sing Y N 330 
TRP CZ3 HZ3  sing N N 331 
TRP CH2 HH2  sing N N 332 
TRP OXT HXT  sing N N 333 
TYR N   CA   sing N N 334 
TYR N   H    sing N N 335 
TYR N   H2   sing N N 336 
TYR CA  C    sing N N 337 
TYR CA  CB   sing N N 338 
TYR CA  HA   sing N N 339 
TYR C   O    doub N N 340 
TYR C   OXT  sing N N 341 
TYR CB  CG   sing N N 342 
TYR CB  HB2  sing N N 343 
TYR CB  HB3  sing N N 344 
TYR CG  CD1  doub Y N 345 
TYR CG  CD2  sing Y N 346 
TYR CD1 CE1  sing Y N 347 
TYR CD1 HD1  sing N N 348 
TYR CD2 CE2  doub Y N 349 
TYR CD2 HD2  sing N N 350 
TYR CE1 CZ   doub Y N 351 
TYR CE1 HE1  sing N N 352 
TYR CE2 CZ   sing Y N 353 
TYR CE2 HE2  sing N N 354 
TYR CZ  OH   sing N N 355 
TYR OH  HH   sing N N 356 
TYR OXT HXT  sing N N 357 
VAL N   CA   sing N N 358 
VAL N   H    sing N N 359 
VAL N   H2   sing N N 360 
VAL CA  C    sing N N 361 
VAL CA  CB   sing N N 362 
VAL CA  HA   sing N N 363 
VAL C   O    doub N N 364 
VAL C   OXT  sing N N 365 
VAL CB  CG1  sing N N 366 
VAL CB  CG2  sing N N 367 
VAL CB  HB   sing N N 368 
VAL CG1 HG11 sing N N 369 
VAL CG1 HG12 sing N N 370 
VAL CG1 HG13 sing N N 371 
VAL CG2 HG21 sing N N 372 
VAL CG2 HG22 sing N N 373 
VAL CG2 HG23 sing N N 374 
VAL OXT HXT  sing N N 375 
# 
_pdbx_initial_refinement_model.id               1 
_pdbx_initial_refinement_model.entity_id_list   ? 
_pdbx_initial_refinement_model.type             'experimental model' 
_pdbx_initial_refinement_model.source_name      PDB 
_pdbx_initial_refinement_model.accession_code   1BIS 
_pdbx_initial_refinement_model.details          ? 
# 
_atom_sites.entry_id                    6EX9 
_atom_sites.fract_transf_matrix[1][1]   -0.00792513 
_atom_sites.fract_transf_matrix[1][2]   0.00368026 
_atom_sites.fract_transf_matrix[1][3]   -0.00556761 
_atom_sites.fract_transf_matrix[2][1]   0.00554510 
_atom_sites.fract_transf_matrix[2][2]   -0.00117908 
_atom_sites.fract_transf_matrix[2][3]   -0.00867248 
_atom_sites.fract_transf_matrix[3][1]   -0.00739269 
_atom_sites.fract_transf_matrix[3][2]   -0.01913477 
_atom_sites.fract_transf_matrix[3][3]   -0.00212532 
_atom_sites.fract_transf_vector[1]      0.131712 
_atom_sites.fract_transf_vector[2]      0.270544 
_atom_sites.fract_transf_vector[3]      0.106820 
# 
loop_
_atom_type.symbol 
C 
N 
O 
S 
# 
loop_
_atom_site.group_PDB 
_atom_site.id 
_atom_site.type_symbol 
_atom_site.label_atom_id 
_atom_site.label_alt_id 
_atom_site.label_comp_id 
_atom_site.label_asym_id 
_atom_site.label_entity_id 
_atom_site.label_seq_id 
_atom_site.pdbx_PDB_ins_code 
_atom_site.Cartn_x 
_atom_site.Cartn_y 
_atom_site.Cartn_z 
_atom_site.occupancy 
_atom_site.B_iso_or_equiv 
_atom_site.pdbx_formal_charge 
_atom_site.auth_seq_id 
_atom_site.auth_comp_id 
_atom_site.auth_asym_id 
_atom_site.auth_atom_id 
_atom_site.pdbx_PDB_model_num 
ATOM   1    N N   . SER A 1 1   ? -9.199  -4.324  -15.326 1.00 70.15 ? 57  SER A N   1 
ATOM   2    C CA  . SER A 1 1   ? -7.994  -3.732  -14.737 1.00 66.24 ? 57  SER A CA  1 
ATOM   3    C C   . SER A 1 1   ? -8.160  -2.350  -14.091 1.00 64.74 ? 57  SER A C   1 
ATOM   4    O O   . SER A 1 1   ? -7.413  -2.033  -13.158 1.00 60.95 ? 57  SER A O   1 
ATOM   5    C CB  . SER A 1 1   ? -6.876  -3.652  -15.777 1.00 63.40 ? 57  SER A CB  1 
ATOM   6    O OG  . SER A 1 1   ? -6.056  -4.808  -15.712 1.00 67.02 ? 57  SER A OG  1 
ATOM   7    N N   . PRO A 1 2   ? -9.104  -1.506  -14.579 1.00 67.40 ? 58  PRO A N   1 
ATOM   8    C CA  . PRO A 1 2   ? -9.386  -0.253  -13.851 1.00 66.10 ? 58  PRO A CA  1 
ATOM   9    C C   . PRO A 1 2   ? -9.668  -0.406  -12.352 1.00 58.49 ? 58  PRO A C   1 
ATOM   10   O O   . PRO A 1 2   ? -9.455  0.558   -11.609 1.00 51.89 ? 58  PRO A O   1 
ATOM   11   C CB  . PRO A 1 2   ? -10.607 0.302   -14.598 1.00 65.18 ? 58  PRO A CB  1 
ATOM   12   C CG  . PRO A 1 2   ? -10.353 -0.097  -16.016 1.00 67.65 ? 58  PRO A CG  1 
ATOM   13   C CD  . PRO A 1 2   ? -9.640  -1.449  -15.956 1.00 64.72 ? 58  PRO A CD  1 
ATOM   14   N N   . GLY A 1 3   ? -10.117 -1.584  -11.888 1.00 56.03 ? 59  GLY A N   1 
ATOM   15   C CA  . GLY A 1 3   ? -10.414 -1.787  -10.475 1.00 46.10 ? 59  GLY A CA  1 
ATOM   16   C C   . GLY A 1 3   ? -9.706  -2.923  -9.744  1.00 46.75 ? 59  GLY A C   1 
ATOM   17   O O   . GLY A 1 3   ? -10.240 -3.434  -8.754  1.00 45.99 ? 59  GLY A O   1 
ATOM   18   N N   . ILE A 1 4   ? -8.512  -3.325  -10.189 1.00 47.90 ? 60  ILE A N   1 
ATOM   19   C CA  . ILE A 1 4   ? -7.771  -4.424  -9.571  1.00 47.97 ? 60  ILE A CA  1 
ATOM   20   C C   . ILE A 1 4   ? -6.647  -3.853  -8.709  1.00 44.09 ? 60  ILE A C   1 
ATOM   21   O O   . ILE A 1 4   ? -5.848  -3.037  -9.176  1.00 42.81 ? 60  ILE A O   1 
ATOM   22   C CB  . ILE A 1 4   ? -7.216  -5.386  -10.637 1.00 50.51 ? 60  ILE A CB  1 
ATOM   23   C CG1 . ILE A 1 4   ? -8.363  -6.072  -11.383 1.00 55.05 ? 60  ILE A CG1 1 
ATOM   24   C CG2 . ILE A 1 4   ? -6.313  -6.430  -10.008 1.00 45.95 ? 60  ILE A CG2 1 
ATOM   25   C CD1 . ILE A 1 4   ? -7.908  -6.822  -12.622 1.00 56.95 ? 60  ILE A CD1 1 
ATOM   26   N N   . TRP A 1 5   ? -6.582  -4.287  -7.457  1.00 41.69 ? 61  TRP A N   1 
ATOM   27   C CA  . TRP A 1 5   ? -5.609  -3.780  -6.504  1.00 40.51 ? 61  TRP A CA  1 
ATOM   28   C C   . TRP A 1 5   ? -4.873  -4.942  -5.861  1.00 48.77 ? 61  TRP A C   1 
ATOM   29   O O   . TRP A 1 5   ? -5.437  -6.019  -5.650  1.00 45.14 ? 61  TRP A O   1 
ATOM   30   C CB  . TRP A 1 5   ? -6.274  -2.937  -5.401  1.00 39.73 ? 61  TRP A CB  1 
ATOM   31   C CG  . TRP A 1 5   ? -6.881  -1.650  -5.871  1.00 32.46 ? 61  TRP A CG  1 
ATOM   32   C CD1 . TRP A 1 5   ? -8.034  -1.487  -6.589  1.00 32.99 ? 61  TRP A CD1 1 
ATOM   33   C CD2 . TRP A 1 5   ? -6.368  -0.324  -5.629  1.00 34.36 ? 61  TRP A CD2 1 
ATOM   34   N NE1 . TRP A 1 5   ? -8.261  -0.135  -6.821  1.00 34.06 ? 61  TRP A NE1 1 
ATOM   35   C CE2 . TRP A 1 5   ? -7.259  0.592   -6.234  1.00 31.72 ? 61  TRP A CE2 1 
ATOM   36   C CE3 . TRP A 1 5   ? -5.243  0.169   -4.962  1.00 32.87 ? 61  TRP A CE3 1 
ATOM   37   C CZ2 . TRP A 1 5   ? -7.058  1.973   -6.187  1.00 37.33 ? 61  TRP A CZ2 1 
ATOM   38   C CZ3 . TRP A 1 5   ? -5.047  1.547   -4.906  1.00 35.12 ? 61  TRP A CZ3 1 
ATOM   39   C CH2 . TRP A 1 5   ? -5.943  2.428   -5.527  1.00 31.26 ? 61  TRP A CH2 1 
ATOM   40   N N   . GLN A 1 6   ? -3.611  -4.709  -5.536  1.00 45.29 ? 62  GLN A N   1 
ATOM   41   C CA  . GLN A 1 6   ? -2.824  -5.652  -4.760  1.00 44.27 ? 62  GLN A CA  1 
ATOM   42   C C   . GLN A 1 6   ? -2.552  -5.051  -3.390  1.00 47.44 ? 62  GLN A C   1 
ATOM   43   O O   . GLN A 1 6   ? -2.102  -3.898  -3.286  1.00 39.80 ? 62  GLN A O   1 
ATOM   44   C CB  . GLN A 1 6   ? -1.516  -5.990  -5.476  1.00 48.71 ? 62  GLN A CB  1 
ATOM   45   C CG  . GLN A 1 6   ? -1.104  -7.444  -5.368  1.00 54.93 ? 62  GLN A CG  1 
ATOM   46   C CD  . GLN A 1 6   ? -0.199  -7.875  -6.504  1.00 61.12 ? 62  GLN A CD  1 
ATOM   47   O OE1 . GLN A 1 6   ? 1.028   -7.876  -6.367  1.00 67.70 ? 62  GLN A OE1 1 
ATOM   48   N NE2 . GLN A 1 6   ? -0.794  -8.246  -7.635  1.00 60.72 ? 62  GLN A NE2 1 
ATOM   49   N N   . LEU A 1 7   ? -2.829  -5.829  -2.346  1.00 43.56 ? 63  LEU A N   1 
ATOM   50   C CA  . LEU A 1 7   ? -2.686  -5.402  -0.960  1.00 42.91 ? 63  LEU A CA  1 
ATOM   51   C C   . LEU A 1 7   ? -1.658  -6.280  -0.272  1.00 51.65 ? 63  LEU A C   1 
ATOM   52   O O   . LEU A 1 7   ? -1.709  -7.509  -0.394  1.00 51.65 ? 63  LEU A O   1 
ATOM   53   C CB  . LEU A 1 7   ? -4.019  -5.499  -0.211  1.00 45.40 ? 63  LEU A CB  1 
ATOM   54   C CG  . LEU A 1 7   ? -4.859  -4.232  -0.148  1.00 46.50 ? 63  LEU A CG  1 
ATOM   55   C CD1 . LEU A 1 7   ? -5.715  -4.125  -1.397  1.00 47.47 ? 63  LEU A CD1 1 
ATOM   56   C CD2 . LEU A 1 7   ? -5.713  -4.238  1.106   1.00 46.73 ? 63  LEU A CD2 1 
ATOM   57   N N   . ASP A 1 8   ? -0.742  -5.664  0.465   1.00 45.97 ? 64  ASP A N   1 
ATOM   58   C CA  . ASP A 1 8   ? 0.235   -6.442  1.197   1.00 48.41 ? 64  ASP A CA  1 
ATOM   59   C C   . ASP A 1 8   ? 0.503   -5.810  2.549   1.00 52.75 ? 64  ASP A C   1 
ATOM   60   O O   . ASP A 1 8   ? 0.189   -4.646  2.807   1.00 48.83 ? 64  ASP A O   1 
ATOM   61   C CB  . ASP A 1 8   ? 1.547   -6.599  0.424   1.00 55.47 ? 64  ASP A CB  1 
ATOM   62   C CG  . ASP A 1 8   ? 2.427   -7.698  0.997   1.00 62.76 ? 64  ASP A CG  1 
ATOM   63   O OD1 . ASP A 1 8   ? 1.915   -8.822  1.204   1.00 60.71 ? 64  ASP A OD1 1 
ATOM   64   O OD2 . ASP A 1 8   ? 3.622   -7.437  1.248   1.00 64.93 ? 64  ASP A OD2 1 
ATOM   65   N N   . CYS A 1 9   ? 1.118   -6.606  3.408   1.00 55.66 ? 65  CYS A N   1 
ATOM   66   C CA  . CYS A 1 9   ? 1.368   -6.241  4.789   1.00 57.32 ? 65  CYS A CA  1 
ATOM   67   C C   . CYS A 1 9   ? 2.853   -6.436  5.057   1.00 57.77 ? 65  CYS A C   1 
ATOM   68   O O   . CYS A 1 9   ? 3.349   -7.564  5.008   1.00 57.32 ? 65  CYS A O   1 
ATOM   69   C CB  . CYS A 1 9   ? 0.506   -7.103  5.697   1.00 62.14 ? 65  CYS A CB  1 
ATOM   70   S SG  . CYS A 1 9   ? 0.561   -6.628  7.371   1.00 72.99 ? 65  CYS A SG  1 
ATOM   71   N N   . THR A 1 10  ? 3.573   -5.348  5.312   1.00 53.47 ? 66  THR A N   1 
ATOM   72   C CA  . THR A 1 10  ? 5.004   -5.439  5.553   1.00 53.13 ? 66  THR A CA  1 
ATOM   73   C C   . THR A 1 10  ? 5.373   -4.707  6.841   1.00 54.97 ? 66  THR A C   1 
ATOM   74   O O   . THR A 1 10  ? 4.556   -4.017  7.455   1.00 53.39 ? 66  THR A O   1 
ATOM   75   C CB  . THR A 1 10  ? 5.805   -4.891  4.371   1.00 51.16 ? 66  THR A CB  1 
ATOM   76   O OG1 . THR A 1 10  ? 7.174   -5.317  4.482   1.00 62.70 ? 66  THR A OG1 1 
ATOM   77   C CG2 . THR A 1 10  ? 5.752   -3.381  4.358   1.00 51.05 ? 66  THR A CG2 1 
ATOM   78   N N   . HIS A 1 11  ? 6.628   -4.874  7.250   1.00 52.74 ? 67  HIS A N   1 
ATOM   79   C CA  . HIS A 1 11  ? 7.085   -4.471  8.571   1.00 53.32 ? 67  HIS A CA  1 
ATOM   80   C C   . HIS A 1 11  ? 8.278   -3.544  8.444   1.00 49.05 ? 67  HIS A C   1 
ATOM   81   O O   . HIS A 1 11  ? 9.226   -3.861  7.722   1.00 54.37 ? 67  HIS A O   1 
ATOM   82   C CB  . HIS A 1 11  ? 7.466   -5.695  9.403   1.00 55.09 ? 67  HIS A CB  1 
ATOM   83   C CG  . HIS A 1 11  ? 6.301   -6.550  9.772   1.00 59.10 ? 67  HIS A CG  1 
ATOM   84   N ND1 . HIS A 1 11  ? 5.412   -7.036  8.837   1.00 58.31 ? 67  HIS A ND1 1 
ATOM   85   C CD2 . HIS A 1 11  ? 5.863   -6.988  10.975  1.00 60.76 ? 67  HIS A CD2 1 
ATOM   86   C CE1 . HIS A 1 11  ? 4.475   -7.736  9.449   1.00 62.22 ? 67  HIS A CE1 1 
ATOM   87   N NE2 . HIS A 1 11  ? 4.726   -7.724  10.746  1.00 64.26 ? 67  HIS A NE2 1 
ATOM   88   N N   . LEU A 1 12  ? 8.229   -2.411  9.151   1.00 49.25 ? 68  LEU A N   1 
ATOM   89   C CA  . LEU A 1 12  ? 9.323   -1.445  9.210   1.00 47.69 ? 68  LEU A CA  1 
ATOM   90   C C   . LEU A 1 12  ? 9.409   -0.887  10.612  1.00 47.20 ? 68  LEU A C   1 
ATOM   91   O O   . LEU A 1 12  ? 8.395   -0.460  11.163  1.00 47.11 ? 68  LEU A O   1 
ATOM   92   C CB  . LEU A 1 12  ? 9.124   -0.268  8.254   1.00 46.88 ? 68  LEU A CB  1 
ATOM   93   C CG  . LEU A 1 12  ? 9.397   -0.447  6.774   1.00 49.44 ? 68  LEU A CG  1 
ATOM   94   C CD1 . LEU A 1 12  ? 9.692   0.911   6.211   1.00 43.90 ? 68  LEU A CD1 1 
ATOM   95   C CD2 . LEU A 1 12  ? 10.557  -1.405  6.541   1.00 51.35 ? 68  LEU A CD2 1 
ATOM   96   N N   . GLU A 1 13  ? 10.627  -0.841  11.157  1.00 50.55 ? 69  GLU A N   1 
ATOM   97   C CA  . GLU A 1 13  ? 10.866  -0.322  12.502  1.00 48.00 ? 69  GLU A CA  1 
ATOM   98   C C   . GLU A 1 13  ? 10.008  -1.038  13.538  1.00 42.51 ? 69  GLU A C   1 
ATOM   99   O O   . GLU A 1 13  ? 9.566   -0.442  14.518  1.00 47.88 ? 69  GLU A O   1 
ATOM   100  C CB  . GLU A 1 13  ? 10.647  1.195   12.559  1.00 47.09 ? 69  GLU A CB  1 
ATOM   101  C CG  . GLU A 1 13  ? 11.547  1.948   11.594  1.00 43.64 ? 69  GLU A CG  1 
ATOM   102  C CD  . GLU A 1 13  ? 11.349  3.451   11.624  1.00 43.64 ? 69  GLU A CD  1 
ATOM   103  O OE1 . GLU A 1 13  ? 10.888  3.982   12.662  1.00 40.16 ? 69  GLU A OE1 1 
ATOM   104  O OE2 . GLU A 1 13  ? 11.643  4.095   10.593  1.00 43.47 ? 69  GLU A OE2 1 
ATOM   105  N N   . GLY A 1 14  ? 9.769   -2.328  13.333  1.00 47.12 ? 70  GLY A N   1 
ATOM   106  C CA  . GLY A 1 14  ? 8.887   -3.049  14.234  1.00 50.56 ? 70  GLY A CA  1 
ATOM   107  C C   . GLY A 1 14  ? 7.475   -2.510  14.254  1.00 55.76 ? 70  GLY A C   1 
ATOM   108  O O   . GLY A 1 14  ? 6.839   -2.482  15.311  1.00 57.48 ? 70  GLY A O   1 
ATOM   109  N N   . LYS A 1 15  ? 6.980   -2.039  13.116  1.00 53.68 ? 71  LYS A N   1 
ATOM   110  C CA  . LYS A 1 15  ? 5.592   -1.653  12.971  1.00 50.00 ? 71  LYS A CA  1 
ATOM   111  C C   . LYS A 1 15  ? 5.046   -2.300  11.710  1.00 50.58 ? 71  LYS A C   1 
ATOM   112  O O   . LYS A 1 15  ? 5.782   -2.879  10.910  1.00 51.02 ? 71  LYS A O   1 
ATOM   113  C CB  . LYS A 1 15  ? 5.428   -0.134  12.916  1.00 45.72 ? 71  LYS A CB  1 
ATOM   114  C CG  . LYS A 1 15  ? 5.669   0.536   14.237  1.00 50.07 ? 71  LYS A CG  1 
ATOM   115  C CD  . LYS A 1 15  ? 5.523   2.030   14.093  1.00 48.90 ? 71  LYS A CD  1 
ATOM   116  C CE  . LYS A 1 15  ? 5.613   2.725   15.435  1.00 48.82 ? 71  LYS A CE  1 
ATOM   117  N NZ  . LYS A 1 15  ? 6.700   2.114   16.242  1.00 61.87 ? 71  LYS A NZ  1 
ATOM   118  N N   . VAL A 1 16  ? 3.741   -2.183  11.526  1.00 50.74 ? 72  VAL A N   1 
ATOM   119  C CA  . VAL A 1 16  ? 3.055   -2.837  10.425  1.00 50.58 ? 72  VAL A CA  1 
ATOM   120  C C   . VAL A 1 16  ? 2.610   -1.775  9.435   1.00 44.86 ? 72  VAL A C   1 
ATOM   121  O O   . VAL A 1 16  ? 2.011   -0.765  9.826   1.00 50.44 ? 72  VAL A O   1 
ATOM   122  C CB  . VAL A 1 16  ? 1.866   -3.662  10.931  1.00 53.05 ? 72  VAL A CB  1 
ATOM   123  C CG1 . VAL A 1 16  ? 1.244   -4.393  9.787   1.00 54.78 ? 72  VAL A CG1 1 
ATOM   124  C CG2 . VAL A 1 16  ? 2.344   -4.623  11.983  1.00 55.19 ? 72  VAL A CG2 1 
ATOM   125  N N   . ILE A 1 17  ? 2.910   -1.999  8.162   1.00 41.95 ? 73  ILE A N   1 
ATOM   126  C CA  . ILE A 1 17  ? 2.525   -1.097  7.088   1.00 46.22 ? 73  ILE A CA  1 
ATOM   127  C C   . ILE A 1 17  ? 1.622   -1.844  6.129   1.00 42.57 ? 73  ILE A C   1 
ATOM   128  O O   . ILE A 1 17  ? 2.012   -2.874  5.568   1.00 45.85 ? 73  ILE A O   1 
ATOM   129  C CB  . ILE A 1 17  ? 3.736   -0.532  6.339   1.00 43.89 ? 73  ILE A CB  1 
ATOM   130  C CG1 . ILE A 1 17  ? 4.563   0.352   7.267   1.00 44.05 ? 73  ILE A CG1 1 
ATOM   131  C CG2 . ILE A 1 17  ? 3.269   0.261   5.139   1.00 40.91 ? 73  ILE A CG2 1 
ATOM   132  C CD1 . ILE A 1 17  ? 5.934   0.599   6.740   1.00 44.86 ? 73  ILE A CD1 1 
ATOM   133  N N   . LEU A 1 18  ? 0.437   -1.308  5.918   1.00 40.17 ? 74  LEU A N   1 
ATOM   134  C CA  . LEU A 1 18  ? -0.479  -1.799  4.905   1.00 40.79 ? 74  LEU A CA  1 
ATOM   135  C C   . LEU A 1 18  ? -0.237  -1.078  3.588   1.00 43.06 ? 74  LEU A C   1 
ATOM   136  O O   . LEU A 1 18  ? -0.233  0.159   3.547   1.00 41.34 ? 74  LEU A O   1 
ATOM   137  C CB  . LEU A 1 18  ? -1.911  -1.568  5.365   1.00 43.86 ? 74  LEU A CB  1 
ATOM   138  C CG  . LEU A 1 18  ? -2.644  -2.865  5.628   1.00 46.03 ? 74  LEU A CG  1 
ATOM   139  C CD1 . LEU A 1 18  ? -4.004  -2.554  6.198   1.00 41.87 ? 74  LEU A CD1 1 
ATOM   140  C CD2 . LEU A 1 18  ? -2.750  -3.552  4.294   1.00 46.55 ? 74  LEU A CD2 1 
ATOM   141  N N   . VAL A 1 19  ? -0.056  -1.839  2.514   1.00 36.73 ? 75  VAL A N   1 
ATOM   142  C CA  . VAL A 1 19  ? 0.221   -1.283  1.192   1.00 37.60 ? 75  VAL A CA  1 
ATOM   143  C C   . VAL A 1 19  ? -0.834  -1.752  0.206   1.00 43.92 ? 75  VAL A C   1 
ATOM   144  O O   . VAL A 1 19  ? -1.040  -2.965  0.042   1.00 38.76 ? 75  VAL A O   1 
ATOM   145  C CB  . VAL A 1 19  ? 1.615   -1.681  0.688   1.00 35.64 ? 75  VAL A CB  1 
ATOM   146  C CG1 . VAL A 1 19  ? 1.800   -1.161  -0.720  1.00 35.82 ? 75  VAL A CG1 1 
ATOM   147  C CG2 . VAL A 1 19  ? 2.688   -1.137  1.636   1.00 41.73 ? 75  VAL A CG2 1 
ATOM   148  N N   . ALA A 1 20  ? -1.479  -0.793  -0.463  1.00 33.67 ? 76  ALA A N   1 
ATOM   149  C CA  . ALA A 1 20  ? -2.333  -1.056  -1.618  1.00 32.02 ? 76  ALA A CA  1 
ATOM   150  C C   . ALA A 1 20  ? -1.700  -0.476  -2.884  1.00 38.13 ? 76  ALA A C   1 
ATOM   151  O O   . ALA A 1 20  ? -1.290  0.698   -2.920  1.00 31.05 ? 76  ALA A O   1 
ATOM   152  C CB  . ALA A 1 20  ? -3.742  -0.494  -1.416  1.00 27.65 ? 76  ALA A CB  1 
ATOM   153  N N   . VAL A 1 21  ? -1.623  -1.305  -3.917  1.00 31.40 ? 77  VAL A N   1 
ATOM   154  C CA  . VAL A 1 21  ? -1.053  -0.950  -5.207  1.00 31.48 ? 77  VAL A CA  1 
ATOM   155  C C   . VAL A 1 21  ? -2.131  -1.127  -6.250  1.00 36.35 ? 77  VAL A C   1 
ATOM   156  O O   . VAL A 1 21  ? -2.672  -2.228  -6.408  1.00 33.36 ? 77  VAL A O   1 
ATOM   157  C CB  . VAL A 1 21  ? 0.160   -1.821  -5.557  1.00 34.00 ? 77  VAL A CB  1 
ATOM   158  C CG1 . VAL A 1 21  ? 0.656   -1.478  -6.961  1.00 36.28 ? 77  VAL A CG1 1 
ATOM   159  C CG2 . VAL A 1 21  ? 1.241   -1.677  -4.496  1.00 38.76 ? 77  VAL A CG2 1 
ATOM   160  N N   . HIS A 1 22  ? -2.463  -0.051  -6.945  1.00 28.49 ? 78  HIS A N   1 
ATOM   161  C CA  . HIS A 1 22  ? -3.306  -0.159  -8.124  1.00 31.01 ? 78  HIS A CA  1 
ATOM   162  C C   . HIS A 1 22  ? -2.443  -0.681  -9.269  1.00 34.78 ? 78  HIS A C   1 
ATOM   163  O O   . HIS A 1 22  ? -1.620  0.057   -9.830  1.00 30.38 ? 78  HIS A O   1 
ATOM   164  C CB  . HIS A 1 22  ? -3.922  1.193   -8.444  1.00 31.10 ? 78  HIS A CB  1 
ATOM   165  C CG  . HIS A 1 22  ? -4.856  1.179   -9.611  1.00 32.89 ? 78  HIS A CG  1 
ATOM   166  N ND1 . HIS A 1 22  ? -4.521  1.718   -10.838 1.00 31.69 ? 78  HIS A ND1 1 
ATOM   167  C CD2 . HIS A 1 22  ? -6.122  0.713   -9.738  1.00 38.38 ? 78  HIS A CD2 1 
ATOM   168  C CE1 . HIS A 1 22  ? -5.541  1.577   -11.669 1.00 36.15 ? 78  HIS A CE1 1 
ATOM   169  N NE2 . HIS A 1 22  ? -6.525  0.971   -11.027 1.00 36.84 ? 78  HIS A NE2 1 
ATOM   170  N N   . VAL A 1 23  ? -2.631  -1.954  -9.621  1.00 35.19 ? 79  VAL A N   1 
ATOM   171  C CA  . VAL A 1 23  ? -1.643  -2.647  -10.446 1.00 33.42 ? 79  VAL A CA  1 
ATOM   172  C C   . VAL A 1 23  ? -1.435  -1.935  -11.775 1.00 34.22 ? 79  VAL A C   1 
ATOM   173  O O   . VAL A 1 23  ? -0.301  -1.775  -12.235 1.00 39.28 ? 79  VAL A O   1 
ATOM   174  C CB  . VAL A 1 23  ? -2.064  -4.113  -10.653 1.00 41.34 ? 79  VAL A CB  1 
ATOM   175  C CG1 . VAL A 1 23  ? -1.094  -4.802  -11.599 1.00 40.65 ? 79  VAL A CG1 1 
ATOM   176  C CG2 . VAL A 1 23  ? -2.101  -4.832  -9.318  1.00 37.41 ? 79  VAL A CG2 1 
ATOM   177  N N   . ALA A 1 24  ? -2.517  -1.461  -12.388 1.00 34.84 ? 80  ALA A N   1 
ATOM   178  C CA  . ALA A 1 24  ? -2.442  -0.947  -13.747 1.00 34.05 ? 80  ALA A CA  1 
ATOM   179  C C   . ALA A 1 24  ? -1.694  0.375   -13.829 1.00 35.22 ? 80  ALA A C   1 
ATOM   180  O O   . ALA A 1 24  ? -1.157  0.720   -14.890 1.00 35.31 ? 80  ALA A O   1 
ATOM   181  C CB  . ALA A 1 24  ? -3.843  -0.768  -14.317 1.00 38.63 ? 80  ALA A CB  1 
ATOM   182  N N   . SER A 1 25  ? -1.666  1.140   -12.748 1.00 32.76 ? 81  SER A N   1 
ATOM   183  C CA  . SER A 1 25  ? -1.040  2.451   -12.769 1.00 28.56 ? 81  SER A CA  1 
ATOM   184  C C   . SER A 1 25  ? 0.242   2.520   -11.968 1.00 31.98 ? 81  SER A C   1 
ATOM   185  O O   . SER A 1 25  ? 1.023   3.457   -12.161 1.00 33.06 ? 81  SER A O   1 
ATOM   186  C CB  . SER A 1 25  ? -2.019  3.499   -12.228 1.00 27.77 ? 81  SER A CB  1 
ATOM   187  O OG  . SER A 1 25  ? -2.429  3.143   -10.922 1.00 30.24 ? 81  SER A OG  1 
ATOM   188  N N   . GLY A 1 26  ? 0.463   1.578   -11.060 1.00 34.19 ? 82  GLY A N   1 
ATOM   189  C CA  . GLY A 1 26  ? 1.472   1.699   -10.036 1.00 31.93 ? 82  GLY A CA  1 
ATOM   190  C C   . GLY A 1 26  ? 1.132   2.657   -8.908  1.00 31.98 ? 82  GLY A C   1 
ATOM   191  O O   . GLY A 1 26  ? 1.969   2.868   -8.038  1.00 33.19 ? 82  GLY A O   1 
ATOM   192  N N   . TYR A 1 27  ? -0.068  3.231   -8.889  1.00 32.67 ? 83  TYR A N   1 
ATOM   193  C CA  . TYR A 1 27  ? -0.454  4.094   -7.784  1.00 28.97 ? 83  TYR A CA  1 
ATOM   194  C C   . TYR A 1 27  ? -0.482  3.321   -6.474  1.00 33.98 ? 83  TYR A C   1 
ATOM   195  O O   . TYR A 1 27  ? -0.940  2.166   -6.404  1.00 30.49 ? 83  TYR A O   1 
ATOM   196  C CB  . TYR A 1 27  ? -1.809  4.737   -8.070  1.00 25.19 ? 83  TYR A CB  1 
ATOM   197  C CG  . TYR A 1 27  ? -2.447  5.404   -6.893  1.00 30.40 ? 83  TYR A CG  1 
ATOM   198  C CD1 . TYR A 1 27  ? -3.305  4.705   -6.078  1.00 31.26 ? 83  TYR A CD1 1 
ATOM   199  C CD2 . TYR A 1 27  ? -2.202  6.754   -6.595  1.00 25.38 ? 83  TYR A CD2 1 
ATOM   200  C CE1 . TYR A 1 27  ? -3.903  5.291   -5.012  1.00 32.46 ? 83  TYR A CE1 1 
ATOM   201  C CE2 . TYR A 1 27  ? -2.790  7.350   -5.517  1.00 29.26 ? 83  TYR A CE2 1 
ATOM   202  C CZ  . TYR A 1 27  ? -3.656  6.622   -4.735  1.00 35.75 ? 83  TYR A CZ  1 
ATOM   203  O OH  . TYR A 1 27  ? -4.264  7.189   -3.653  1.00 40.01 ? 83  TYR A OH  1 
ATOM   204  N N   . ILE A 1 28  ? -0.020  3.981   -5.420  1.00 25.88 ? 84  ILE A N   1 
ATOM   205  C CA  . ILE A 1 28  ? 0.116   3.361   -4.107  1.00 29.39 ? 84  ILE A CA  1 
ATOM   206  C C   . ILE A 1 28  ? -0.657  4.144   -3.056  1.00 34.89 ? 84  ILE A C   1 
ATOM   207  O O   . ILE A 1 28  ? -0.681  5.386   -3.059  1.00 30.04 ? 84  ILE A O   1 
ATOM   208  C CB  . ILE A 1 28  ? 1.602   3.249   -3.711  1.00 35.48 ? 84  ILE A CB  1 
ATOM   209  C CG1 . ILE A 1 28  ? 2.275   2.155   -4.536  1.00 37.30 ? 84  ILE A CG1 1 
ATOM   210  C CG2 . ILE A 1 28  ? 1.761   2.919   -2.244  1.00 38.49 ? 84  ILE A CG2 1 
ATOM   211  C CD1 . ILE A 1 28  ? 3.753   2.045   -4.256  1.00 42.28 ? 84  ILE A CD1 1 
ATOM   212  N N   . GLU A 1 29  ? -1.266  3.409   -2.141  1.00 29.49 ? 85  GLU A N   1 
ATOM   213  C CA  . GLU A 1 29  ? -1.717  3.926   -0.852  1.00 31.59 ? 85  GLU A CA  1 
ATOM   214  C C   . GLU A 1 29  ? -1.178  3.043   0.257   1.00 35.79 ? 85  GLU A C   1 
ATOM   215  O O   . GLU A 1 29  ? -1.093  1.819   0.107   1.00 35.50 ? 85  GLU A O   1 
ATOM   216  C CB  . GLU A 1 29  ? -3.246  4.002   -0.734  1.00 37.95 ? 85  GLU A CB  1 
ATOM   217  C CG  . GLU A 1 29  ? -3.810  5.020   -1.644  1.00 40.99 ? 85  GLU A CG  1 
ATOM   218  C CD  . GLU A 1 29  ? -5.216  5.441   -1.319  1.00 41.19 ? 85  GLU A CD  1 
ATOM   219  O OE1 . GLU A 1 29  ? -5.795  5.002   -0.299  1.00 43.56 ? 85  GLU A OE1 1 
ATOM   220  O OE2 . GLU A 1 29  ? -5.746  6.222   -2.127  1.00 44.73 ? 85  GLU A OE2 1 
ATOM   221  N N   . ALA A 1 30  ? -0.808  3.666   1.373   1.00 32.98 ? 86  ALA A N   1 
ATOM   222  C CA  . ALA A 1 30  ? -0.157  2.924   2.440   1.00 31.35 ? 86  ALA A CA  1 
ATOM   223  C C   . ALA A 1 30  ? -0.474  3.578   3.772   1.00 42.04 ? 86  ALA A C   1 
ATOM   224  O O   . ALA A 1 30  ? -0.718  4.788   3.847   1.00 41.66 ? 86  ALA A O   1 
ATOM   225  C CB  . ALA A 1 30  ? 1.356   2.844   2.229   1.00 34.12 ? 86  ALA A CB  1 
ATOM   226  N N   . GLU A 1 31  ? -0.463  2.771   4.827   1.00 38.64 ? 87  GLU A N   1 
ATOM   227  C CA  . GLU A 1 31  ? -0.695  3.319   6.154   1.00 41.92 ? 87  GLU A CA  1 
ATOM   228  C C   . GLU A 1 31  ? -0.028  2.445   7.202   1.00 39.30 ? 87  GLU A C   1 
ATOM   229  O O   . GLU A 1 31  ? 0.061   1.225   7.038   1.00 40.17 ? 87  GLU A O   1 
ATOM   230  C CB  . GLU A 1 31  ? -2.188  3.449   6.450   1.00 45.21 ? 87  GLU A CB  1 
ATOM   231  C CG  . GLU A 1 31  ? -2.457  4.375   7.611   1.00 50.23 ? 87  GLU A CG  1 
ATOM   232  C CD  . GLU A 1 31  ? -3.439  5.454   7.252   1.00 56.01 ? 87  GLU A CD  1 
ATOM   233  O OE1 . GLU A 1 31  ? -3.680  6.345   8.098   1.00 62.21 ? 87  GLU A OE1 1 
ATOM   234  O OE2 . GLU A 1 31  ? -3.975  5.400   6.118   1.00 58.62 ? 87  GLU A OE2 1 
ATOM   235  N N   . VAL A 1 32  ? 0.461   3.078   8.264   1.00 46.78 ? 88  VAL A N   1 
ATOM   236  C CA  . VAL A 1 32  ? 0.950   2.337   9.421   1.00 46.16 ? 88  VAL A CA  1 
ATOM   237  C C   . VAL A 1 32  ? -0.246  2.005   10.300  1.00 45.82 ? 88  VAL A C   1 
ATOM   238  O O   . VAL A 1 32  ? -0.977  2.904   10.728  1.00 46.72 ? 88  VAL A O   1 
ATOM   239  C CB  . VAL A 1 32  ? 2.014   3.137   10.182  1.00 43.18 ? 88  VAL A CB  1 
ATOM   240  C CG1 . VAL A 1 32  ? 2.196   2.610   11.592  1.00 46.04 ? 88  VAL A CG1 1 
ATOM   241  C CG2 . VAL A 1 32  ? 3.334   3.043   9.451   1.00 42.48 ? 88  VAL A CG2 1 
ATOM   242  N N   . ILE A 1 33  ? -0.481  0.716   10.521  1.00 46.53 ? 89  ILE A N   1 
ATOM   243  C CA  . ILE A 1 33  ? -1.652  0.269   11.277  1.00 51.86 ? 89  ILE A CA  1 
ATOM   244  C C   . ILE A 1 33  ? -1.216  -0.173  12.669  1.00 55.98 ? 89  ILE A C   1 
ATOM   245  O O   . ILE A 1 33  ? -0.101  -0.691  12.840  1.00 57.29 ? 89  ILE A O   1 
ATOM   246  C CB  . ILE A 1 33  ? -2.410  -0.866  10.564  1.00 49.33 ? 89  ILE A CB  1 
ATOM   247  C CG1 . ILE A 1 33  ? -1.465  -1.989  10.152  1.00 48.42 ? 89  ILE A CG1 1 
ATOM   248  C CG2 . ILE A 1 33  ? -3.192  -0.341  9.369   1.00 44.72 ? 89  ILE A CG2 1 
ATOM   249  C CD1 . ILE A 1 33  ? -2.171  -3.141  9.492   1.00 50.30 ? 89  ILE A CD1 1 
ATOM   250  N N   . PRO A 1 34  ? -2.057  0.026   13.685  1.00 60.03 ? 90  PRO A N   1 
ATOM   251  C CA  . PRO A 1 34  ? -1.678  -0.401  15.041  1.00 59.71 ? 90  PRO A CA  1 
ATOM   252  C C   . PRO A 1 34  ? -1.357  -1.876  15.150  1.00 60.84 ? 90  PRO A C   1 
ATOM   253  O O   . PRO A 1 34  ? -0.421  -2.239  15.873  1.00 61.87 ? 90  PRO A O   1 
ATOM   254  C CB  . PRO A 1 34  ? -2.910  -0.024  15.868  1.00 62.70 ? 90  PRO A CB  1 
ATOM   255  C CG  . PRO A 1 34  ? -3.485  1.151   15.144  1.00 63.86 ? 90  PRO A CG  1 
ATOM   256  C CD  . PRO A 1 34  ? -3.283  0.845   13.687  1.00 61.42 ? 90  PRO A CD  1 
ATOM   257  N N   . ALA A 1 35  ? -2.091  -2.738  14.447  1.00 59.81 ? 91  ALA A N   1 
ATOM   258  C CA  . ALA A 1 35  ? -1.862  -4.169  14.569  1.00 59.15 ? 91  ALA A CA  1 
ATOM   259  C C   . ALA A 1 35  ? -2.308  -4.880  13.301  1.00 62.56 ? 91  ALA A C   1 
ATOM   260  O O   . ALA A 1 35  ? -3.204  -4.421  12.585  1.00 62.28 ? 91  ALA A O   1 
ATOM   261  C CB  . ALA A 1 35  ? -2.589  -4.748  15.786  1.00 67.32 ? 91  ALA A CB  1 
ATOM   262  N N   . GLU A 1 36  ? -1.685  -6.034  13.058  1.00 65.11 ? 92  GLU A N   1 
ATOM   263  C CA  . GLU A 1 36  ? -1.882  -6.826  11.849  1.00 61.81 ? 92  GLU A CA  1 
ATOM   264  C C   . GLU A 1 36  ? -3.180  -7.629  11.919  1.00 67.59 ? 92  GLU A C   1 
ATOM   265  O O   . GLU A 1 36  ? -3.176  -8.849  11.720  1.00 67.88 ? 92  GLU A O   1 
ATOM   266  C CB  . GLU A 1 36  ? -0.675  -7.748  11.651  1.00 60.06 ? 92  GLU A CB  1 
ATOM   267  C CG  . GLU A 1 36  ? -0.440  -8.224  10.234  1.00 65.19 ? 92  GLU A CG  1 
ATOM   268  C CD  . GLU A 1 36  ? 0.996   -8.687  10.001  1.00 69.17 ? 92  GLU A CD  1 
ATOM   269  O OE1 . GLU A 1 36  ? 1.844   -8.497  10.904  1.00 68.73 ? 92  GLU A OE1 1 
ATOM   270  O OE2 . GLU A 1 36  ? 1.275   -9.235  8.910   1.00 68.84 ? 92  GLU A OE2 1 
ATOM   271  N N   . THR A 1 37  ? -4.293  -6.957  12.200  1.00 64.74 ? 93  THR A N   1 
ATOM   272  C CA  . THR A 1 37  ? -5.575  -7.606  12.424  1.00 59.54 ? 93  THR A CA  1 
ATOM   273  C C   . THR A 1 37  ? -6.529  -7.332  11.272  1.00 61.77 ? 93  THR A C   1 
ATOM   274  O O   . THR A 1 37  ? -6.365  -6.374  10.512  1.00 56.41 ? 93  THR A O   1 
ATOM   275  C CB  . THR A 1 37  ? -6.220  -7.124  13.725  1.00 61.76 ? 93  THR A CB  1 
ATOM   276  O OG1 . THR A 1 37  ? -6.849  -5.855  13.501  1.00 62.61 ? 93  THR A OG1 1 
ATOM   277  C CG2 . THR A 1 37  ? -5.172  -6.967  14.802  1.00 66.26 ? 93  THR A CG2 1 
ATOM   278  N N   . GLY A 1 38  ? -7.545  -8.191  11.163  1.00 60.71 ? 94  GLY A N   1 
ATOM   279  C CA  . GLY A 1 38  ? -8.598  -7.955  10.196  1.00 56.44 ? 94  GLY A CA  1 
ATOM   280  C C   . GLY A 1 38  ? -9.316  -6.638  10.416  1.00 53.78 ? 94  GLY A C   1 
ATOM   281  O O   . GLY A 1 38  ? -9.729  -5.987  9.453   1.00 52.80 ? 94  GLY A O   1 
ATOM   282  N N   . GLN A 1 39  ? -9.473  -6.224  11.677  1.00 51.79 ? 95  GLN A N   1 
ATOM   283  C CA  . GLN A 1 39  ? -10.184 -4.981  11.962  1.00 54.56 ? 95  GLN A CA  1 
ATOM   284  C C   . GLN A 1 39  ? -9.514  -3.799  11.268  1.00 46.25 ? 95  GLN A C   1 
ATOM   285  O O   . GLN A 1 39  ? -10.168 -3.035  10.562  1.00 43.48 ? 95  GLN A O   1 
ATOM   286  C CB  . GLN A 1 39  ? -10.267 -4.747  13.472  1.00 50.20 ? 95  GLN A CB  1 
ATOM   287  N N   . GLU A 1 40  ? -8.198  -3.673  11.421  1.00 48.47 ? 96  GLU A N   1 
ATOM   288  C CA  . GLU A 1 40  ? -7.464  -2.560  10.820  1.00 50.52 ? 96  GLU A CA  1 
ATOM   289  C C   . GLU A 1 40  ? -7.405  -2.669  9.299   1.00 45.08 ? 96  GLU A C   1 
ATOM   290  O O   . GLU A 1 40  ? -7.396  -1.644  8.607   1.00 41.65 ? 96  GLU A O   1 
ATOM   291  C CB  . GLU A 1 40  ? -6.055  -2.499  11.413  1.00 52.32 ? 96  GLU A CB  1 
ATOM   292  C CG  . GLU A 1 40  ? -6.030  -2.016  12.856  1.00 53.28 ? 96  GLU A CG  1 
ATOM   293  C CD  . GLU A 1 40  ? -6.641  -0.626  12.998  1.00 65.09 ? 96  GLU A CD  1 
ATOM   294  O OE1 . GLU A 1 40  ? -6.213  0.284   12.251  1.00 61.68 ? 96  GLU A OE1 1 
ATOM   295  O OE2 . GLU A 1 40  ? -7.561  -0.451  13.834  1.00 67.41 ? 96  GLU A OE2 1 
ATOM   296  N N   . THR A 1 41  ? -7.372  -3.892  8.765   1.00 43.04 ? 97  THR A N   1 
ATOM   297  C CA  . THR A 1 41  ? -7.390  -4.079  7.318   1.00 43.38 ? 97  THR A CA  1 
ATOM   298  C C   . THR A 1 41  ? -8.753  -3.728  6.741   1.00 43.53 ? 97  THR A C   1 
ATOM   299  O O   . THR A 1 41  ? -8.852  -3.221  5.615   1.00 41.89 ? 97  THR A O   1 
ATOM   300  C CB  . THR A 1 41  ? -7.019  -5.525  6.977   1.00 44.76 ? 97  THR A CB  1 
ATOM   301  O OG1 . THR A 1 41  ? -5.723  -5.816  7.500   1.00 55.11 ? 97  THR A OG1 1 
ATOM   302  C CG2 . THR A 1 41  ? -6.992  -5.737  5.490   1.00 44.72 ? 97  THR A CG2 1 
ATOM   303  N N   . ALA A 1 42  ? -9.815  -3.995  7.496   1.00 41.45 ? 98  ALA A N   1 
ATOM   304  C CA  . ALA A 1 42  ? -11.153 -3.662  7.030   1.00 41.45 ? 98  ALA A CA  1 
ATOM   305  C C   . ALA A 1 42  ? -11.351 -2.161  6.995   1.00 37.92 ? 98  ALA A C   1 
ATOM   306  O O   . ALA A 1 42  ? -11.984 -1.630  6.077   1.00 37.66 ? 98  ALA A O   1 
ATOM   307  C CB  . ALA A 1 42  ? -12.202 -4.303  7.936   1.00 47.58 ? 98  ALA A CB  1 
ATOM   308  N N   . TYR A 1 43  ? -10.838 -1.466  8.007   1.00 36.76 ? 99  TYR A N   1 
ATOM   309  C CA  . TYR A 1 43  ? -10.916 -0.017  8.006   1.00 39.95 ? 99  TYR A CA  1 
ATOM   310  C C   . TYR A 1 43  ? -10.212 0.565   6.780   1.00 32.33 ? 99  TYR A C   1 
ATOM   311  O O   . TYR A 1 43  ? -10.801 1.336   6.019   1.00 34.16 ? 99  TYR A O   1 
ATOM   312  C CB  . TYR A 1 43  ? -10.309 0.513   9.299   1.00 35.70 ? 99  TYR A CB  1 
ATOM   313  C CG  . TYR A 1 43  ? -10.579 1.950   9.488   1.00 39.51 ? 99  TYR A CG  1 
ATOM   314  C CD1 . TYR A 1 43  ? -11.873 2.414   9.514   1.00 36.70 ? 99  TYR A CD1 1 
ATOM   315  C CD2 . TYR A 1 43  ? -9.538  2.866   9.620   1.00 43.03 ? 99  TYR A CD2 1 
ATOM   316  C CE1 . TYR A 1 43  ? -12.144 3.741   9.694   1.00 40.35 ? 99  TYR A CE1 1 
ATOM   317  C CE2 . TYR A 1 43  ? -9.801  4.204   9.787   1.00 43.51 ? 99  TYR A CE2 1 
ATOM   318  C CZ  . TYR A 1 43  ? -11.111 4.640   9.819   1.00 41.22 ? 99  TYR A CZ  1 
ATOM   319  O OH  . TYR A 1 43  ? -11.406 5.975   10.000  1.00 49.32 ? 99  TYR A OH  1 
ATOM   320  N N   . PHE A 1 44  ? -8.951  0.176   6.570   1.00 37.72 ? 100 PHE A N   1 
ATOM   321  C CA  . PHE A 1 44  ? -8.165  0.616   5.419   1.00 35.05 ? 100 PHE A CA  1 
ATOM   322  C C   . PHE A 1 44  ? -8.895  0.350   4.107   1.00 36.50 ? 100 PHE A C   1 
ATOM   323  O O   . PHE A 1 44  ? -9.001  1.234   3.255   1.00 34.58 ? 100 PHE A O   1 
ATOM   324  C CB  . PHE A 1 44  ? -6.810  -0.096  5.465   1.00 33.17 ? 100 PHE A CB  1 
ATOM   325  C CG  . PHE A 1 44  ? -5.874  0.243   4.343   1.00 35.81 ? 100 PHE A CG  1 
ATOM   326  C CD1 . PHE A 1 44  ? -5.897  -0.470  3.157   1.00 39.82 ? 100 PHE A CD1 1 
ATOM   327  C CD2 . PHE A 1 44  ? -4.914  1.234   4.501   1.00 37.99 ? 100 PHE A CD2 1 
ATOM   328  C CE1 . PHE A 1 44  ? -5.011  -0.181  2.123   1.00 43.27 ? 100 PHE A CE1 1 
ATOM   329  C CE2 . PHE A 1 44  ? -4.009  1.520   3.476   1.00 35.43 ? 100 PHE A CE2 1 
ATOM   330  C CZ  . PHE A 1 44  ? -4.060  0.811   2.280   1.00 35.98 ? 100 PHE A CZ  1 
ATOM   331  N N   . LEU A 1 45  ? -9.424  -0.865  3.932   1.00 36.49 ? 101 LEU A N   1 
ATOM   332  C CA  . LEU A 1 45  ? -10.147 -1.189  2.709   1.00 37.25 ? 101 LEU A CA  1 
ATOM   333  C C   . LEU A 1 45  ? -11.382 -0.320  2.531   1.00 37.19 ? 101 LEU A C   1 
ATOM   334  O O   . LEU A 1 45  ? -11.699 0.103   1.411   1.00 34.50 ? 101 LEU A O   1 
ATOM   335  C CB  . LEU A 1 45  ? -10.536 -2.660  2.707   1.00 44.07 ? 101 LEU A CB  1 
ATOM   336  C CG  . LEU A 1 45  ? -9.508  -3.550  2.015   1.00 49.23 ? 101 LEU A CG  1 
ATOM   337  C CD1 . LEU A 1 45  ? -9.896  -5.023  2.167   1.00 50.22 ? 101 LEU A CD1 1 
ATOM   338  C CD2 . LEU A 1 45  ? -9.376  -3.170  0.545   1.00 40.11 ? 101 LEU A CD2 1 
ATOM   339  N N   . LEU A 1 46  ? -12.104 -0.056  3.618   1.00 33.93 ? 102 LEU A N   1 
ATOM   340  C CA  . LEU A 1 46  ? -13.301 0.766   3.504   1.00 36.84 ? 102 LEU A CA  1 
ATOM   341  C C   . LEU A 1 46  ? -12.958 2.161   3.010   1.00 32.10 ? 102 LEU A C   1 
ATOM   342  O O   . LEU A 1 46  ? -13.647 2.711   2.145   1.00 32.56 ? 102 LEU A O   1 
ATOM   343  C CB  . LEU A 1 46  ? -13.995 0.860   4.858   1.00 40.36 ? 102 LEU A CB  1 
ATOM   344  C CG  . LEU A 1 46  ? -15.506 0.856   4.777   1.00 45.29 ? 102 LEU A CG  1 
ATOM   345  C CD1 . LEU A 1 46  ? -15.944 -0.530  4.357   1.00 49.41 ? 102 LEU A CD1 1 
ATOM   346  C CD2 . LEU A 1 46  ? -16.084 1.206   6.142   1.00 41.44 ? 102 LEU A CD2 1 
ATOM   347  N N   . LYS A 1 47  ? -11.916 2.758   3.587   1.00 34.81 ? 103 LYS A N   1 
ATOM   348  C CA  . LYS A 1 47  ? -11.416 4.043   3.107   1.00 36.60 ? 103 LYS A CA  1 
ATOM   349  C C   . LYS A 1 47  ? -11.005 3.956   1.644   1.00 35.69 ? 103 LYS A C   1 
ATOM   350  O O   . LYS A 1 47  ? -11.352 4.827   0.840   1.00 33.68 ? 103 LYS A O   1 
ATOM   351  C CB  . LYS A 1 47  ? -10.225 4.492   3.961   1.00 35.96 ? 103 LYS A CB  1 
ATOM   352  C CG  . LYS A 1 47  ? -10.561 4.857   5.385   1.00 38.86 ? 103 LYS A CG  1 
ATOM   353  C CD  . LYS A 1 47  ? -9.490  5.723   6.033   1.00 41.86 ? 103 LYS A CD  1 
ATOM   354  C CE  . LYS A 1 47  ? -8.159  5.017   6.071   1.00 43.01 ? 103 LYS A CE  1 
ATOM   355  N NZ  . LYS A 1 47  ? -7.543  5.039   7.424   1.00 54.31 ? 103 LYS A NZ  1 
ATOM   356  N N   . LEU A 1 48  ? -10.237 2.919   1.282   1.00 31.30 ? 104 LEU A N   1 
ATOM   357  C CA  . LEU A 1 48  ? -9.817  2.767   -0.110  1.00 33.41 ? 104 LEU A CA  1 
ATOM   358  C C   . LEU A 1 48  ? -11.019 2.717   -1.043  1.00 34.79 ? 104 LEU A C   1 
ATOM   359  O O   . LEU A 1 48  ? -11.031 3.348   -2.108  1.00 30.42 ? 104 LEU A O   1 
ATOM   360  C CB  . LEU A 1 48  ? -8.974  1.509   -0.271  1.00 32.67 ? 104 LEU A CB  1 
ATOM   361  C CG  . LEU A 1 48  ? -8.284  1.349   -1.626  1.00 36.13 ? 104 LEU A CG  1 
ATOM   362  C CD1 . LEU A 1 48  ? -7.131  2.376   -1.714  1.00 33.39 ? 104 LEU A CD1 1 
ATOM   363  C CD2 . LEU A 1 48  ? -7.760  -0.056  -1.793  1.00 35.82 ? 104 LEU A CD2 1 
ATOM   364  N N   . ALA A 1 49  ? -12.042 1.963   -0.666  1.00 33.91 ? 105 ALA A N   1 
ATOM   365  C CA  . ALA A 1 49  ? -13.165 1.770   -1.573  1.00 33.31 ? 105 ALA A CA  1 
ATOM   366  C C   . ALA A 1 49  ? -14.014 3.025   -1.732  1.00 34.05 ? 105 ALA A C   1 
ATOM   367  O O   . ALA A 1 49  ? -14.725 3.148   -2.727  1.00 34.09 ? 105 ALA A O   1 
ATOM   368  C CB  . ALA A 1 49  ? -14.033 0.617   -1.077  1.00 40.40 ? 105 ALA A CB  1 
ATOM   369  N N   . GLY A 1 50  ? -13.981 3.949   -0.774  1.00 33.56 ? 106 GLY A N   1 
ATOM   370  C CA  . GLY A 1 50  ? -14.775 5.155   -0.950  1.00 33.95 ? 106 GLY A CA  1 
ATOM   371  C C   . GLY A 1 50  ? -14.146 6.198   -1.851  1.00 36.36 ? 106 GLY A C   1 
ATOM   372  O O   . GLY A 1 50  ? -14.811 7.172   -2.221  1.00 37.94 ? 106 GLY A O   1 
ATOM   373  N N   . ARG A 1 51  ? -12.868 6.020   -2.177  1.00 38.57 ? 107 ARG A N   1 
ATOM   374  C CA  . ARG A 1 51  ? -12.085 6.902   -3.041  1.00 36.35 ? 107 ARG A CA  1 
ATOM   375  C C   . ARG A 1 51  ? -12.028 6.437   -4.476  1.00 35.57 ? 107 ARG A C   1 
ATOM   376  O O   . ARG A 1 51  ? -12.056 7.257   -5.385  1.00 39.24 ? 107 ARG A O   1 
ATOM   377  C CB  . ARG A 1 51  ? -10.639 6.982   -2.574  1.00 42.82 ? 107 ARG A CB  1 
ATOM   378  C CG  . ARG A 1 51  ? -10.432 7.403   -1.183  1.00 45.64 ? 107 ARG A CG  1 
ATOM   379  C CD  . ARG A 1 51  ? -9.002  7.859   -1.119  1.00 46.61 ? 107 ARG A CD  1 
ATOM   380  N NE  . ARG A 1 51  ? -8.183  7.038   -0.234  1.00 44.75 ? 107 ARG A NE  1 
ATOM   381  C CZ  . ARG A 1 51  ? -8.227  7.108   1.091   1.00 43.77 ? 107 ARG A CZ  1 
ATOM   382  N NH1 . ARG A 1 51  ? -9.075  7.947   1.680   1.00 52.13 ? 107 ARG A NH1 1 
ATOM   383  N NH2 . ARG A 1 51  ? -7.430  6.344   1.825   1.00 47.57 ? 107 ARG A NH2 1 
ATOM   384  N N   . TRP A 1 52  ? -11.879 5.131   -4.687  1.00 37.40 ? 108 TRP A N   1 
ATOM   385  C CA  . TRP A 1 52  ? -11.578 4.564   -5.986  1.00 32.51 ? 108 TRP A CA  1 
ATOM   386  C C   . TRP A 1 52  ? -12.558 3.446   -6.294  1.00 43.04 ? 108 TRP A C   1 
ATOM   387  O O   . TRP A 1 52  ? -13.090 2.810   -5.372  1.00 38.15 ? 108 TRP A O   1 
ATOM   388  C CB  . TRP A 1 52  ? -10.144 4.000   -6.019  1.00 33.82 ? 108 TRP A CB  1 
ATOM   389  C CG  . TRP A 1 52  ? -9.058  4.946   -5.571  1.00 37.23 ? 108 TRP A CG  1 
ATOM   390  C CD1 . TRP A 1 52  ? -8.333  4.879   -4.427  1.00 33.63 ? 108 TRP A CD1 1 
ATOM   391  C CD2 . TRP A 1 52  ? -8.567  6.076   -6.295  1.00 30.79 ? 108 TRP A CD2 1 
ATOM   392  N NE1 . TRP A 1 52  ? -7.424  5.908   -4.383  1.00 37.02 ? 108 TRP A NE1 1 
ATOM   393  C CE2 . TRP A 1 52  ? -7.551  6.662   -5.518  1.00 36.62 ? 108 TRP A CE2 1 
ATOM   394  C CE3 . TRP A 1 52  ? -8.888  6.646   -7.530  1.00 33.28 ? 108 TRP A CE3 1 
ATOM   395  C CZ2 . TRP A 1 52  ? -6.853  7.801   -5.927  1.00 34.60 ? 108 TRP A CZ2 1 
ATOM   396  C CZ3 . TRP A 1 52  ? -8.193  7.780   -7.943  1.00 31.73 ? 108 TRP A CZ3 1 
ATOM   397  C CH2 . TRP A 1 52  ? -7.184  8.341   -7.140  1.00 33.73 ? 108 TRP A CH2 1 
ATOM   398  N N   . PRO A 1 53  ? -12.805 3.165   -7.582  1.00 43.21 ? 109 PRO A N   1 
ATOM   399  C CA  . PRO A 1 53  ? -13.568 1.958   -7.924  1.00 43.20 ? 109 PRO A CA  1 
ATOM   400  C C   . PRO A 1 53  ? -12.737 0.741   -7.607  1.00 44.90 ? 109 PRO A C   1 
ATOM   401  O O   . PRO A 1 53  ? -11.932 0.331   -8.445  1.00 54.41 ? 109 PRO A O   1 
ATOM   402  C CB  . PRO A 1 53  ? -13.802 2.090   -9.438  1.00 52.02 ? 109 PRO A CB  1 
ATOM   403  C CG  . PRO A 1 53  ? -13.326 3.480   -9.817  1.00 42.92 ? 109 PRO A CG  1 
ATOM   404  C CD  . PRO A 1 53  ? -12.291 3.834   -8.788  1.00 40.83 ? 109 PRO A CD  1 
ATOM   405  N N   . VAL A 1 54  ? -12.875 0.187   -6.407  1.00 42.89 ? 110 VAL A N   1 
ATOM   406  C CA  . VAL A 1 54  ? -12.161 -1.017  -5.998  1.00 45.42 ? 110 VAL A CA  1 
ATOM   407  C C   . VAL A 1 54  ? -13.073 -2.210  -6.266  1.00 49.99 ? 110 VAL A C   1 
ATOM   408  O O   . VAL A 1 54  ? -14.093 -2.384  -5.590  1.00 51.92 ? 110 VAL A O   1 
ATOM   409  C CB  . VAL A 1 54  ? -11.766 -0.965  -4.520  1.00 43.73 ? 110 VAL A CB  1 
ATOM   410  C CG1 . VAL A 1 54  ? -11.091 -2.255  -4.127  1.00 36.42 ? 110 VAL A CG1 1 
ATOM   411  C CG2 . VAL A 1 54  ? -10.850 0.217   -4.236  1.00 32.24 ? 110 VAL A CG2 1 
ATOM   412  N N   . LYS A 1 55  ? -12.717 -3.047  -7.236  1.00 48.16 ? 111 LYS A N   1 
ATOM   413  C CA  . LYS A 1 55  ? -13.551 -4.193  -7.585  1.00 50.66 ? 111 LYS A CA  1 
ATOM   414  C C   . LYS A 1 55  ? -12.995 -5.522  -7.107  1.00 51.13 ? 111 LYS A C   1 
ATOM   415  O O   . LYS A 1 55  ? -13.756 -6.368  -6.629  1.00 54.75 ? 111 LYS A O   1 
ATOM   416  C CB  . LYS A 1 55  ? -13.765 -4.249  -9.100  1.00 48.76 ? 111 LYS A CB  1 
ATOM   417  C CG  . LYS A 1 55  ? -14.428 -3.007  -9.675  1.00 52.67 ? 111 LYS A CG  1 
ATOM   418  C CD  . LYS A 1 55  ? -15.832 -2.803  -9.106  1.00 58.71 ? 111 LYS A CD  1 
ATOM   419  C CE  . LYS A 1 55  ? -15.965 -1.475  -8.348  1.00 60.27 ? 111 LYS A CE  1 
ATOM   420  N NZ  . LYS A 1 55  ? -17.245 -1.348  -7.583  1.00 63.79 ? 111 LYS A NZ  1 
ATOM   421  N N   . THR A 1 56  ? -11.686 -5.726  -7.209  1.00 49.81 ? 112 THR A N   1 
ATOM   422  C CA  . THR A 1 56  ? -11.054 -6.964  -6.789  1.00 50.54 ? 112 THR A CA  1 
ATOM   423  C C   . THR A 1 56  ? -9.769  -6.637  -6.057  1.00 49.48 ? 112 THR A C   1 
ATOM   424  O O   . THR A 1 56  ? -9.011  -5.771  -6.496  1.00 49.15 ? 112 THR A O   1 
ATOM   425  C CB  . THR A 1 56  ? -10.740 -7.867  -7.989  1.00 52.13 ? 112 THR A CB  1 
ATOM   426  O OG1 . THR A 1 56  ? -11.871 -7.894  -8.861  1.00 52.81 ? 112 THR A OG1 1 
ATOM   427  C CG2 . THR A 1 56  ? -10.414 -9.277  -7.534  1.00 53.68 ? 112 THR A CG2 1 
ATOM   428  N N   . ILE A 1 57  ? -9.517  -7.337  -4.954  1.00 53.92 ? 113 ILE A N   1 
ATOM   429  C CA  . ILE A 1 57  ? -8.258  -7.221  -4.230  1.00 52.25 ? 113 ILE A CA  1 
ATOM   430  C C   . ILE A 1 57  ? -7.579  -8.579  -4.229  1.00 50.94 ? 113 ILE A C   1 
ATOM   431  O O   . ILE A 1 57  ? -8.230  -9.608  -4.035  1.00 53.05 ? 113 ILE A O   1 
ATOM   432  C CB  . ILE A 1 57  ? -8.456  -6.693  -2.795  1.00 50.01 ? 113 ILE A CB  1 
ATOM   433  C CG1 . ILE A 1 57  ? -9.332  -7.630  -1.970  1.00 50.59 ? 113 ILE A CG1 1 
ATOM   434  C CG2 . ILE A 1 57  ? -9.067  -5.305  -2.822  1.00 46.66 ? 113 ILE A CG2 1 
ATOM   435  C CD1 . ILE A 1 57  ? -9.236  -7.385  -0.488  1.00 47.67 ? 113 ILE A CD1 1 
ATOM   436  N N   . HIS A 1 58  ? -6.279  -8.577  -4.493  1.00 53.31 ? 114 HIS A N   1 
ATOM   437  C CA  . HIS A 1 58  ? -5.435  -9.753  -4.356  1.00 52.79 ? 114 HIS A CA  1 
ATOM   438  C C   . HIS A 1 58  ? -4.583  -9.577  -3.115  1.00 52.57 ? 114 HIS A C   1 
ATOM   439  O O   . HIS A 1 58  ? -3.897  -8.559  -2.970  1.00 51.91 ? 114 HIS A O   1 
ATOM   440  C CB  . HIS A 1 58  ? -4.534  -9.943  -5.577  1.00 51.44 ? 114 HIS A CB  1 
ATOM   441  C CG  . HIS A 1 58  ? -5.271  -10.277 -6.833  1.00 55.48 ? 114 HIS A CG  1 
ATOM   442  N ND1 . HIS A 1 58  ? -6.050  -9.362  -7.505  1.00 62.64 ? 114 HIS A ND1 1 
ATOM   443  C CD2 . HIS A 1 58  ? -5.338  -11.426 -7.549  1.00 67.15 ? 114 HIS A CD2 1 
ATOM   444  C CE1 . HIS A 1 58  ? -6.570  -9.929  -8.579  1.00 61.42 ? 114 HIS A CE1 1 
ATOM   445  N NE2 . HIS A 1 58  ? -6.152  -11.181 -8.630  1.00 70.32 ? 114 HIS A NE2 1 
ATOM   446  N N   . THR A 1 59  ? -4.644  -10.551 -2.217  1.00 52.74 ? 115 THR A N   1 
ATOM   447  C CA  . THR A 1 59  ? -3.857  -10.549 -0.996  1.00 54.21 ? 115 THR A CA  1 
ATOM   448  C C   . THR A 1 59  ? -3.192  -11.910 -0.841  1.00 59.36 ? 115 THR A C   1 
ATOM   449  O O   . THR A 1 59  ? -3.470  -12.848 -1.591  1.00 60.52 ? 115 THR A O   1 
ATOM   450  C CB  . THR A 1 59  ? -4.729  -10.234 0.236   1.00 59.23 ? 115 THR A CB  1 
ATOM   451  O OG1 . THR A 1 59  ? -5.675  -11.292 0.452   1.00 56.32 ? 115 THR A OG1 1 
ATOM   452  C CG2 . THR A 1 59  ? -5.483  -8.924  0.049   1.00 47.79 ? 115 THR A CG2 1 
ATOM   453  N N   . ASP A 1 60  ? -2.304  -12.023 0.148   1.00 62.57 ? 116 ASP A N   1 
ATOM   454  C CA  . ASP A 1 60  ? -1.845  -13.351 0.537   1.00 61.05 ? 116 ASP A CA  1 
ATOM   455  C C   . ASP A 1 60  ? -2.908  -13.965 1.442   1.00 64.05 ? 116 ASP A C   1 
ATOM   456  O O   . ASP A 1 60  ? -4.057  -13.514 1.443   1.00 61.77 ? 116 ASP A O   1 
ATOM   457  C CB  . ASP A 1 60  ? -0.449  -13.308 1.187   1.00 65.21 ? 116 ASP A CB  1 
ATOM   458  C CG  . ASP A 1 60  ? -0.415  -12.588 2.540   1.00 66.89 ? 116 ASP A CG  1 
ATOM   459  O OD1 . ASP A 1 60  ? -1.473  -12.304 3.137   1.00 69.56 ? 116 ASP A OD1 1 
ATOM   460  O OD2 . ASP A 1 60  ? 0.706   -12.299 3.016   1.00 69.70 ? 116 ASP A OD2 1 
ATOM   461  N N   . ASN A 1 61  ? -2.551  -14.984 2.220   1.00 69.15 ? 117 ASN A N   1 
ATOM   462  C CA  . ASN A 1 61  ? -3.528  -15.705 3.023   1.00 68.98 ? 117 ASN A CA  1 
ATOM   463  C C   . ASN A 1 61  ? -3.365  -15.452 4.516   1.00 71.21 ? 117 ASN A C   1 
ATOM   464  O O   . ASN A 1 61  ? -3.900  -16.213 5.330   1.00 73.16 ? 117 ASN A O   1 
ATOM   465  C CB  . ASN A 1 61  ? -3.455  -17.199 2.725   1.00 71.37 ? 117 ASN A CB  1 
ATOM   466  C CG  . ASN A 1 61  ? -4.532  -17.642 1.767   1.00 78.06 ? 117 ASN A CG  1 
ATOM   467  O OD1 . ASN A 1 61  ? -5.723  -17.551 2.071   1.00 86.88 ? 117 ASN A OD1 1 
ATOM   468  N ND2 . ASN A 1 61  ? -4.124  -18.094 0.585   1.00 78.62 ? 117 ASN A ND2 1 
ATOM   469  N N   . GLY A 1 62  ? -2.646  -14.395 4.889   1.00 68.69 ? 118 GLY A N   1 
ATOM   470  C CA  . GLY A 1 62  ? -2.507  -14.020 6.282   1.00 73.42 ? 118 GLY A CA  1 
ATOM   471  C C   . GLY A 1 62  ? -3.846  -13.869 6.978   1.00 75.31 ? 118 GLY A C   1 
ATOM   472  O O   . GLY A 1 62  ? -4.861  -13.604 6.323   1.00 72.30 ? 118 GLY A O   1 
ATOM   473  N N   . SER A 1 63  ? -3.862  -14.045 8.303   1.00 75.93 ? 119 SER A N   1 
ATOM   474  C CA  . SER A 1 63  ? -5.111  -13.977 9.056   1.00 75.89 ? 119 SER A CA  1 
ATOM   475  C C   . SER A 1 63  ? -5.748  -12.590 9.014   1.00 75.40 ? 119 SER A C   1 
ATOM   476  O O   . SER A 1 63  ? -6.952  -12.467 9.274   1.00 73.04 ? 119 SER A O   1 
ATOM   477  C CB  . SER A 1 63  ? -4.871  -14.403 10.505  1.00 75.73 ? 119 SER A CB  1 
ATOM   478  O OG  . SER A 1 63  ? -3.652  -13.872 10.997  1.00 81.84 ? 119 SER A OG  1 
ATOM   479  N N   . ASN A 1 64  ? -4.977  -11.550 8.678   1.00 75.08 ? 120 ASN A N   1 
ATOM   480  C CA  . ASN A 1 64  ? -5.524  -10.199 8.610   1.00 68.65 ? 120 ASN A CA  1 
ATOM   481  C C   . ASN A 1 64  ? -6.307  -9.933  7.329   1.00 64.39 ? 120 ASN A C   1 
ATOM   482  O O   . ASN A 1 64  ? -7.119  -9.006  7.311   1.00 65.65 ? 120 ASN A O   1 
ATOM   483  C CB  . ASN A 1 64  ? -4.405  -9.168  8.756   1.00 64.38 ? 120 ASN A CB  1 
ATOM   484  C CG  . ASN A 1 64  ? -3.430  -9.189  7.593   1.00 67.60 ? 120 ASN A CG  1 
ATOM   485  O OD1 . ASN A 1 64  ? -2.769  -10.193 7.343   1.00 64.73 ? 120 ASN A OD1 1 
ATOM   486  N ND2 . ASN A 1 64  ? -3.332  -8.067  6.877   1.00 68.98 ? 120 ASN A ND2 1 
ATOM   487  N N   . PHE A 1 65  ? -6.091  -10.716 6.267   1.00 64.08 ? 121 PHE A N   1 
ATOM   488  C CA  . PHE A 1 65  ? -6.809  -10.550 5.006   1.00 64.74 ? 121 PHE A CA  1 
ATOM   489  C C   . PHE A 1 65  ? -7.922  -11.566 4.806   1.00 67.97 ? 121 PHE A C   1 
ATOM   490  O O   . PHE A 1 65  ? -8.737  -11.395 3.891   1.00 65.63 ? 121 PHE A O   1 
ATOM   491  C CB  . PHE A 1 65  ? -5.846  -10.645 3.818   1.00 62.22 ? 121 PHE A CB  1 
ATOM   492  C CG  . PHE A 1 65  ? -4.855  -9.524  3.748   1.00 58.24 ? 121 PHE A CG  1 
ATOM   493  C CD1 . PHE A 1 65  ? -5.277  -8.223  3.554   1.00 58.90 ? 121 PHE A CD1 1 
ATOM   494  C CD2 . PHE A 1 65  ? -3.500  -9.773  3.855   1.00 62.03 ? 121 PHE A CD2 1 
ATOM   495  C CE1 . PHE A 1 65  ? -4.368  -7.190  3.478   1.00 53.50 ? 121 PHE A CE1 1 
ATOM   496  C CE2 . PHE A 1 65  ? -2.583  -8.744  3.781   1.00 60.89 ? 121 PHE A CE2 1 
ATOM   497  C CZ  . PHE A 1 65  ? -3.019  -7.450  3.594   1.00 57.40 ? 121 PHE A CZ  1 
ATOM   498  N N   . THR A 1 66  ? -7.964  -12.622 5.621   1.00 66.22 ? 122 THR A N   1 
ATOM   499  C CA  . THR A 1 66  ? -8.988  -13.651 5.534   1.00 68.73 ? 122 THR A CA  1 
ATOM   500  C C   . THR A 1 66  ? -9.986  -13.610 6.685   1.00 70.34 ? 122 THR A C   1 
ATOM   501  O O   . THR A 1 66  ? -10.982 -14.340 6.641   1.00 73.14 ? 122 THR A O   1 
ATOM   502  C CB  . THR A 1 66  ? -8.344  -15.045 5.495   1.00 69.98 ? 122 THR A CB  1 
ATOM   503  O OG1 . THR A 1 66  ? -7.719  -15.310 6.756   1.00 72.70 ? 122 THR A OG1 1 
ATOM   504  C CG2 . THR A 1 66  ? -7.296  -15.130 4.399   1.00 68.76 ? 122 THR A CG2 1 
ATOM   505  N N   . GLY A 1 67  ? -9.751  -12.784 7.700   1.00 66.33 ? 123 GLY A N   1 
ATOM   506  C CA  . GLY A 1 67  ? -10.610 -12.752 8.870   1.00 62.98 ? 123 GLY A CA  1 
ATOM   507  C C   . GLY A 1 67  ? -12.048 -12.374 8.550   1.00 61.81 ? 123 GLY A C   1 
ATOM   508  O O   . GLY A 1 67  ? -12.420 -12.021 7.432   1.00 62.93 ? 123 GLY A O   1 
ATOM   509  N N   . ALA A 1 68  ? -12.880 -12.455 9.589   1.00 59.83 ? 124 ALA A N   1 
ATOM   510  C CA  . ALA A 1 68  ? -14.309 -12.233 9.403   1.00 59.28 ? 124 ALA A CA  1 
ATOM   511  C C   . ALA A 1 68  ? -14.610 -10.770 9.116   1.00 59.60 ? 124 ALA A C   1 
ATOM   512  O O   . ALA A 1 68  ? -15.488 -10.457 8.303   1.00 60.39 ? 124 ALA A O   1 
ATOM   513  C CB  . ALA A 1 68  ? -15.070 -12.704 10.641  1.00 55.42 ? 124 ALA A CB  1 
ATOM   514  N N   . THR A 1 69  ? -13.902 -9.857  9.780   1.00 56.45 ? 125 THR A N   1 
ATOM   515  C CA  . THR A 1 69  ? -14.190 -8.441  9.606   1.00 58.04 ? 125 THR A CA  1 
ATOM   516  C C   . THR A 1 69  ? -13.816 -7.967  8.205   1.00 53.63 ? 125 THR A C   1 
ATOM   517  O O   . THR A 1 69  ? -14.508 -7.124  7.624   1.00 53.29 ? 125 THR A O   1 
ATOM   518  C CB  . THR A 1 69  ? -13.455 -7.632  10.671  1.00 58.42 ? 125 THR A CB  1 
ATOM   519  O OG1 . THR A 1 69  ? -12.065 -7.985  10.662  1.00 65.37 ? 125 THR A OG1 1 
ATOM   520  C CG2 . THR A 1 69  ? -14.034 -7.930  12.041  1.00 60.23 ? 125 THR A CG2 1 
ATOM   521  N N   . VAL A 1 70  ? -12.741 -8.517  7.638   1.00 51.88 ? 126 VAL A N   1 
ATOM   522  C CA  . VAL A 1 70  ? -12.369 -8.173  6.269   1.00 53.88 ? 126 VAL A CA  1 
ATOM   523  C C   . VAL A 1 70  ? -13.412 -8.684  5.282   1.00 59.59 ? 126 VAL A C   1 
ATOM   524  O O   . VAL A 1 70  ? -13.794 -7.975  4.340   1.00 56.69 ? 126 VAL A O   1 
ATOM   525  C CB  . VAL A 1 70  ? -10.968 -8.721  5.948   1.00 56.94 ? 126 VAL A CB  1 
ATOM   526  C CG1 . VAL A 1 70  ? -10.729 -8.743  4.441   1.00 56.79 ? 126 VAL A CG1 1 
ATOM   527  C CG2 . VAL A 1 70  ? -9.927  -7.887  6.643   1.00 55.11 ? 126 VAL A CG2 1 
ATOM   528  N N   . ARG A 1 71  ? -13.888 -9.917  5.478   1.00 58.95 ? 127 ARG A N   1 
ATOM   529  C CA  . ARG A 1 71  ? -14.892 -10.482 4.578   1.00 58.63 ? 127 ARG A CA  1 
ATOM   530  C C   . ARG A 1 71  ? -16.152 -9.622  4.533   1.00 53.92 ? 127 ARG A C   1 
ATOM   531  O O   . ARG A 1 71  ? -16.733 -9.412  3.460   1.00 55.81 ? 127 ARG A O   1 
ATOM   532  C CB  . ARG A 1 71  ? -15.232 -11.910 5.009   1.00 56.42 ? 127 ARG A CB  1 
ATOM   533  N N   . ALA A 1 72  ? -16.581 -9.106  5.686   1.00 53.18 ? 128 ALA A N   1 
ATOM   534  C CA  . ALA A 1 72  ? -17.797 -8.300  5.735   1.00 54.81 ? 128 ALA A CA  1 
ATOM   535  C C   . ALA A 1 72  ? -17.616 -6.961  5.026   1.00 53.25 ? 128 ALA A C   1 
ATOM   536  O O   . ALA A 1 72  ? -18.503 -6.522  4.287   1.00 55.71 ? 128 ALA A O   1 
ATOM   537  C CB  . ALA A 1 72  ? -18.216 -8.076  7.188   1.00 50.58 ? 128 ALA A CB  1 
ATOM   538  N N   . ALA A 1 73  ? -16.484 -6.286  5.259   1.00 57.44 ? 129 ALA A N   1 
ATOM   539  C CA  . ALA A 1 73  ? -16.218 -5.024  4.577   1.00 48.95 ? 129 ALA A CA  1 
ATOM   540  C C   . ALA A 1 73  ? -16.231 -5.204  3.065   1.00 48.12 ? 129 ALA A C   1 
ATOM   541  O O   . ALA A 1 73  ? -16.783 -4.374  2.338   1.00 50.36 ? 129 ALA A O   1 
ATOM   542  C CB  . ALA A 1 73  ? -14.874 -4.455  5.038   1.00 46.32 ? 129 ALA A CB  1 
ATOM   543  N N   . CYS A 1 74  ? -15.636 -6.291  2.571   1.00 51.16 ? 130 CYS A N   1 
ATOM   544  C CA  . CYS A 1 74  ? -15.635 -6.532  1.133   1.00 46.96 ? 130 CYS A CA  1 
ATOM   545  C C   . CYS A 1 74  ? -17.034 -6.836  0.617   1.00 51.99 ? 130 CYS A C   1 
ATOM   546  O O   . CYS A 1 74  ? -17.399 -6.408  -0.483  1.00 52.31 ? 130 CYS A O   1 
ATOM   547  C CB  . CYS A 1 74  ? -14.685 -7.669  0.787   1.00 54.77 ? 130 CYS A CB  1 
ATOM   548  S SG  . CYS A 1 74  ? -12.947 -7.285  1.029   1.00 53.99 ? 130 CYS A SG  1 
ATOM   549  N N   . ASP A 1 75  ? -17.828 -7.592  1.381   1.00 55.48 ? 131 ASP A N   1 
ATOM   550  C CA  . ASP A 1 75  ? -19.224 -7.783  1.002   1.00 53.70 ? 131 ASP A CA  1 
ATOM   551  C C   . ASP A 1 75  ? -19.935 -6.442  0.908   1.00 49.26 ? 131 ASP A C   1 
ATOM   552  O O   . ASP A 1 75  ? -20.579 -6.135  -0.098  1.00 52.87 ? 131 ASP A O   1 
ATOM   553  C CB  . ASP A 1 75  ? -19.935 -8.695  2.004   1.00 53.51 ? 131 ASP A CB  1 
ATOM   554  N N   . TRP A 1 76  ? -19.799 -5.619  1.945   1.00 48.15 ? 132 TRP A N   1 
ATOM   555  C CA  . TRP A 1 76  ? -20.528 -4.360  2.004   1.00 47.33 ? 132 TRP A CA  1 
ATOM   556  C C   . TRP A 1 76  ? -20.107 -3.415  0.880   1.00 53.21 ? 132 TRP A C   1 
ATOM   557  O O   . TRP A 1 76  ? -20.954 -2.820  0.198   1.00 50.34 ? 132 TRP A O   1 
ATOM   558  C CB  . TRP A 1 76  ? -20.305 -3.739  3.378   1.00 44.29 ? 132 TRP A CB  1 
ATOM   559  C CG  . TRP A 1 76  ? -21.104 -2.517  3.610   1.00 51.93 ? 132 TRP A CG  1 
ATOM   560  C CD1 . TRP A 1 76  ? -22.320 -2.435  4.221   1.00 50.32 ? 132 TRP A CD1 1 
ATOM   561  C CD2 . TRP A 1 76  ? -20.758 -1.187  3.219   1.00 46.03 ? 132 TRP A CD2 1 
ATOM   562  N NE1 . TRP A 1 76  ? -22.753 -1.133  4.237   1.00 52.84 ? 132 TRP A NE1 1 
ATOM   563  C CE2 . TRP A 1 76  ? -21.810 -0.346  3.629   1.00 49.40 ? 132 TRP A CE2 1 
ATOM   564  C CE3 . TRP A 1 76  ? -19.659 -0.625  2.566   1.00 49.38 ? 132 TRP A CE3 1 
ATOM   565  C CZ2 . TRP A 1 76  ? -21.795 1.025   3.413   1.00 42.09 ? 132 TRP A CZ2 1 
ATOM   566  C CZ3 . TRP A 1 76  ? -19.643 0.740   2.357   1.00 39.25 ? 132 TRP A CZ3 1 
ATOM   567  C CH2 . TRP A 1 76  ? -20.705 1.546   2.770   1.00 42.06 ? 132 TRP A CH2 1 
ATOM   568  N N   . ALA A 1 77  ? -18.797 -3.270  0.663   1.00 51.63 ? 133 ALA A N   1 
ATOM   569  C CA  . ALA A 1 77  ? -18.291 -2.430  -0.418  1.00 49.72 ? 133 ALA A CA  1 
ATOM   570  C C   . ALA A 1 77  ? -18.430 -3.082  -1.786  1.00 50.03 ? 133 ALA A C   1 
ATOM   571  O O   . ALA A 1 77  ? -18.347 -2.386  -2.799  1.00 52.97 ? 133 ALA A O   1 
ATOM   572  C CB  . ALA A 1 77  ? -16.822 -2.083  -0.169  1.00 42.55 ? 133 ALA A CB  1 
ATOM   573  N N   . GLY A 1 78  ? -18.630 -4.394  -1.845  1.00 53.25 ? 134 GLY A N   1 
ATOM   574  C CA  . GLY A 1 78  ? -18.764 -5.041  -3.133  1.00 51.41 ? 134 GLY A CA  1 
ATOM   575  C C   . GLY A 1 78  ? -17.421 -5.298  -3.778  1.00 52.36 ? 134 GLY A C   1 
ATOM   576  O O   . GLY A 1 78  ? -17.185 -4.926  -4.931  1.00 55.47 ? 134 GLY A O   1 
ATOM   577  N N   . ILE A 1 79  ? -16.537 -5.946  -3.030  1.00 49.23 ? 135 ILE A N   1 
ATOM   578  C CA  . ILE A 1 79  ? -15.176 -6.219  -3.459  1.00 54.00 ? 135 ILE A CA  1 
ATOM   579  C C   . ILE A 1 79  ? -14.971 -7.721  -3.439  1.00 53.03 ? 135 ILE A C   1 
ATOM   580  O O   . ILE A 1 79  ? -15.157 -8.359  -2.398  1.00 59.20 ? 135 ILE A O   1 
ATOM   581  C CB  . ILE A 1 79  ? -14.140 -5.536  -2.553  1.00 50.25 ? 135 ILE A CB  1 
ATOM   582  C CG1 . ILE A 1 79  ? -14.279 -4.010  -2.619  1.00 52.33 ? 135 ILE A CG1 1 
ATOM   583  C CG2 . ILE A 1 79  ? -12.742 -6.021  -2.918  1.00 51.19 ? 135 ILE A CG2 1 
ATOM   584  C CD1 . ILE A 1 79  ? -13.585 -3.301  -1.484  1.00 46.18 ? 135 ILE A CD1 1 
ATOM   585  N N   . LYS A 1 80  ? -14.559 -8.277  -4.573  1.00 55.52 ? 136 LYS A N   1 
ATOM   586  C CA  . LYS A 1 80  ? -14.160 -9.672  -4.630  1.00 50.97 ? 136 LYS A CA  1 
ATOM   587  C C   . LYS A 1 80  ? -12.712 -9.817  -4.180  1.00 57.22 ? 136 LYS A C   1 
ATOM   588  O O   . LYS A 1 80  ? -11.849 -9.026  -4.565  1.00 56.56 ? 136 LYS A O   1 
ATOM   589  C CB  . LYS A 1 80  ? -14.330 -10.211 -6.053  1.00 55.79 ? 136 LYS A CB  1 
ATOM   590  N N   . GLN A 1 81  ? -12.447 -10.829 -3.360  1.00 54.96 ? 137 GLN A N   1 
ATOM   591  C CA  . GLN A 1 81  ? -11.094 -11.122 -2.914  1.00 58.59 ? 137 GLN A CA  1 
ATOM   592  C C   . GLN A 1 81  ? -10.518 -12.323 -3.654  1.00 63.61 ? 137 GLN A C   1 
ATOM   593  O O   . GLN A 1 81  ? -11.244 -13.224 -4.076  1.00 68.83 ? 137 GLN A O   1 
ATOM   594  C CB  . GLN A 1 81  ? -11.051 -11.401 -1.415  1.00 59.52 ? 137 GLN A CB  1 
ATOM   595  C CG  . GLN A 1 81  ? -11.645 -10.319 -0.559  1.00 60.33 ? 137 GLN A CG  1 
ATOM   596  C CD  . GLN A 1 81  ? -11.371 -10.553 0.914   1.00 64.16 ? 137 GLN A CD  1 
ATOM   597  O OE1 . GLN A 1 81  ? -12.296 -10.801 1.695   1.00 65.54 ? 137 GLN A OE1 1 
ATOM   598  N NE2 . GLN A 1 81  ? -10.098 -10.474 1.305   1.00 61.93 ? 137 GLN A NE2 1 
ATOM   599  N N   . GLU A 1 82  ? -9.196  -12.314 -3.808  1.00 63.90 ? 138 GLU A N   1 
ATOM   600  C CA  . GLU A 1 82  ? -8.422  -13.445 -4.290  1.00 64.24 ? 138 GLU A CA  1 
ATOM   601  C C   . GLU A 1 82  ? -7.235  -13.628 -3.360  1.00 65.88 ? 138 GLU A C   1 
ATOM   602  O O   . GLU A 1 82  ? -6.753  -12.664 -2.759  1.00 65.89 ? 138 GLU A O   1 
ATOM   603  C CB  . GLU A 1 82  ? -7.946  -13.235 -5.728  1.00 64.08 ? 138 GLU A CB  1 
ATOM   604  C CG  . GLU A 1 82  ? -9.041  -12.798 -6.673  1.00 68.50 ? 138 GLU A CG  1 
ATOM   605  C CD  . GLU A 1 82  ? -9.783  -13.975 -7.279  1.00 81.01 ? 138 GLU A CD  1 
ATOM   606  O OE1 . GLU A 1 82  ? -9.260  -14.581 -8.243  1.00 88.39 ? 138 GLU A OE1 1 
ATOM   607  O OE2 . GLU A 1 82  ? -10.887 -14.298 -6.788  1.00 82.07 ? 138 GLU A OE2 1 
ATOM   608  N N   . PHE A 1 83  ? -6.761  -14.869 -3.243  1.00 63.82 ? 139 PHE A N   1 
ATOM   609  C CA  . PHE A 1 83  ? -5.729  -15.189 -2.248  1.00 64.15 ? 139 PHE A CA  1 
ATOM   610  C C   . PHE A 1 83  ? -4.525  -15.961 -2.794  1.00 68.69 ? 139 PHE A C   1 
ATOM   611  O O   . PHE A 1 83  ? -4.330  -16.078 -4.004  1.00 71.59 ? 139 PHE A O   1 
ATOM   612  C CB  . PHE A 1 83  ? -6.339  -15.987 -1.101  1.00 65.44 ? 139 PHE A CB  1 
ATOM   613  C CG  . PHE A 1 83  ? -7.449  -15.273 -0.388  1.00 68.77 ? 139 PHE A CG  1 
ATOM   614  C CD1 . PHE A 1 83  ? -8.744  -15.326 -0.870  1.00 65.95 ? 139 PHE A CD1 1 
ATOM   615  C CD2 . PHE A 1 83  ? -7.198  -14.550 0.770   1.00 68.15 ? 139 PHE A CD2 1 
ATOM   616  C CE1 . PHE A 1 83  ? -9.770  -14.669 -0.216  1.00 66.81 ? 139 PHE A CE1 1 
ATOM   617  C CE2 . PHE A 1 83  ? -8.223  -13.887 1.426   1.00 67.20 ? 139 PHE A CE2 1 
ATOM   618  C CZ  . PHE A 1 83  ? -9.510  -13.949 0.932   1.00 63.31 ? 139 PHE A CZ  1 
ATOM   619  N N   . GLN A 1 92  ? 1.590   -11.518 -7.434  1.00 78.36 ? 148 GLN A N   1 
ATOM   620  C CA  . GLN A 1 92  ? 2.793   -11.384 -8.248  1.00 81.32 ? 148 GLN A CA  1 
ATOM   621  C C   . GLN A 1 92  ? 3.931   -10.696 -7.484  1.00 78.40 ? 148 GLN A C   1 
ATOM   622  O O   . GLN A 1 92  ? 3.747   -10.216 -6.358  1.00 74.70 ? 148 GLN A O   1 
ATOM   623  C CB  . GLN A 1 92  ? 2.482   -10.605 -9.534  1.00 72.07 ? 148 GLN A CB  1 
ATOM   624  N N   . GLY A 1 93  ? 5.114   -10.663 -8.108  1.00 77.95 ? 149 GLY A N   1 
ATOM   625  C CA  . GLY A 1 93  ? 6.221   -9.838  -7.676  1.00 70.79 ? 149 GLY A CA  1 
ATOM   626  C C   . GLY A 1 93  ? 5.988   -8.357  -7.852  1.00 66.10 ? 149 GLY A C   1 
ATOM   627  O O   . GLY A 1 93  ? 6.920   -7.559  -7.719  1.00 69.12 ? 149 GLY A O   1 
ATOM   628  N N   . VAL A 1 94  ? 4.755   -7.967  -8.182  1.00 63.54 ? 150 VAL A N   1 
ATOM   629  C CA  . VAL A 1 94  ? 4.374   -6.564  -8.139  1.00 57.91 ? 150 VAL A CA  1 
ATOM   630  C C   . VAL A 1 94  ? 4.427   -6.057  -6.706  1.00 56.45 ? 150 VAL A C   1 
ATOM   631  O O   . VAL A 1 94  ? 4.945   -4.970  -6.437  1.00 53.66 ? 150 VAL A O   1 
ATOM   632  C CB  . VAL A 1 94  ? 2.980   -6.382  -8.760  1.00 52.86 ? 150 VAL A CB  1 
ATOM   633  C CG1 . VAL A 1 94  ? 2.361   -5.076  -8.295  1.00 52.64 ? 150 VAL A CG1 1 
ATOM   634  C CG2 . VAL A 1 94  ? 3.079   -6.437  -10.275 1.00 50.59 ? 150 VAL A CG2 1 
ATOM   635  N N   . VAL A 1 95  ? 3.916   -6.852  -5.763  1.00 59.14 ? 151 VAL A N   1 
ATOM   636  C CA  . VAL A 1 95  ? 3.959   -6.480  -4.349  1.00 54.89 ? 151 VAL A CA  1 
ATOM   637  C C   . VAL A 1 95  ? 5.395   -6.243  -3.906  1.00 56.95 ? 151 VAL A C   1 
ATOM   638  O O   . VAL A 1 95  ? 5.726   -5.196  -3.336  1.00 60.24 ? 151 VAL A O   1 
ATOM   639  C CB  . VAL A 1 95  ? 3.287   -7.565  -3.490  1.00 64.07 ? 151 VAL A CB  1 
ATOM   640  N N   . GLU A 1 96  ? 6.273   -7.210  -4.181  1.00 57.52 ? 152 GLU A N   1 
ATOM   641  C CA  . GLU A 1 96  ? 7.666   -7.101  -3.765  1.00 56.06 ? 152 GLU A CA  1 
ATOM   642  C C   . GLU A 1 96  ? 8.364   -5.942  -4.462  1.00 57.09 ? 152 GLU A C   1 
ATOM   643  O O   . GLU A 1 96  ? 9.183   -5.243  -3.850  1.00 58.19 ? 152 GLU A O   1 
ATOM   644  C CB  . GLU A 1 96  ? 8.400   -8.413  -4.046  1.00 66.21 ? 152 GLU A CB  1 
ATOM   645  N N   . SER A 1 97  ? 8.065   -5.728  -5.745  1.00 56.36 ? 153 SER A N   1 
ATOM   646  C CA  . SER A 1 97  ? 8.633   -4.573  -6.428  1.00 51.43 ? 153 SER A CA  1 
ATOM   647  C C   . SER A 1 97  ? 8.261   -3.285  -5.711  1.00 50.23 ? 153 SER A C   1 
ATOM   648  O O   . SER A 1 97  ? 9.086   -2.375  -5.578  1.00 50.22 ? 153 SER A O   1 
ATOM   649  C CB  . SER A 1 97  ? 8.165   -4.528  -7.884  1.00 55.94 ? 153 SER A CB  1 
ATOM   650  O OG  . SER A 1 97  ? 8.532   -3.294  -8.498  1.00 56.63 ? 153 SER A OG  1 
ATOM   651  N N   . MET A 1 98  ? 7.026   -3.190  -5.227  1.00 50.74 ? 154 MET A N   1 
ATOM   652  C CA  . MET A 1 98  ? 6.591   -1.940  -4.618  1.00 44.01 ? 154 MET A CA  1 
ATOM   653  C C   . MET A 1 98  ? 7.092   -1.812  -3.181  1.00 45.72 ? 154 MET A C   1 
ATOM   654  O O   . MET A 1 98  ? 7.508   -0.722  -2.756  1.00 41.52 ? 154 MET A O   1 
ATOM   655  C CB  . MET A 1 98  ? 5.065   -1.831  -4.694  1.00 44.53 ? 154 MET A CB  1 
ATOM   656  C CG  . MET A 1 98  ? 4.539   -1.625  -6.115  1.00 45.77 ? 154 MET A CG  1 
ATOM   657  S SD  . MET A 1 98  ? 5.467   -0.339  -7.003  1.00 47.94 ? 154 MET A SD  1 
ATOM   658  C CE  . MET A 1 98  ? 4.171   0.605   -7.752  1.00 37.20 ? 154 MET A CE  1 
ATOM   659  N N   . ASN A 1 99  ? 7.077   -2.908  -2.423  1.00 48.13 ? 155 ASN A N   1 
ATOM   660  C CA  . ASN A 1 99  ? 7.591   -2.862  -1.055  1.00 46.27 ? 155 ASN A CA  1 
ATOM   661  C C   . ASN A 1 99  ? 9.050   -2.432  -1.035  1.00 48.62 ? 155 ASN A C   1 
ATOM   662  O O   . ASN A 1 99  ? 9.460   -1.621  -0.191  1.00 46.41 ? 155 ASN A O   1 
ATOM   663  C CB  . ASN A 1 99  ? 7.431   -4.226  -0.380  1.00 51.90 ? 155 ASN A CB  1 
ATOM   664  C CG  . ASN A 1 99  ? 6.001   -4.490  0.103   1.00 61.18 ? 155 ASN A CG  1 
ATOM   665  O OD1 . ASN A 1 99  ? 5.142   -3.601  0.089   1.00 55.83 ? 155 ASN A OD1 1 
ATOM   666  N ND2 . ASN A 1 99  ? 5.747   -5.720  0.544   1.00 58.68 ? 155 ASN A ND2 1 
ATOM   667  N N   . LYS A 1 100 ? 9.845   -2.940  -1.977  1.00 47.78 ? 156 LYS A N   1 
ATOM   668  C CA  . LYS A 1 100 ? 11.246  -2.546  -2.054  1.00 41.76 ? 156 LYS A CA  1 
ATOM   669  C C   . LYS A 1 100 ? 11.377  -1.085  -2.450  1.00 46.45 ? 156 LYS A C   1 
ATOM   670  O O   . LYS A 1 100 ? 12.177  -0.345  -1.871  1.00 40.95 ? 156 LYS A O   1 
ATOM   671  C CB  . LYS A 1 100 ? 11.994  -3.434  -3.048  1.00 46.88 ? 156 LYS A CB  1 
ATOM   672  N N   . GLU A 1 101 ? 10.611  -0.656  -3.451  1.00 42.21 ? 157 GLU A N   1 
ATOM   673  C CA  . GLU A 1 101 ? 10.676  0.739   -3.862  1.00 45.86 ? 157 GLU A CA  1 
ATOM   674  C C   . GLU A 1 101 ? 10.248  1.657   -2.728  1.00 41.80 ? 157 GLU A C   1 
ATOM   675  O O   . GLU A 1 101 ? 10.861  2.702   -2.493  1.00 44.27 ? 157 GLU A O   1 
ATOM   676  C CB  . GLU A 1 101 ? 9.810   0.951   -5.106  1.00 44.96 ? 157 GLU A CB  1 
ATOM   677  C CG  . GLU A 1 101 ? 9.351   2.394   -5.345  1.00 49.64 ? 157 GLU A CG  1 
ATOM   678  C CD  . GLU A 1 101 ? 10.404  3.267   -6.037  1.00 59.58 ? 157 GLU A CD  1 
ATOM   679  O OE1 . GLU A 1 101 ? 11.618  3.001   -5.881  1.00 61.62 ? 157 GLU A OE1 1 
ATOM   680  O OE2 . GLU A 1 101 ? 10.005  4.229   -6.737  1.00 67.15 ? 157 GLU A OE2 1 
ATOM   681  N N   . LEU A 1 102 ? 9.210   1.268   -1.995  1.00 38.57 ? 158 LEU A N   1 
ATOM   682  C CA  . LEU A 1 102 ? 8.709   2.108   -0.916  1.00 42.50 ? 158 LEU A CA  1 
ATOM   683  C C   . LEU A 1 102 ? 9.715   2.202   0.230   1.00 41.57 ? 158 LEU A C   1 
ATOM   684  O O   . LEU A 1 102 ? 10.019  3.301   0.716   1.00 38.04 ? 158 LEU A O   1 
ATOM   685  C CB  . LEU A 1 102 ? 7.363   1.563   -0.442  1.00 46.58 ? 158 LEU A CB  1 
ATOM   686  C CG  . LEU A 1 102 ? 6.432   2.478   0.342   1.00 45.98 ? 158 LEU A CG  1 
ATOM   687  C CD1 . LEU A 1 102 ? 6.196   3.783   -0.406  1.00 41.31 ? 158 LEU A CD1 1 
ATOM   688  C CD2 . LEU A 1 102 ? 5.112   1.760   0.644   1.00 40.80 ? 158 LEU A CD2 1 
ATOM   689  N N   . LYS A 1 103 ? 10.257  1.062   0.658   1.00 40.04 ? 159 LYS A N   1 
ATOM   690  C CA  . LYS A 1 103 ? 11.292  1.053   1.693   1.00 41.02 ? 159 LYS A CA  1 
ATOM   691  C C   . LYS A 1 103 ? 12.475  1.940   1.312   1.00 43.24 ? 159 LYS A C   1 
ATOM   692  O O   . LYS A 1 103 ? 12.988  2.701   2.148   1.00 39.06 ? 159 LYS A O   1 
ATOM   693  C CB  . LYS A 1 103 ? 11.759  -0.380  1.944   1.00 46.19 ? 159 LYS A CB  1 
ATOM   694  C CG  . LYS A 1 103 ? 10.810  -1.215  2.802   1.00 46.20 ? 159 LYS A CG  1 
ATOM   695  C CD  . LYS A 1 103 ? 11.308  -2.657  2.938   1.00 58.65 ? 159 LYS A CD  1 
ATOM   696  C CE  . LYS A 1 103 ? 10.352  -3.515  3.773   1.00 57.78 ? 159 LYS A CE  1 
ATOM   697  N NZ  . LYS A 1 103 ? 9.799   -4.674  3.015   1.00 65.70 ? 159 LYS A NZ  1 
ATOM   698  N N   . LYS A 1 104 ? 12.907  1.882   0.049   1.00 41.94 ? 160 LYS A N   1 
ATOM   699  C CA  . LYS A 1 104 ? 14.031  2.712   -0.365  1.00 40.47 ? 160 LYS A CA  1 
ATOM   700  C C   . LYS A 1 104 ? 13.704  4.186   -0.209  1.00 42.11 ? 160 LYS A C   1 
ATOM   701  O O   . LYS A 1 104 ? 14.535  4.970   0.268   1.00 46.69 ? 160 LYS A O   1 
ATOM   702  C CB  . LYS A 1 104 ? 14.423  2.407   -1.811  1.00 41.10 ? 160 LYS A CB  1 
ATOM   703  N N   . ILE A 1 105 ? 12.501  4.593   -0.609  1.00 39.55 ? 161 ILE A N   1 
ATOM   704  C CA  . ILE A 1 105 ? 12.152  6.001   -0.479  1.00 39.78 ? 161 ILE A CA  1 
ATOM   705  C C   . ILE A 1 105 ? 12.003  6.380   0.984   1.00 39.71 ? 161 ILE A C   1 
ATOM   706  O O   . ILE A 1 105 ? 12.397  7.482   1.398   1.00 32.17 ? 161 ILE A O   1 
ATOM   707  C CB  . ILE A 1 105 ? 10.868  6.323   -1.258  1.00 41.76 ? 161 ILE A CB  1 
ATOM   708  C CG1 . ILE A 1 105 ? 10.994  5.889   -2.721  1.00 40.87 ? 161 ILE A CG1 1 
ATOM   709  C CG2 . ILE A 1 105 ? 10.569  7.800   -1.152  1.00 30.97 ? 161 ILE A CG2 1 
ATOM   710  C CD1 . ILE A 1 105 ? 9.702   6.064   -3.494  1.00 38.50 ? 161 ILE A CD1 1 
ATOM   711  N N   . ILE A 1 106 ? 11.381  5.510   1.782   1.00 29.94 ? 162 ILE A N   1 
ATOM   712  C CA  . ILE A 1 106 ? 11.218  5.818   3.203   1.00 36.40 ? 162 ILE A CA  1 
ATOM   713  C C   . ILE A 1 106 ? 12.582  6.022   3.852   1.00 37.60 ? 162 ILE A C   1 
ATOM   714  O O   . ILE A 1 106 ? 12.791  6.977   4.617   1.00 35.69 ? 162 ILE A O   1 
ATOM   715  C CB  . ILE A 1 106 ? 10.413  4.719   3.916   1.00 36.02 ? 162 ILE A CB  1 
ATOM   716  C CG1 . ILE A 1 106 ? 8.969   4.702   3.418   1.00 37.23 ? 162 ILE A CG1 1 
ATOM   717  C CG2 . ILE A 1 106 ? 10.413  4.940   5.433   1.00 37.06 ? 162 ILE A CG2 1 
ATOM   718  C CD1 . ILE A 1 106 ? 8.185   3.430   3.802   1.00 34.55 ? 162 ILE A CD1 1 
ATOM   719  N N   . GLY A 1 107 ? 13.538  5.144   3.530   1.00 36.74 ? 163 GLY A N   1 
ATOM   720  C CA  . GLY A 1 107 ? 14.872  5.276   4.090   1.00 39.65 ? 163 GLY A CA  1 
ATOM   721  C C   . GLY A 1 107 ? 15.482  6.637   3.810   1.00 39.85 ? 163 GLY A C   1 
ATOM   722  O O   . GLY A 1 107 ? 16.111  7.233   4.682   1.00 39.07 ? 163 GLY A O   1 
ATOM   723  N N   . GLN A 1 108 ? 15.251  7.169   2.604   1.00 35.61 ? 164 GLN A N   1 
ATOM   724  C CA  . GLN A 1 108 ? 15.875  8.407   2.172   1.00 39.86 ? 164 GLN A CA  1 
ATOM   725  C C   . GLN A 1 108 ? 15.262  9.644   2.807   1.00 39.20 ? 164 GLN A C   1 
ATOM   726  O O   . GLN A 1 108 ? 15.923  10.684  2.855   1.00 44.22 ? 164 GLN A O   1 
ATOM   727  C CB  . GLN A 1 108 ? 15.796  8.513   0.651   1.00 41.80 ? 164 GLN A CB  1 
ATOM   728  C CG  . GLN A 1 108 ? 16.539  7.400   -0.069  1.00 46.14 ? 164 GLN A CG  1 
ATOM   729  C CD  . GLN A 1 108 ? 16.397  7.486   -1.576  1.00 53.87 ? 164 GLN A CD  1 
ATOM   730  O OE1 . GLN A 1 108 ? 15.876  6.575   -2.211  1.00 61.94 ? 164 GLN A OE1 1 
ATOM   731  N NE2 . GLN A 1 108 ? 16.855  8.591   -2.154  1.00 58.60 ? 164 GLN A NE2 1 
ATOM   732  N N   . VAL A 1 109 ? 14.012  9.576   3.260   1.00 40.05 ? 165 VAL A N   1 
ATOM   733  C CA  . VAL A 1 109 ? 13.347  10.731  3.852   1.00 42.09 ? 165 VAL A CA  1 
ATOM   734  C C   . VAL A 1 109 ? 13.159  10.592  5.346   1.00 43.34 ? 165 VAL A C   1 
ATOM   735  O O   . VAL A 1 109 ? 12.728  11.568  5.986   1.00 44.27 ? 165 VAL A O   1 
ATOM   736  C CB  . VAL A 1 109 ? 11.971  11.002  3.199   1.00 44.78 ? 165 VAL A CB  1 
ATOM   737  C CG1 . VAL A 1 109 ? 12.105  11.295  1.713   1.00 45.54 ? 165 VAL A CG1 1 
ATOM   738  C CG2 . VAL A 1 109 ? 10.990  9.830   3.472   1.00 36.48 ? 165 VAL A CG2 1 
ATOM   739  N N   . ARG A 1 110 ? 13.424  9.412   5.922   1.00 38.82 ? 166 ARG A N   1 
ATOM   740  C CA  . ARG A 1 110 ? 13.041  9.160   7.310   1.00 37.26 ? 166 ARG A CA  1 
ATOM   741  C C   . ARG A 1 110 ? 13.560  10.230  8.265   1.00 45.23 ? 166 ARG A C   1 
ATOM   742  O O   . ARG A 1 110 ? 12.889  10.552  9.254   1.00 39.00 ? 166 ARG A O   1 
ATOM   743  C CB  . ARG A 1 110 ? 13.541  7.801   7.761   1.00 39.46 ? 166 ARG A CB  1 
ATOM   744  C CG  . ARG A 1 110 ? 13.083  7.434   9.156   1.00 41.65 ? 166 ARG A CG  1 
ATOM   745  C CD  . ARG A 1 110 ? 11.591  7.096   9.237   1.00 45.11 ? 166 ARG A CD  1 
ATOM   746  N NE  . ARG A 1 110 ? 11.253  6.560   10.559  1.00 40.14 ? 166 ARG A NE  1 
ATOM   747  C CZ  . ARG A 1 110 ? 11.162  7.304   11.656  1.00 42.06 ? 166 ARG A CZ  1 
ATOM   748  N NH1 . ARG A 1 110 ? 11.365  8.616   11.595  1.00 37.63 ? 166 ARG A NH1 1 
ATOM   749  N NH2 . ARG A 1 110 ? 10.875  6.734   12.816  1.00 43.31 ? 166 ARG A NH2 1 
ATOM   750  N N   . ASP A 1 111 ? 14.746  10.786  7.992   1.00 43.21 ? 167 ASP A N   1 
ATOM   751  C CA  . ASP A 1 111 ? 15.334  11.767  8.899   1.00 47.03 ? 167 ASP A CA  1 
ATOM   752  C C   . ASP A 1 111 ? 14.551  13.065  8.927   1.00 52.38 ? 167 ASP A C   1 
ATOM   753  O O   . ASP A 1 111 ? 14.742  13.867  9.849   1.00 54.97 ? 167 ASP A O   1 
ATOM   754  C CB  . ASP A 1 111 ? 16.781  12.089  8.510   1.00 50.80 ? 167 ASP A CB  1 
ATOM   755  C CG  . ASP A 1 111 ? 17.768  11.024  8.965   1.00 53.25 ? 167 ASP A CG  1 
ATOM   756  O OD1 . ASP A 1 111 ? 17.498  10.315  9.963   1.00 50.31 ? 167 ASP A OD1 1 
ATOM   757  O OD2 . ASP A 1 111 ? 18.829  10.900  8.317   1.00 61.15 ? 167 ASP A OD2 1 
ATOM   758  N N   . GLN A 1 112 ? 13.709  13.310  7.928   1.00 48.28 ? 168 GLN A N   1 
ATOM   759  C CA  . GLN A 1 112 ? 12.934  14.538  7.864   1.00 47.06 ? 168 GLN A CA  1 
ATOM   760  C C   . GLN A 1 112 ? 11.599  14.426  8.573   1.00 47.06 ? 168 GLN A C   1 
ATOM   761  O O   . GLN A 1 112 ? 10.854  15.408  8.602   1.00 54.65 ? 168 GLN A O   1 
ATOM   762  C CB  . GLN A 1 112 ? 12.701  14.951  6.412   1.00 53.07 ? 168 GLN A CB  1 
ATOM   763  C CG  . GLN A 1 112 ? 13.948  14.942  5.552   1.00 53.34 ? 168 GLN A CG  1 
ATOM   764  C CD  . GLN A 1 112 ? 13.611  14.839  4.076   1.00 57.08 ? 168 GLN A CD  1 
ATOM   765  O OE1 . GLN A 1 112 ? 12.644  15.446  3.610   1.00 57.09 ? 168 GLN A OE1 1 
ATOM   766  N NE2 . GLN A 1 112 ? 14.398  14.058  3.333   1.00 53.00 ? 168 GLN A NE2 1 
ATOM   767  N N   . ALA A 1 113 ? 11.281  13.260  9.137   1.00 49.83 ? 169 ALA A N   1 
ATOM   768  C CA  . ALA A 1 113 ? 10.005  13.021  9.800   1.00 49.59 ? 169 ALA A CA  1 
ATOM   769  C C   . ALA A 1 113 ? 10.246  12.584  11.233  1.00 49.36 ? 169 ALA A C   1 
ATOM   770  O O   . ALA A 1 113 ? 11.028  11.663  11.481  1.00 54.72 ? 169 ALA A O   1 
ATOM   771  C CB  . ALA A 1 113 ? 9.195   11.942  9.078   1.00 49.76 ? 169 ALA A CB  1 
ATOM   772  N N   . GLU A 1 114 ? 9.552   13.227  12.169  1.00 48.93 ? 170 GLU A N   1 
ATOM   773  C CA  . GLU A 1 114 ? 9.607   12.764  13.547  1.00 49.76 ? 170 GLU A CA  1 
ATOM   774  C C   . GLU A 1 114 ? 9.231   11.287  13.655  1.00 45.41 ? 170 GLU A C   1 
ATOM   775  O O   . GLU A 1 114 ? 9.871   10.538  14.394  1.00 47.32 ? 170 GLU A O   1 
ATOM   776  C CB  . GLU A 1 114 ? 8.699   13.623  14.428  1.00 55.76 ? 170 GLU A CB  1 
ATOM   777  C CG  . GLU A 1 114 ? 9.207   13.765  15.872  1.00 66.15 ? 170 GLU A CG  1 
ATOM   778  C CD  . GLU A 1 114 ? 8.115   14.148  16.871  1.00 69.31 ? 170 GLU A CD  1 
ATOM   779  O OE1 . GLU A 1 114 ? 7.292   15.039  16.565  1.00 75.43 ? 170 GLU A OE1 1 
ATOM   780  O OE2 . GLU A 1 114 ? 8.078   13.547  17.969  1.00 72.60 ? 170 GLU A OE2 1 
ATOM   781  N N   . HIS A 1 115 ? 8.226   10.835  12.894  1.00 48.49 ? 171 HIS A N   1 
ATOM   782  C CA  . HIS A 1 115 ? 7.684   9.486   13.048  1.00 45.26 ? 171 HIS A CA  1 
ATOM   783  C C   . HIS A 1 115 ? 7.613   8.731   11.725  1.00 42.85 ? 171 HIS A C   1 
ATOM   784  O O   . HIS A 1 115 ? 7.407   9.316   10.658  1.00 43.08 ? 171 HIS A O   1 
ATOM   785  C CB  . HIS A 1 115 ? 6.287   9.520   13.664  1.00 49.25 ? 171 HIS A CB  1 
ATOM   786  C CG  . HIS A 1 115 ? 6.260   10.073  15.051  1.00 54.34 ? 171 HIS A CG  1 
ATOM   787  N ND1 . HIS A 1 115 ? 5.643   11.264  15.365  1.00 60.48 ? 171 HIS A ND1 1 
ATOM   788  C CD2 . HIS A 1 115 ? 6.798   9.611   16.204  1.00 55.19 ? 171 HIS A CD2 1 
ATOM   789  C CE1 . HIS A 1 115 ? 5.783   11.503  16.656  1.00 61.28 ? 171 HIS A CE1 1 
ATOM   790  N NE2 . HIS A 1 115 ? 6.481   10.515  17.188  1.00 65.37 ? 171 HIS A NE2 1 
ATOM   791  N N   . LEU A 1 116 ? 7.767   7.411   11.820  1.00 34.02 ? 172 LEU A N   1 
ATOM   792  C CA  . LEU A 1 116 ? 7.652   6.559   10.646  1.00 41.73 ? 172 LEU A CA  1 
ATOM   793  C C   . LEU A 1 116 ? 6.417   6.905   9.823   1.00 37.52 ? 172 LEU A C   1 
ATOM   794  O O   . LEU A 1 116 ? 6.512   7.106   8.611   1.00 40.59 ? 172 LEU A O   1 
ATOM   795  C CB  . LEU A 1 116 ? 7.597   5.089   11.061  1.00 33.55 ? 172 LEU A CB  1 
ATOM   796  C CG  . LEU A 1 116 ? 7.457   4.164   9.862   1.00 37.15 ? 172 LEU A CG  1 
ATOM   797  C CD1 . LEU A 1 116 ? 8.686   4.303   8.984   1.00 37.24 ? 172 LEU A CD1 1 
ATOM   798  C CD2 . LEU A 1 116 ? 7.275   2.722   10.306  1.00 37.63 ? 172 LEU A CD2 1 
ATOM   799  N N   . LYS A 1 117 ? 5.247   6.989   10.476  1.00 37.05 ? 173 LYS A N   1 
ATOM   800  C CA  . LYS A 1 117 ? 3.992   7.189   9.749   1.00 35.79 ? 173 LYS A CA  1 
ATOM   801  C C   . LYS A 1 117 ? 4.078   8.384   8.809   1.00 39.98 ? 173 LYS A C   1 
ATOM   802  O O   . LYS A 1 117 ? 3.606   8.315   7.673   1.00 34.01 ? 173 LYS A O   1 
ATOM   803  C CB  . LYS A 1 117 ? 2.825   7.355   10.733  1.00 38.78 ? 173 LYS A CB  1 
ATOM   804  C CG  . LYS A 1 117 ? 2.770   8.727   11.417  1.00 42.53 ? 173 LYS A CG  1 
ATOM   805  C CD  . LYS A 1 117 ? 1.909   8.733   12.685  1.00 51.66 ? 173 LYS A CD  1 
ATOM   806  C CE  . LYS A 1 117 ? 0.472   8.322   12.410  1.00 48.35 ? 173 LYS A CE  1 
ATOM   807  N NZ  . LYS A 1 117 ? -0.462  8.902   13.430  1.00 62.22 ? 173 LYS A NZ  1 
ATOM   808  N N   . THR A 1 118 ? 4.706   9.479   9.250   1.00 33.51 ? 174 THR A N   1 
ATOM   809  C CA  . THR A 1 118 ? 4.889   10.635  8.380   1.00 33.55 ? 174 THR A CA  1 
ATOM   810  C C   . THR A 1 118 ? 5.813   10.322  7.221   1.00 36.63 ? 174 THR A C   1 
ATOM   811  O O   . THR A 1 118 ? 5.551   10.722  6.080   1.00 38.62 ? 174 THR A O   1 
ATOM   812  C CB  . THR A 1 118 ? 5.473   11.802  9.169   1.00 37.09 ? 174 THR A CB  1 
ATOM   813  O OG1 . THR A 1 118 ? 4.564   12.164  10.204  1.00 42.95 ? 174 THR A OG1 1 
ATOM   814  C CG2 . THR A 1 118 ? 5.715   12.989  8.254   1.00 40.63 ? 174 THR A CG2 1 
ATOM   815  N N   . ALA A 1 119 ? 6.936   9.665   7.506   1.00 35.04 ? 175 ALA A N   1 
ATOM   816  C CA  . ALA A 1 119 ? 7.842   9.287   6.438   1.00 36.64 ? 175 ALA A CA  1 
ATOM   817  C C   . ALA A 1 119 ? 7.142   8.411   5.411   1.00 32.28 ? 175 ALA A C   1 
ATOM   818  O O   . ALA A 1 119 ? 7.414   8.523   4.214   1.00 29.73 ? 175 ALA A O   1 
ATOM   819  C CB  . ALA A 1 119 ? 9.059   8.556   7.011   1.00 38.17 ? 175 ALA A CB  1 
ATOM   820  N N   . VAL A 1 120 ? 6.278   7.490   5.863   1.00 35.39 ? 176 VAL A N   1 
ATOM   821  C CA  . VAL A 1 120 ? 5.566   6.626   4.916   1.00 32.61 ? 176 VAL A CA  1 
ATOM   822  C C   . VAL A 1 120 ? 4.754   7.476   3.940   1.00 31.86 ? 176 VAL A C   1 
ATOM   823  O O   . VAL A 1 120 ? 4.818   7.296   2.720   1.00 34.16 ? 176 VAL A O   1 
ATOM   824  C CB  . VAL A 1 120 ? 4.661   5.626   5.662   1.00 36.17 ? 176 VAL A CB  1 
ATOM   825  C CG1 . VAL A 1 120 ? 3.691   4.940   4.686   1.00 33.00 ? 176 VAL A CG1 1 
ATOM   826  C CG2 . VAL A 1 120 ? 5.481   4.588   6.399   1.00 36.51 ? 176 VAL A CG2 1 
ATOM   827  N N   . GLN A 1 121 ? 4.007   8.443   4.461   1.00 32.10 ? 177 GLN A N   1 
ATOM   828  C CA  . GLN A 1 121 ? 3.168   9.243   3.581   1.00 30.44 ? 177 GLN A CA  1 
ATOM   829  C C   . GLN A 1 121 ? 4.005   10.177  2.713   1.00 32.56 ? 177 GLN A C   1 
ATOM   830  O O   . GLN A 1 121 ? 3.600   10.493  1.596   1.00 31.50 ? 177 GLN A O   1 
ATOM   831  C CB  . GLN A 1 121 ? 2.135   10.016  4.401   1.00 32.28 ? 177 GLN A CB  1 
ATOM   832  C CG  . GLN A 1 121 ? 1.218   9.135   5.249   1.00 33.52 ? 177 GLN A CG  1 
ATOM   833  C CD  . GLN A 1 121 ? 0.546   8.005   4.459   1.00 37.42 ? 177 GLN A CD  1 
ATOM   834  O OE1 . GLN A 1 121 ? 0.360   8.090   3.245   1.00 35.24 ? 177 GLN A OE1 1 
ATOM   835  N NE2 . GLN A 1 121 ? 0.166   6.961   5.158   1.00 31.97 ? 177 GLN A NE2 1 
ATOM   836  N N   . MET A 1 122 ? 5.182   10.601  3.185   1.00 33.30 ? 178 MET A N   1 
ATOM   837  C CA  . MET A 1 122 ? 6.085   11.330  2.295   1.00 35.60 ? 178 MET A CA  1 
ATOM   838  C C   . MET A 1 122 ? 6.547   10.451  1.142   1.00 30.07 ? 178 MET A C   1 
ATOM   839  O O   . MET A 1 122 ? 6.579   10.889  -0.010  1.00 32.61 ? 178 MET A O   1 
ATOM   840  C CB  . MET A 1 122 ? 7.281   11.874  3.074   1.00 38.09 ? 178 MET A CB  1 
ATOM   841  C CG  . MET A 1 122 ? 6.937   13.071  3.959   1.00 35.82 ? 178 MET A CG  1 
ATOM   842  S SD  . MET A 1 122 ? 8.267   13.494  5.132   1.00 45.75 ? 178 MET A SD  1 
ATOM   843  C CE  . MET A 1 122 ? 9.611   13.837  4.005   1.00 47.23 ? 178 MET A CE  1 
ATOM   844  N N   . ALA A 1 123 ? 6.871   9.193   1.427   1.00 37.06 ? 179 ALA A N   1 
ATOM   845  C CA  . ALA A 1 123 ? 7.321   8.292   0.373   1.00 35.83 ? 179 ALA A CA  1 
ATOM   846  C C   . ALA A 1 123 ? 6.203   7.974   -0.621  1.00 35.14 ? 179 ALA A C   1 
ATOM   847  O O   . ALA A 1 123 ? 6.448   7.868   -1.836  1.00 35.58 ? 179 ALA A O   1 
ATOM   848  C CB  . ALA A 1 123 ? 7.874   7.017   1.009   1.00 34.06 ? 179 ALA A CB  1 
ATOM   849  N N   . VAL A 1 124 ? 4.977   7.795   -0.125  1.00 33.84 ? 180 VAL A N   1 
ATOM   850  C CA  . VAL A 1 124 ? 3.831   7.546   -1.003  1.00 32.34 ? 180 VAL A CA  1 
ATOM   851  C C   . VAL A 1 124 ? 3.637   8.714   -1.955  1.00 31.03 ? 180 VAL A C   1 
ATOM   852  O O   . VAL A 1 124 ? 3.452   8.536   -3.162  1.00 30.28 ? 180 VAL A O   1 
ATOM   853  C CB  . VAL A 1 124 ? 2.564   7.297   -0.166  1.00 26.89 ? 180 VAL A CB  1 
ATOM   854  C CG1 . VAL A 1 124 ? 1.295   7.530   -1.002  1.00 28.67 ? 180 VAL A CG1 1 
ATOM   855  C CG2 . VAL A 1 124 ? 2.576   5.867   0.436   1.00 33.86 ? 180 VAL A CG2 1 
ATOM   856  N N   . PHE A 1 125 ? 3.678   9.929   -1.409  1.00 32.73 ? 181 PHE A N   1 
ATOM   857  C CA  . PHE A 1 125 ? 3.629   11.150  -2.200  1.00 34.56 ? 181 PHE A CA  1 
ATOM   858  C C   . PHE A 1 125 ? 4.698   11.134  -3.283  1.00 38.12 ? 181 PHE A C   1 
ATOM   859  O O   . PHE A 1 125 ? 4.395   11.190  -4.481  1.00 35.25 ? 181 PHE A O   1 
ATOM   860  C CB  . PHE A 1 125 ? 3.820   12.347  -1.261  1.00 31.25 ? 181 PHE A CB  1 
ATOM   861  C CG  . PHE A 1 125 ? 3.707   13.695  -1.920  1.00 35.71 ? 181 PHE A CG  1 
ATOM   862  C CD1 . PHE A 1 125 ? 4.805   14.281  -2.542  1.00 44.75 ? 181 PHE A CD1 1 
ATOM   863  C CD2 . PHE A 1 125 ? 2.521   14.413  -1.863  1.00 37.85 ? 181 PHE A CD2 1 
ATOM   864  C CE1 . PHE A 1 125 ? 4.712   15.542  -3.124  1.00 34.35 ? 181 PHE A CE1 1 
ATOM   865  C CE2 . PHE A 1 125 ? 2.429   15.683  -2.442  1.00 39.33 ? 181 PHE A CE2 1 
ATOM   866  C CZ  . PHE A 1 125 ? 3.529   16.231  -3.074  1.00 38.44 ? 181 PHE A CZ  1 
ATOM   867  N N   . ILE A 1 126 ? 5.965   11.051  -2.865  1.00 39.42 ? 182 ILE A N   1 
ATOM   868  C CA  . ILE A 1 126 ? 7.072   11.060  -3.816  1.00 34.66 ? 182 ILE A CA  1 
ATOM   869  C C   . ILE A 1 126 ? 6.834   10.015  -4.898  1.00 37.50 ? 182 ILE A C   1 
ATOM   870  O O   . ILE A 1 126 ? 6.953   10.292  -6.099  1.00 36.46 ? 182 ILE A O   1 
ATOM   871  C CB  . ILE A 1 126 ? 8.406   10.836  -3.079  1.00 36.43 ? 182 ILE A CB  1 
ATOM   872  C CG1 . ILE A 1 126 ? 8.747   12.076  -2.251  1.00 35.96 ? 182 ILE A CG1 1 
ATOM   873  C CG2 . ILE A 1 126 ? 9.535   10.532  -4.058  1.00 38.28 ? 182 ILE A CG2 1 
ATOM   874  C CD1 . ILE A 1 126 ? 9.760   11.830  -1.131  1.00 35.34 ? 182 ILE A CD1 1 
ATOM   875  N N   . HIS A 1 127 ? 6.426   8.817   -4.492  1.00 30.32 ? 183 HIS A N   1 
ATOM   876  C CA  . HIS A 1 127 ? 6.192   7.779   -5.486  1.00 33.21 ? 183 HIS A CA  1 
ATOM   877  C C   . HIS A 1 127 ? 5.086   8.178   -6.455  1.00 28.38 ? 183 HIS A C   1 
ATOM   878  O O   . HIS A 1 127 ? 5.259   8.066   -7.669  1.00 34.31 ? 183 HIS A O   1 
ATOM   879  C CB  . HIS A 1 127 ? 5.860   6.449   -4.813  1.00 30.22 ? 183 HIS A CB  1 
ATOM   880  C CG  . HIS A 1 127 ? 5.392   5.391   -5.768  1.00 37.25 ? 183 HIS A CG  1 
ATOM   881  N ND1 . HIS A 1 127 ? 6.257   4.529   -6.409  1.00 36.29 ? 183 HIS A ND1 1 
ATOM   882  C CD2 . HIS A 1 127 ? 4.145   5.047   -6.179  1.00 37.93 ? 183 HIS A CD2 1 
ATOM   883  C CE1 . HIS A 1 127 ? 5.563   3.705   -7.182  1.00 40.43 ? 183 HIS A CE1 1 
ATOM   884  N NE2 . HIS A 1 127 ? 4.278   3.996   -7.058  1.00 39.22 ? 183 HIS A NE2 1 
ATOM   885  N N   . ASN A 1 128 ? 3.928   8.615   -5.943  1.00 29.64 ? 184 ASN A N   1 
ATOM   886  C CA  . ASN A 1 128 ? 2.777   8.817   -6.830  1.00 33.11 ? 184 ASN A CA  1 
ATOM   887  C C   . ASN A 1 128 ? 2.949   10.045  -7.726  1.00 33.56 ? 184 ASN A C   1 
ATOM   888  O O   . ASN A 1 128 ? 2.304   10.131  -8.775  1.00 30.49 ? 184 ASN A O   1 
ATOM   889  C CB  . ASN A 1 128 ? 1.466   8.943   -6.021  1.00 27.12 ? 184 ASN A CB  1 
ATOM   890  C CG  . ASN A 1 128 ? 1.044   7.640   -5.374  1.00 33.66 ? 184 ASN A CG  1 
ATOM   891  O OD1 . ASN A 1 128 ? 1.400   6.557   -5.830  1.00 33.99 ? 184 ASN A OD1 1 
ATOM   892  N ND2 . ASN A 1 128 ? 0.298   7.740   -4.292  1.00 31.89 ? 184 ASN A ND2 1 
ATOM   893  N N   . LYS A 1 129 ? 3.799   10.993  -7.339  1.00 32.50 ? 185 LYS A N   1 
ATOM   894  C CA  . LYS A 1 129 ? 3.948   12.240  -8.080  1.00 30.92 ? 185 LYS A CA  1 
ATOM   895  C C   . LYS A 1 129 ? 5.098   12.235  -9.089  1.00 34.53 ? 185 LYS A C   1 
ATOM   896  O O   . LYS A 1 129 ? 5.123   13.095  -9.971  1.00 40.61 ? 185 LYS A O   1 
ATOM   897  C CB  . LYS A 1 129 ? 4.134   13.399  -7.103  1.00 31.70 ? 185 LYS A CB  1 
ATOM   898  C CG  . LYS A 1 129 ? 3.008   13.545  -6.077  1.00 35.16 ? 185 LYS A CG  1 
ATOM   899  C CD  . LYS A 1 129 ? 1.660   13.877  -6.687  1.00 43.33 ? 185 LYS A CD  1 
ATOM   900  C CE  . LYS A 1 129 ? 0.683   14.256  -5.587  1.00 41.31 ? 185 LYS A CE  1 
ATOM   901  N NZ  . LYS A 1 129 ? -0.673  14.700  -6.026  1.00 42.70 ? 185 LYS A NZ  1 
ATOM   902  N N   . LYS A 1 130 ? 6.000   11.252  -9.046  1.00 46.54 ? 186 LYS A N   1 
ATOM   903  C CA  . LYS A 1 130 ? 7.179   11.274  -9.914  1.00 44.66 ? 186 LYS A CA  1 
ATOM   904  C C   . LYS A 1 130 ? 6.850   10.871  -11.354 1.00 47.25 ? 186 LYS A C   1 
ATOM   905  O O   . LYS A 1 130 ? 6.202   9.850   -11.591 1.00 40.92 ? 186 LYS A O   1 
ATOM   906  C CB  . LYS A 1 130 ? 8.254   10.349  -9.350  1.00 38.18 ? 186 LYS A CB  1 
ATOM   907  N N   . ARG A 1 131 ? 7.325   11.663  -12.314 1.00 52.24 ? 187 ARG A N   1 
ATOM   908  C CA  . ARG A 1 131 ? 7.188   11.406  -13.745 1.00 53.32 ? 187 ARG A CA  1 
ATOM   909  C C   . ARG A 1 131 ? 8.353   10.577  -14.284 1.00 53.12 ? 187 ARG A C   1 
ATOM   910  O O   . ARG A 1 131 ? 9.420   10.492  -13.678 1.00 60.39 ? 187 ARG A O   1 
ATOM   911  C CB  . ARG A 1 131 ? 7.138   12.719  -14.517 1.00 59.06 ? 187 ARG A CB  1 
ATOM   912  C CG  . ARG A 1 131 ? 5.918   13.544  -14.269 1.00 62.24 ? 187 ARG A CG  1 
ATOM   913  C CD  . ARG A 1 131 ? 4.850   13.199  -15.290 1.00 63.83 ? 187 ARG A CD  1 
ATOM   914  N NE  . ARG A 1 131 ? 4.159   14.380  -15.792 1.00 68.96 ? 187 ARG A NE  1 
ATOM   915  C CZ  . ARG A 1 131 ? 3.404   15.185  -15.047 1.00 66.60 ? 187 ARG A CZ  1 
ATOM   916  N NH1 . ARG A 1 131 ? 3.235   14.949  -13.750 1.00 62.46 ? 187 ARG A NH1 1 
ATOM   917  N NH2 . ARG A 1 131 ? 2.814   16.234  -15.603 1.00 72.85 ? 187 ARG A NH2 1 
ATOM   918  N N   . LYS A 1 132 ? 8.156   10.012  -15.470 1.00 65.81 ? 188 LYS A N   1 
ATOM   919  C CA  . LYS A 1 132 ? 9.254   9.355   -16.191 1.00 66.54 ? 188 LYS A CA  1 
ATOM   920  C C   . LYS A 1 132 ? 9.386   9.900   -17.614 1.00 72.59 ? 188 LYS A C   1 
ATOM   921  O O   . LYS A 1 132 ? 9.686   11.081  -17.823 1.00 74.52 ? 188 LYS A O   1 
ATOM   922  C CB  . LYS A 1 132 ? 9.054   7.836   -16.225 1.00 71.89 ? 188 LYS A CB  1 
ATOM   923  N N   . GLY A 1 137 ? 5.823   12.181  -18.909 1.00 80.16 ? 193 GLY A N   1 
ATOM   924  C CA  . GLY A 1 137 ? 4.419   11.915  -19.171 1.00 68.15 ? 193 GLY A CA  1 
ATOM   925  C C   . GLY A 1 137 ? 3.760   10.918  -18.224 1.00 65.44 ? 193 GLY A C   1 
ATOM   926  O O   . GLY A 1 137 ? 4.056   9.719   -18.245 1.00 63.38 ? 193 GLY A O   1 
ATOM   927  N N   . TYR A 1 138 ? 2.876   11.440  -17.377 1.00 62.53 ? 194 TYR A N   1 
ATOM   928  C CA  . TYR A 1 138 ? 1.984   10.673  -16.506 1.00 53.32 ? 194 TYR A CA  1 
ATOM   929  C C   . TYR A 1 138 ? 2.682   9.966   -15.349 1.00 48.82 ? 194 TYR A C   1 
ATOM   930  O O   . TYR A 1 138 ? 3.216   8.861   -15.491 1.00 43.72 ? 194 TYR A O   1 
ATOM   931  C CB  . TYR A 1 138 ? 1.174   9.660   -17.306 1.00 49.54 ? 194 TYR A CB  1 
ATOM   932  C CG  . TYR A 1 138 ? -0.014  10.287  -17.991 1.00 55.36 ? 194 TYR A CG  1 
ATOM   933  C CD1 . TYR A 1 138 ? 0.085   11.541  -18.573 1.00 62.70 ? 194 TYR A CD1 1 
ATOM   934  C CD2 . TYR A 1 138 ? -1.232  9.630   -18.062 1.00 53.39 ? 194 TYR A CD2 1 
ATOM   935  C CE1 . TYR A 1 138 ? -0.986  12.123  -19.204 1.00 67.07 ? 194 TYR A CE1 1 
ATOM   936  C CE2 . TYR A 1 138 ? -2.312  10.201  -18.695 1.00 56.99 ? 194 TYR A CE2 1 
ATOM   937  C CZ  . TYR A 1 138 ? -2.182  11.449  -19.264 1.00 59.50 ? 194 TYR A CZ  1 
ATOM   938  O OH  . TYR A 1 138 ? -3.251  12.036  -19.898 1.00 64.00 ? 194 TYR A OH  1 
ATOM   939  N N   . SER A 1 139 ? 2.645   10.606  -14.188 1.00 46.64 ? 195 SER A N   1 
ATOM   940  C CA  . SER A 1 139 ? 2.932   9.934   -12.936 1.00 40.77 ? 195 SER A CA  1 
ATOM   941  C C   . SER A 1 139 ? 1.934   8.793   -12.683 1.00 39.56 ? 195 SER A C   1 
ATOM   942  O O   . SER A 1 139 ? 0.914   8.630   -13.374 1.00 36.20 ? 195 SER A O   1 
ATOM   943  C CB  . SER A 1 139 ? 2.863   10.933  -11.793 1.00 40.28 ? 195 SER A CB  1 
ATOM   944  O OG  . SER A 1 139 ? 1.533   11.390  -11.656 1.00 39.63 ? 195 SER A OG  1 
ATOM   945  N N   . ALA A 1 140 ? 2.235   7.993   -11.666 1.00 39.28 ? 196 ALA A N   1 
ATOM   946  C CA  . ALA A 1 140 ? 1.274   6.968   -11.269 1.00 31.13 ? 196 ALA A CA  1 
ATOM   947  C C   . ALA A 1 140 ? -0.013  7.598   -10.737 1.00 31.13 ? 196 ALA A C   1 
ATOM   948  O O   . ALA A 1 140 ? -1.102  7.060   -10.950 1.00 32.54 ? 196 ALA A O   1 
ATOM   949  C CB  . ALA A 1 140 ? 1.896   6.048   -10.225 1.00 33.48 ? 196 ALA A CB  1 
ATOM   950  N N   . GLY A 1 141 ? 0.086   8.735   -10.047 1.00 30.43 ? 197 GLY A N   1 
ATOM   951  C CA  . GLY A 1 141 ? -1.116  9.418   -9.596  1.00 29.72 ? 197 GLY A CA  1 
ATOM   952  C C   . GLY A 1 141 ? -1.928  10.012  -10.726 1.00 28.87 ? 197 GLY A C   1 
ATOM   953  O O   . GLY A 1 141 ? -3.156  10.079  -10.646 1.00 29.95 ? 197 GLY A O   1 
ATOM   954  N N   . GLU A 1 142 ? -1.271  10.448  -11.792 1.00 32.63 ? 198 GLU A N   1 
ATOM   955  C CA  . GLU A 1 142 ? -2.022  10.903  -12.953 1.00 32.86 ? 198 GLU A CA  1 
ATOM   956  C C   . GLU A 1 142 ? -2.555  9.718   -13.734 1.00 34.88 ? 198 GLU A C   1 
ATOM   957  O O   . GLU A 1 142 ? -3.647  9.781   -14.306 1.00 33.74 ? 198 GLU A O   1 
ATOM   958  C CB  . GLU A 1 142 ? -1.151  11.766  -13.855 1.00 39.43 ? 198 GLU A CB  1 
ATOM   959  C CG  . GLU A 1 142 ? -0.689  13.071  -13.207 1.00 40.29 ? 198 GLU A CG  1 
ATOM   960  C CD  . GLU A 1 142 ? 0.481   13.683  -13.939 1.00 52.76 ? 198 GLU A CD  1 
ATOM   961  O OE1 . GLU A 1 142 ? 1.305   12.926  -14.509 1.00 50.80 ? 198 GLU A OE1 1 
ATOM   962  O OE2 . GLU A 1 142 ? 0.584   14.929  -13.937 1.00 61.02 ? 198 GLU A OE2 1 
ATOM   963  N N   . ARG A 1 143 ? -1.798  8.630   -13.762 1.00 32.02 ? 199 ARG A N   1 
ATOM   964  C CA  . ARG A 1 143 ? -2.234  7.480   -14.551 1.00 32.51 ? 199 ARG A CA  1 
ATOM   965  C C   . ARG A 1 143 ? -3.513  6.883   -13.977 1.00 30.63 ? 199 ARG A C   1 
ATOM   966  O O   . ARG A 1 143 ? -4.448  6.587   -14.727 1.00 37.80 ? 199 ARG A O   1 
ATOM   967  C CB  . ARG A 1 143 ? -1.115  6.446   -14.631 1.00 32.49 ? 199 ARG A CB  1 
ATOM   968  C CG  . ARG A 1 143 ? -1.439  5.286   -15.536 1.00 36.92 ? 199 ARG A CG  1 
ATOM   969  C CD  . ARG A 1 143 ? -1.696  5.751   -16.963 1.00 36.65 ? 199 ARG A CD  1 
ATOM   970  N NE  . ARG A 1 143 ? -0.455  6.085   -17.650 1.00 42.10 ? 199 ARG A NE  1 
ATOM   971  C CZ  . ARG A 1 143 ? -0.396  6.555   -18.895 1.00 48.97 ? 199 ARG A CZ  1 
ATOM   972  N NH1 . ARG A 1 143 ? -1.519  6.758   -19.584 1.00 43.58 ? 199 ARG A NH1 1 
ATOM   973  N NH2 . ARG A 1 143 ? 0.783   6.832   -19.446 1.00 43.34 ? 199 ARG A NH2 1 
ATOM   974  N N   . ILE A 1 144 ? -3.589  6.723   -12.651 1.00 29.51 ? 200 ILE A N   1 
ATOM   975  C CA  . ILE A 1 144 ? -4.783  6.124   -12.058 1.00 28.29 ? 200 ILE A CA  1 
ATOM   976  C C   . ILE A 1 144 ? -6.033  6.936   -12.398 1.00 35.18 ? 200 ILE A C   1 
ATOM   977  O O   . ILE A 1 144 ? -7.052  6.363   -12.814 1.00 28.84 ? 200 ILE A O   1 
ATOM   978  C CB  . ILE A 1 144 ? -4.617  5.901   -10.537 1.00 27.86 ? 200 ILE A CB  1 
ATOM   979  C CG1 . ILE A 1 144 ? -5.848  5.181   -10.004 1.00 29.34 ? 200 ILE A CG1 1 
ATOM   980  C CG2 . ILE A 1 144 ? -4.448  7.226   -9.749  1.00 29.11 ? 200 ILE A CG2 1 
ATOM   981  C CD1 . ILE A 1 144 ? -5.718  4.705   -8.572  1.00 31.78 ? 200 ILE A CD1 1 
ATOM   982  N N   . VAL A 1 145 ? -5.985  8.274   -12.280 1.00 27.67 ? 201 VAL A N   1 
ATOM   983  C CA  . VAL A 1 145 ? -7.221  8.983   -12.564 1.00 31.57 ? 201 VAL A CA  1 
ATOM   984  C C   . VAL A 1 145 ? -7.523  8.945   -14.056 1.00 39.45 ? 201 VAL A C   1 
ATOM   985  O O   . VAL A 1 145 ? -8.694  8.907   -14.450 1.00 36.93 ? 201 VAL A O   1 
ATOM   986  C CB  . VAL A 1 145 ? -7.226  10.436  -12.036 1.00 41.63 ? 201 VAL A CB  1 
ATOM   987  C CG1 . VAL A 1 145 ? -6.702  10.522  -10.628 1.00 34.48 ? 201 VAL A CG1 1 
ATOM   988  C CG2 . VAL A 1 145 ? -6.505  11.343  -12.957 1.00 40.12 ? 201 VAL A CG2 1 
ATOM   989  N N   . ASP A 1 146 ? -6.490  8.926   -14.914 1.00 40.88 ? 202 ASP A N   1 
ATOM   990  C CA  . ASP A 1 146 ? -6.750  8.838   -16.347 1.00 38.18 ? 202 ASP A CA  1 
ATOM   991  C C   . ASP A 1 146 ? -7.336  7.477   -16.716 1.00 39.74 ? 202 ASP A C   1 
ATOM   992  O O   . ASP A 1 146 ? -8.277  7.396   -17.515 1.00 41.87 ? 202 ASP A O   1 
ATOM   993  C CB  . ASP A 1 146 ? -5.481  9.108   -17.140 1.00 38.92 ? 202 ASP A CB  1 
ATOM   994  C CG  . ASP A 1 146 ? -5.766  9.398   -18.613 1.00 50.68 ? 202 ASP A CG  1 
ATOM   995  O OD1 . ASP A 1 146 ? -6.506  10.367  -18.912 1.00 54.88 ? 202 ASP A OD1 1 
ATOM   996  O OD2 . ASP A 1 146 ? -5.251  8.656   -19.469 1.00 51.08 ? 202 ASP A OD2 1 
ATOM   997  N N   . ILE A 1 147 ? -6.806  6.402   -16.144 1.00 37.97 ? 203 ILE A N   1 
ATOM   998  C CA  . ILE A 1 147 ? -7.414  5.086   -16.351 1.00 34.76 ? 203 ILE A CA  1 
ATOM   999  C C   . ILE A 1 147 ? -8.891  5.117   -15.970 1.00 43.61 ? 203 ILE A C   1 
ATOM   1000 O O   . ILE A 1 147 ? -9.760  4.717   -16.750 1.00 44.68 ? 203 ILE A O   1 
ATOM   1001 C CB  . ILE A 1 147 ? -6.659  4.008   -15.559 1.00 37.85 ? 203 ILE A CB  1 
ATOM   1002 C CG1 . ILE A 1 147 ? -5.279  3.747   -16.156 1.00 34.90 ? 203 ILE A CG1 1 
ATOM   1003 C CG2 . ILE A 1 147 ? -7.451  2.708   -15.559 1.00 37.88 ? 203 ILE A CG2 1 
ATOM   1004 C CD1 . ILE A 1 147 ? -4.436  2.781   -15.326 1.00 28.12 ? 203 ILE A CD1 1 
ATOM   1005 N N   . ILE A 1 148 ? -9.202  5.624   -14.776 1.00 41.14 ? 204 ILE A N   1 
ATOM   1006 C CA  . ILE A 1 148 ? -10.580 5.573   -14.298 1.00 40.23 ? 204 ILE A CA  1 
ATOM   1007 C C   . ILE A 1 148 ? -11.479 6.496   -15.115 1.00 48.07 ? 204 ILE A C   1 
ATOM   1008 O O   . ILE A 1 148 ? -12.590 6.117   -15.499 1.00 46.89 ? 204 ILE A O   1 
ATOM   1009 C CB  . ILE A 1 148 ? -10.646 5.913   -12.803 1.00 38.10 ? 204 ILE A CB  1 
ATOM   1010 C CG1 . ILE A 1 148 ? -9.946  4.845   -11.981 1.00 42.42 ? 204 ILE A CG1 1 
ATOM   1011 C CG2 . ILE A 1 148 ? -12.094 6.067   -12.362 1.00 38.41 ? 204 ILE A CG2 1 
ATOM   1012 C CD1 . ILE A 1 148 ? -9.552  5.348   -10.631 1.00 41.87 ? 204 ILE A CD1 1 
ATOM   1013 N N   . ALA A 1 149 ? -11.028 7.712   -15.364 1.00 44.13 ? 205 ALA A N   1 
ATOM   1014 C CA  . ALA A 1 149 ? -11.796 8.703   -16.104 1.00 45.41 ? 205 ALA A CA  1 
ATOM   1015 C C   . ALA A 1 149 ? -12.161 8.218   -17.479 1.00 51.74 ? 205 ALA A C   1 
ATOM   1016 O O   . ALA A 1 149 ? -13.179 8.561   -18.020 1.00 54.48 ? 205 ALA A O   1 
ATOM   1017 C CB  . ALA A 1 149 ? -11.012 9.989   -16.228 1.00 45.51 ? 205 ALA A CB  1 
ATOM   1018 N N   . THR A 1 150 ? -11.286 7.422   -18.043 1.00 51.32 ? 206 THR A N   1 
ATOM   1019 C CA  . THR A 1 150 ? -11.483 6.864   -19.343 1.00 52.12 ? 206 THR A CA  1 
ATOM   1020 C C   . THR A 1 150 ? -12.539 5.780   -19.238 1.00 57.55 ? 206 THR A C   1 
ATOM   1021 O O   . THR A 1 150 ? -13.406 5.674   -20.069 1.00 63.21 ? 206 THR A O   1 
ATOM   1022 C CB  . THR A 1 150 ? -10.157 6.341   -19.882 1.00 20.00 ? 206 THR A CB  1 
ATOM   1023 O OG1 . THR A 1 150 ? -9.387  7.443   -20.375 1.00 20.00 ? 206 THR A OG1 1 
ATOM   1024 C CG2 . THR A 1 150 ? -10.379 5.344   -20.953 1.00 20.00 ? 206 THR A CG2 1 
ATOM   1025 N N   . ASP A 1 151 ? -12.504 5.015   -18.167 1.00 56.53 ? 207 ASP A N   1 
ATOM   1026 C CA  . ASP A 1 151 ? -13.539 4.037   -17.911 1.00 60.21 ? 207 ASP A CA  1 
ATOM   1027 C C   . ASP A 1 151 ? -14.938 4.596   -17.599 1.00 67.99 ? 207 ASP A C   1 
ATOM   1028 O O   . ASP A 1 151 ? -15.832 3.856   -17.230 1.00 72.88 ? 207 ASP A O   1 
ATOM   1029 C CB  . ASP A 1 151 ? -13.114 3.125   -16.791 1.00 63.46 ? 207 ASP A CB  1 
ATOM   1030 C CG  . ASP A 1 151 ? -13.357 1.694   -17.109 1.00 73.10 ? 207 ASP A CG  1 
ATOM   1031 O OD1 . ASP A 1 151 ? -12.869 1.252   -18.160 1.00 81.52 ? 207 ASP A OD1 1 
ATOM   1032 O OD2 . ASP A 1 151 ? -14.018 1.008   -16.319 1.00 78.68 ? 207 ASP A OD2 1 
ATOM   1033 N N   . ILE A 1 152 ? -15.131 5.891   -17.757 1.00 67.26 ? 208 ILE A N   1 
ATOM   1034 C CA  . ILE A 1 152 ? -16.478 6.475   -17.731 1.00 73.93 ? 208 ILE A CA  1 
ATOM   1035 C C   . ILE A 1 152 ? -16.803 7.114   -19.085 1.00 73.19 ? 208 ILE A C   1 
ATOM   1036 O O   . ILE A 1 152 ? -17.435 6.501   -19.948 1.00 80.67 ? 208 ILE A O   1 
ATOM   1037 C CB  . ILE A 1 152 ? -16.632 7.516   -16.607 1.00 67.10 ? 208 ILE A CB  1 
ATOM   1038 C CG1 . ILE A 1 152 ? -15.838 7.106   -15.368 1.00 60.58 ? 208 ILE A CG1 1 
ATOM   1039 C CG2 . ILE A 1 152 ? -18.110 7.707   -16.265 1.00 69.18 ? 208 ILE A CG2 1 
ATOM   1040 C CD1 . ILE A 1 152 ? -15.537 8.272   -14.437 1.00 54.77 ? 208 ILE A CD1 1 
ATOM   1041 N N   . TRP B 2 1   ? 18.045  6.168   6.611   1.00 37.21 ? 1   TRP B N   1 
ATOM   1042 C CA  . TRP B 2 1   ? 17.981  4.850   7.251   1.00 37.78 ? 1   TRP B CA  1 
ATOM   1043 C C   . TRP B 2 1   ? 17.995  3.764   6.206   1.00 34.43 ? 1   TRP B C   1 
ATOM   1044 O O   . TRP B 2 1   ? 17.777  4.043   5.043   1.00 37.43 ? 1   TRP B O   1 
ATOM   1045 C CB  . TRP B 2 1   ? 16.739  4.720   8.111   1.00 34.33 ? 1   TRP B CB  1 
ATOM   1046 C CG  . TRP B 2 1   ? 16.605  5.840   9.045   1.00 34.13 ? 1   TRP B CG  1 
ATOM   1047 C CD1 . TRP B 2 1   ? 17.206  7.071   8.944   1.00 36.36 ? 1   TRP B CD1 1 
ATOM   1048 C CD2 . TRP B 2 1   ? 15.843  5.867   10.245  1.00 35.50 ? 1   TRP B CD2 1 
ATOM   1049 N NE1 . TRP B 2 1   ? 16.844  7.858   9.994   1.00 35.39 ? 1   TRP B NE1 1 
ATOM   1050 C CE2 . TRP B 2 1   ? 16.012  7.149   10.814  1.00 35.41 ? 1   TRP B CE2 1 
ATOM   1051 C CE3 . TRP B 2 1   ? 15.017  4.947   10.888  1.00 37.78 ? 1   TRP B CE3 1 
ATOM   1052 C CZ2 . TRP B 2 1   ? 15.396  7.526   11.990  1.00 35.24 ? 1   TRP B CZ2 1 
ATOM   1053 C CZ3 . TRP B 2 1   ? 14.403  5.329   12.069  1.00 41.86 ? 1   TRP B CZ3 1 
ATOM   1054 C CH2 . TRP B 2 1   ? 14.594  6.607   12.602  1.00 39.57 ? 1   TRP B CH2 1 
ATOM   1055 N N   . SER B 2 2   ? 18.250  2.524   6.624   1.00 41.34 ? 2   SER B N   1 
ATOM   1056 C CA  . SER B 2 2   ? 18.276  1.366   5.740   1.00 36.66 ? 2   SER B CA  1 
ATOM   1057 C C   . SER B 2 2   ? 17.376  0.289   6.314   1.00 46.50 ? 2   SER B C   1 
ATOM   1058 O O   . SER B 2 2   ? 17.538  -0.087  7.475   1.00 47.07 ? 2   SER B O   1 
ATOM   1059 C CB  . SER B 2 2   ? 19.689  0.782   5.579   1.00 42.22 ? 2   SER B CB  1 
ATOM   1060 O OG  . SER B 2 2   ? 20.619  1.731   5.110   1.00 41.02 ? 2   SER B OG  1 
ATOM   1061 N N   . TYR B 2 3   ? 16.460  -0.226  5.497   1.00 41.65 ? 3   TYR B N   1 
ATOM   1062 C CA  . TYR B 2 3   ? 15.522  -1.259  5.908   1.00 45.51 ? 3   TYR B CA  1 
ATOM   1063 C C   . TYR B 2 3   ? 15.873  -2.548  5.193   1.00 45.02 ? 3   TYR B C   1 
ATOM   1064 O O   . TYR B 2 3   ? 15.978  -2.565  3.966   1.00 54.13 ? 3   TYR B O   1 
ATOM   1065 C CB  . TYR B 2 3   ? 14.089  -0.834  5.595   1.00 43.10 ? 3   TYR B CB  1 
ATOM   1066 C CG  . TYR B 2 3   ? 13.723  0.462   6.271   1.00 40.69 ? 3   TYR B CG  1 
ATOM   1067 C CD1 . TYR B 2 3   ? 13.486  0.498   7.626   1.00 39.97 ? 3   TYR B CD1 1 
ATOM   1068 C CD2 . TYR B 2 3   ? 13.630  1.647   5.556   1.00 39.24 ? 3   TYR B CD2 1 
ATOM   1069 C CE1 . TYR B 2 3   ? 13.164  1.655   8.262   1.00 35.22 ? 3   TYR B CE1 1 
ATOM   1070 C CE2 . TYR B 2 3   ? 13.305  2.825   6.189   1.00 39.83 ? 3   TYR B CE2 1 
ATOM   1071 C CZ  . TYR B 2 3   ? 13.074  2.823   7.551   1.00 38.54 ? 3   TYR B CZ  1 
ATOM   1072 O OH  . TYR B 2 3   ? 12.748  3.976   8.227   1.00 36.20 ? 3   TYR B OH  1 
ATOM   1073 N N   . PHE B 2 4   ? 16.065  -3.618  5.957   1.00 50.57 ? 4   PHE B N   1 
ATOM   1074 C CA  . PHE B 2 4   ? 16.604  -4.868  5.437   1.00 51.18 ? 4   PHE B CA  1 
ATOM   1075 C C   . PHE B 2 4   ? 15.483  -5.858  5.121   1.00 58.50 ? 4   PHE B C   1 
ATOM   1076 O O   . PHE B 2 4   ? 14.311  -5.621  5.428   1.00 61.04 ? 4   PHE B O   1 
ATOM   1077 C CB  . PHE B 2 4   ? 17.591  -5.476  6.437   1.00 51.00 ? 4   PHE B CB  1 
ATOM   1078 C CG  . PHE B 2 4   ? 18.736  -4.565  6.789   1.00 51.14 ? 4   PHE B CG  1 
ATOM   1079 C CD1 . PHE B 2 4   ? 19.599  -4.106  5.815   1.00 51.17 ? 4   PHE B CD1 1 
ATOM   1080 C CD2 . PHE B 2 4   ? 18.948  -4.171  8.097   1.00 49.70 ? 4   PHE B CD2 1 
ATOM   1081 C CE1 . PHE B 2 4   ? 20.653  -3.270  6.135   1.00 58.03 ? 4   PHE B CE1 1 
ATOM   1082 C CE2 . PHE B 2 4   ? 20.003  -3.330  8.429   1.00 50.53 ? 4   PHE B CE2 1 
ATOM   1083 C CZ  . PHE B 2 4   ? 20.855  -2.878  7.447   1.00 51.76 ? 4   PHE B CZ  1 
ATOM   1084 N N   . TYR B 2 5   ? 15.860  -6.977  4.486   1.00 54.67 ? 5   TYR B N   1 
ATOM   1085 C CA  . TYR B 2 5   ? 14.867  -7.976  4.075   1.00 59.80 ? 5   TYR B CA  1 
ATOM   1086 C C   . TYR B 2 5   ? 14.138  -8.547  5.282   1.00 59.90 ? 5   TYR B C   1 
ATOM   1087 O O   . TYR B 2 5   ? 12.903  -8.579  5.317   1.00 67.45 ? 5   TYR B O   1 
ATOM   1088 C CB  . TYR B 2 5   ? 15.527  -9.097  3.276   1.00 49.98 ? 5   TYR B CB  1 
ATOM   1089 N N   . ASP B 2 6   ? 14.884  -9.004  6.281   1.00 58.62 ? 6   ASP B N   1 
ATOM   1090 C CA  . ASP B 2 6   ? 14.279  -9.267  7.572   1.00 56.69 ? 6   ASP B CA  1 
ATOM   1091 C C   . ASP B 2 6   ? 13.781  -7.954  8.171   1.00 62.67 ? 6   ASP B C   1 
ATOM   1092 O O   . ASP B 2 6   ? 14.100  -6.861  7.697   1.00 69.66 ? 6   ASP B O   1 
ATOM   1093 C CB  . ASP B 2 6   ? 15.280  -9.943  8.500   1.00 64.79 ? 6   ASP B CB  1 
ATOM   1094 C CG  . ASP B 2 6   ? 16.563  -9.144  8.642   1.00 65.12 ? 6   ASP B CG  1 
ATOM   1095 O OD1 . ASP B 2 6   ? 16.574  -8.197  9.446   1.00 61.27 ? 6   ASP B OD1 1 
ATOM   1096 O OD2 . ASP B 2 6   ? 17.557  -9.459  7.952   1.00 67.98 ? 6   ASP B OD2 1 
ATOM   1097 N N   . GLY B 2 7   ? 13.002  -8.051  9.234   1.00 61.45 ? 7   GLY B N   1 
ATOM   1098 C CA  . GLY B 2 7   ? 12.373  -6.845  9.736   1.00 59.29 ? 7   GLY B CA  1 
ATOM   1099 C C   . GLY B 2 7   ? 13.311  -5.792  10.290  1.00 55.60 ? 7   GLY B C   1 
ATOM   1100 O O   . GLY B 2 7   ? 12.858  -4.728  10.722  1.00 58.18 ? 7   GLY B O   1 
ATOM   1101 N N   . SER B 2 8   ? 14.613  -6.061  10.290  1.00 56.00 ? 8   SER B N   1 
ATOM   1102 C CA  . SER B 2 8   ? 15.509  -5.163  11.000  1.00 51.23 ? 8   SER B CA  1 
ATOM   1103 C C   . SER B 2 8   ? 15.876  -3.964  10.133  1.00 50.78 ? 8   SER B C   1 
ATOM   1104 O O   . SER B 2 8   ? 15.640  -3.929  8.922   1.00 48.62 ? 8   SER B O   1 
ATOM   1105 C CB  . SER B 2 8   ? 16.772  -5.889  11.455  1.00 46.84 ? 8   SER B CB  1 
ATOM   1106 O OG  . SER B 2 8   ? 17.753  -5.890  10.437  1.00 47.75 ? 8   SER B OG  1 
ATOM   1107 N N   . TYR B 2 9   ? 16.468  -2.965  10.777  1.00 49.87 ? 9   TYR B N   1 
ATOM   1108 C CA  . TYR B 2 9   ? 16.821  -1.740  10.085  1.00 46.48 ? 9   TYR B CA  1 
ATOM   1109 C C   . TYR B 2 9   ? 18.025  -1.101  10.751  1.00 44.25 ? 9   TYR B C   1 
ATOM   1110 O O   . TYR B 2 9   ? 18.380  -1.421  11.887  1.00 44.82 ? 9   TYR B O   1 
ATOM   1111 C CB  . TYR B 2 9   ? 15.665  -0.753  10.075  1.00 42.16 ? 9   TYR B CB  1 
ATOM   1112 C CG  . TYR B 2 9   ? 15.377  -0.111  11.414  1.00 45.88 ? 9   TYR B CG  1 
ATOM   1113 C CD1 . TYR B 2 9   ? 14.634  -0.779  12.377  1.00 46.33 ? 9   TYR B CD1 1 
ATOM   1114 C CD2 . TYR B 2 9   ? 15.828  1.169   11.706  1.00 38.53 ? 9   TYR B CD2 1 
ATOM   1115 C CE1 . TYR B 2 9   ? 14.349  -0.201  13.589  1.00 40.45 ? 9   TYR B CE1 1 
ATOM   1116 C CE2 . TYR B 2 9   ? 15.545  1.760   12.924  1.00 42.65 ? 9   TYR B CE2 1 
ATOM   1117 C CZ  . TYR B 2 9   ? 14.804  1.062   13.858  1.00 45.32 ? 9   TYR B CZ  1 
ATOM   1118 O OH  . TYR B 2 9   ? 14.511  1.627   15.075  1.00 47.50 ? 9   TYR B OH  1 
ATOM   1119 N N   . SER B 2 10  ? 18.620  -0.145  10.042  1.00 41.79 ? 10  SER B N   1 
ATOM   1120 C CA  . SER B 2 10  ? 19.726  0.625   10.575  1.00 40.47 ? 10  SER B CA  1 
ATOM   1121 C C   . SER B 2 10  ? 19.448  2.102   10.362  1.00 38.95 ? 10  SER B C   1 
ATOM   1122 O O   . SER B 2 10  ? 18.814  2.494   9.377   1.00 41.20 ? 10  SER B O   1 
ATOM   1123 C CB  . SER B 2 10  ? 21.060  0.219   9.901   1.00 39.50 ? 10  SER B CB  1 
ATOM   1124 O OG  . SER B 2 10  ? 22.092  1.130   10.249  1.00 39.54 ? 10  SER B OG  1 
ATOM   1125 N N   . TYR B 2 11  ? 19.917  2.918   11.304  1.00 40.03 ? 11  TYR B N   1 
ATOM   1126 C CA  . TYR B 2 11  ? 19.865  4.358   11.130  1.00 35.02 ? 11  TYR B CA  1 
ATOM   1127 C C   . TYR B 2 11  ? 20.864  4.836   10.094  1.00 37.53 ? 11  TYR B C   1 
ATOM   1128 O O   . TYR B 2 11  ? 20.751  5.968   9.606   1.00 41.74 ? 11  TYR B O   1 
ATOM   1129 C CB  . TYR B 2 11  ? 20.120  5.056   12.460  1.00 35.67 ? 11  TYR B CB  1 
ATOM   1130 C CG  . TYR B 2 11  ? 19.077  4.772   13.501  1.00 40.66 ? 11  TYR B CG  1 
ATOM   1131 C CD1 . TYR B 2 11  ? 19.169  3.644   14.314  1.00 43.36 ? 11  TYR B CD1 1 
ATOM   1132 C CD2 . TYR B 2 11  ? 17.980  5.609   13.661  1.00 43.49 ? 11  TYR B CD2 1 
ATOM   1133 C CE1 . TYR B 2 11  ? 18.206  3.368   15.269  1.00 38.98 ? 11  TYR B CE1 1 
ATOM   1134 C CE2 . TYR B 2 11  ? 17.003  5.336   14.612  1.00 43.44 ? 11  TYR B CE2 1 
ATOM   1135 C CZ  . TYR B 2 11  ? 17.122  4.214   15.413  1.00 46.47 ? 11  TYR B CZ  1 
ATOM   1136 O OH  . TYR B 2 11  ? 16.164  3.935   16.364  1.00 44.98 ? 11  TYR B OH  1 
ATOM   1137 N N   . TYR B 2 12  ? 21.848  4.011   9.765   1.00 40.14 ? 12  TYR B N   1 
ATOM   1138 C CA  . TYR B 2 12  ? 22.899  4.386   8.837   1.00 38.53 ? 12  TYR B CA  1 
ATOM   1139 C C   . TYR B 2 12  ? 22.441  4.082   7.424   1.00 38.00 ? 12  TYR B C   1 
ATOM   1140 O O   . TYR B 2 12  ? 21.766  3.074   7.188   1.00 38.52 ? 12  TYR B O   1 
ATOM   1141 C CB  . TYR B 2 12  ? 24.192  3.633   9.166   1.00 32.16 ? 12  TYR B CB  1 
ATOM   1142 C CG  . TYR B 2 12  ? 25.375  4.052   8.332   1.00 37.03 ? 12  TYR B CG  1 
ATOM   1143 C CD1 . TYR B 2 12  ? 26.165  5.148   8.688   1.00 38.35 ? 12  TYR B CD1 1 
ATOM   1144 C CD2 . TYR B 2 12  ? 25.707  3.353   7.178   1.00 37.79 ? 12  TYR B CD2 1 
ATOM   1145 C CE1 . TYR B 2 12  ? 27.251  5.522   7.896   1.00 36.48 ? 12  TYR B CE1 1 
ATOM   1146 C CE2 . TYR B 2 12  ? 26.774  3.705   6.407   1.00 42.66 ? 12  TYR B CE2 1 
ATOM   1147 C CZ  . TYR B 2 12  ? 27.544  4.789   6.759   1.00 36.97 ? 12  TYR B CZ  1 
ATOM   1148 O OH  . TYR B 2 12  ? 28.600  5.109   5.948   1.00 48.13 ? 12  TYR B OH  1 
ATOM   1149 N N   . ASP B 2 13  ? 22.802  4.961   6.486   1.00 34.88 ? 13  ASP B N   1 
ATOM   1150 C CA  . ASP B 2 13  ? 22.478  4.754   5.069   1.00 46.28 ? 13  ASP B CA  1 
ATOM   1151 C C   . ASP B 2 13  ? 23.635  4.033   4.382   1.00 43.96 ? 13  ASP B C   1 
ATOM   1152 O O   . ASP B 2 13  ? 24.607  4.656   3.950   1.00 42.96 ? 13  ASP B O   1 
ATOM   1153 C CB  . ASP B 2 13  ? 22.152  6.081   4.384   1.00 34.28 ? 13  ASP B CB  1 
ATOM   1154 C CG  . ASP B 2 13  ? 20.860  6.688   4.893   1.00 36.15 ? 13  ASP B CG  1 
ATOM   1155 O OD1 . ASP B 2 13  ? 19.865  5.948   5.028   1.00 39.63 ? 13  ASP B OD1 1 
ATOM   1156 O OD2 . ASP B 2 13  ? 20.818  7.899   5.170   1.00 41.77 ? 13  ASP B OD2 1 
ATOM   1157 N N   . TYR B 2 14  ? 23.525  2.712   4.268   1.00 42.33 ? 14  TYR B N   1 
ATOM   1158 C CA  . TYR B 2 14  ? 24.561  1.908   3.631   1.00 46.48 ? 14  TYR B CA  1 
ATOM   1159 C C   . TYR B 2 14  ? 24.526  1.974   2.108   1.00 54.86 ? 14  TYR B C   1 
ATOM   1160 O O   . TYR B 2 14  ? 25.521  1.630   1.461   1.00 50.16 ? 14  TYR B O   1 
ATOM   1161 C CB  . TYR B 2 14  ? 24.437  0.455   4.078   1.00 44.50 ? 14  TYR B CB  1 
ATOM   1162 C CG  . TYR B 2 14  ? 24.780  0.248   5.539   1.00 46.03 ? 14  TYR B CG  1 
ATOM   1163 C CD1 . TYR B 2 14  ? 26.098  0.341   5.970   1.00 43.38 ? 14  TYR B CD1 1 
ATOM   1164 C CD2 . TYR B 2 14  ? 23.788  -0.045  6.484   1.00 39.63 ? 14  TYR B CD2 1 
ATOM   1165 C CE1 . TYR B 2 14  ? 26.434  0.150   7.291   1.00 43.43 ? 14  TYR B CE1 1 
ATOM   1166 C CE2 . TYR B 2 14  ? 24.117  -0.245  7.826   1.00 39.81 ? 14  TYR B CE2 1 
ATOM   1167 C CZ  . TYR B 2 14  ? 25.451  -0.136  8.219   1.00 43.66 ? 14  TYR B CZ  1 
ATOM   1168 O OH  . TYR B 2 14  ? 25.820  -0.315  9.540   1.00 38.43 ? 14  TYR B OH  1 
ATOM   1169 N N   . GLU B 2 15  ? 23.409  2.388   1.521   1.00 57.85 ? 15  GLU B N   1 
ATOM   1170 C CA  . GLU B 2 15  ? 23.325  2.554   0.076   1.00 67.85 ? 15  GLU B CA  1 
ATOM   1171 C C   . GLU B 2 15  ? 23.068  4.017   -0.279  1.00 62.35 ? 15  GLU B C   1 
ATOM   1172 O O   . GLU B 2 15  ? 23.809  4.611   -1.063  1.00 69.27 ? 15  GLU B O   1 
ATOM   1173 C CB  . GLU B 2 15  ? 22.227  1.657   -0.508  1.00 70.29 ? 15  GLU B CB  1 
ATOM   1174 C CG  . GLU B 2 15  ? 22.472  0.168   -0.298  1.00 71.65 ? 15  GLU B CG  1 
ATOM   1175 C CD  . GLU B 2 15  ? 23.604  -0.361  -1.166  1.00 82.97 ? 15  GLU B CD  1 
ATOM   1176 O OE1 . GLU B 2 15  ? 23.605  -0.050  -2.378  1.00 87.06 ? 15  GLU B OE1 1 
ATOM   1177 O OE2 . GLU B 2 15  ? 24.493  -1.076  -0.641  1.00 76.83 ? 15  GLU B OE2 1 
HETATM 1178 O O   . HOH C 3 .   ? -4.384  6.659   -19.289 1.00 45.32 ? 301 HOH A O   1 
HETATM 1179 O O   . HOH C 3 .   ? -7.606  -4.864  15.452  1.00 54.96 ? 302 HOH A O   1 
HETATM 1180 O O   . HOH C 3 .   ? 10.217  -4.039  11.556  1.00 53.02 ? 303 HOH A O   1 
HETATM 1181 O O   . HOH C 3 .   ? -0.671  -10.088 0.407   1.00 58.95 ? 304 HOH A O   1 
HETATM 1182 O O   . HOH C 3 .   ? -15.801 -1.340  -3.919  1.00 49.80 ? 305 HOH A O   1 
HETATM 1183 O O   . HOH C 3 .   ? -1.277  6.879   1.615   1.00 33.49 ? 306 HOH A O   1 
HETATM 1184 O O   . HOH C 3 .   ? 4.766   7.974   -10.439 1.00 34.20 ? 307 HOH A O   1 
HETATM 1185 O O   . HOH C 3 .   ? 2.200   -0.689  14.140  1.00 53.72 ? 308 HOH A O   1 
HETATM 1186 O O   . HOH C 3 .   ? -4.679  -4.977  -13.449 1.00 52.58 ? 309 HOH A O   1 
HETATM 1187 O O   . HOH C 3 .   ? 2.262   6.489   -16.243 1.00 39.42 ? 310 HOH A O   1 
HETATM 1188 O O   . HOH C 3 .   ? -15.280 7.442   -4.837  1.00 36.57 ? 311 HOH A O   1 
HETATM 1189 O O   . HOH C 3 .   ? 5.785   -8.492  2.423   1.00 66.88 ? 312 HOH A O   1 
HETATM 1190 O O   . HOH C 3 .   ? -11.263 -10.407 11.536  1.00 64.40 ? 313 HOH A O   1 
HETATM 1191 O O   . HOH C 3 .   ? -16.277 -5.355  8.649   1.00 56.87 ? 314 HOH A O   1 
HETATM 1192 O O   . HOH C 3 .   ? -3.751  12.115  -8.953  1.00 38.01 ? 315 HOH A O   1 
HETATM 1193 O O   . HOH C 3 .   ? -5.043  -2.514  -11.733 1.00 39.45 ? 316 HOH A O   1 
HETATM 1194 O O   . HOH C 3 .   ? 4.190   -9.841  3.751   1.00 66.28 ? 317 HOH A O   1 
HETATM 1195 O O   . HOH C 3 .   ? -11.641 -3.144  -13.564 1.00 57.70 ? 318 HOH A O   1 
HETATM 1196 O O   . HOH C 3 .   ? -15.059 0.964   -4.756  1.00 45.59 ? 319 HOH A O   1 
HETATM 1197 O O   . HOH C 3 .   ? 8.194   12.694  -6.770  1.00 41.98 ? 320 HOH A O   1 
HETATM 1198 O O   . HOH C 3 .   ? -12.795 7.081   1.632   1.00 38.34 ? 321 HOH A O   1 
HETATM 1199 O O   . HOH C 3 .   ? 7.632   15.220  11.734  1.00 51.69 ? 322 HOH A O   1 
HETATM 1200 O O   . HOH C 3 .   ? 0.925   10.759  0.795   1.00 32.80 ? 323 HOH A O   1 
HETATM 1201 O O   . HOH C 3 .   ? 1.651   -9.545  3.964   1.00 65.36 ? 324 HOH A O   1 
HETATM 1202 O O   . HOH C 3 .   ? -6.831  3.671   2.740   1.00 44.32 ? 325 HOH A O   1 
HETATM 1203 O O   . HOH C 3 .   ? 7.765   6.467   14.564  1.00 45.55 ? 326 HOH A O   1 
HETATM 1204 O O   . HOH C 3 .   ? 2.836   4.915   -13.915 1.00 39.91 ? 327 HOH A O   1 
HETATM 1205 O O   . HOH C 3 .   ? 16.990  4.045   1.542   1.00 48.00 ? 328 HOH A O   1 
HETATM 1206 O O   . HOH C 3 .   ? -1.549  14.169  -8.912  1.00 47.63 ? 329 HOH A O   1 
HETATM 1207 O O   . HOH C 3 .   ? 4.667   6.027   13.428  1.00 32.48 ? 330 HOH A O   1 
HETATM 1208 O O   . HOH C 3 .   ? 7.439   -8.090  5.995   1.00 59.13 ? 331 HOH A O   1 
HETATM 1209 O O   . HOH C 3 .   ? 3.092   15.692  -10.293 1.00 59.75 ? 332 HOH A O   1 
HETATM 1210 O O   . HOH C 3 .   ? 4.920   5.848   -12.881 1.00 50.76 ? 333 HOH A O   1 
HETATM 1211 O O   . HOH C 3 .   ? 0.857   -11.021 -1.664  1.00 65.53 ? 334 HOH A O   1 
HETATM 1212 O O   . HOH C 3 .   ? -16.166 3.313   -21.727 1.00 70.54 ? 335 HOH A O   1 
HETATM 1213 O O   . HOH C 3 .   ? 19.049  4.258   -1.480  1.00 60.83 ? 336 HOH A O   1 
HETATM 1214 O O   . HOH C 3 .   ? 10.696  -4.182  17.204  1.00 70.08 ? 337 HOH A O   1 
HETATM 1215 O O   . HOH C 3 .   ? -10.461 -2.069  -19.733 1.00 86.63 ? 338 HOH A O   1 
HETATM 1216 O O   . HOH C 3 .   ? -19.524 -3.413  7.375   1.00 60.04 ? 339 HOH A O   1 
HETATM 1217 O O   . HOH C 3 .   ? -24.127 0.393   0.137   1.00 55.77 ? 340 HOH A O   1 
HETATM 1218 O O   . HOH C 3 .   ? 1.947   4.983   14.279  1.00 57.18 ? 341 HOH A O   1 
HETATM 1219 O O   . HOH D 3 .   ? 12.697  -2.624  9.637   1.00 45.21 ? 101 HOH B O   1 
HETATM 1220 O O   . HOH D 3 .   ? 24.102  7.263   6.989   1.00 36.88 ? 102 HOH B O   1 
HETATM 1221 O O   . HOH D 3 .   ? 29.000  3.703   3.553   1.00 56.65 ? 103 HOH B O   1 
HETATM 1222 O O   . HOH D 3 .   ? 13.001  -3.789  7.222   1.00 53.19 ? 104 HOH B O   1 
HETATM 1223 O O   . HOH D 3 .   ? 20.556  -3.405  11.984  1.00 51.43 ? 105 HOH B O   1 
HETATM 1224 O O   . HOH D 3 .   ? 16.126  0.867   2.692   1.00 47.09 ? 106 HOH B O   1 
HETATM 1225 O O   . HOH D 3 .   ? 18.937  -1.019  2.298   1.00 54.55 ? 107 HOH B O   1 
HETATM 1226 O O   . HOH D 3 .   ? 20.729  5.702   -3.624  1.00 74.29 ? 108 HOH B O   1 
HETATM 1227 O O   . HOH D 3 .   ? 21.404  -7.538  8.666   1.00 62.58 ? 109 HOH B O   1 
HETATM 1228 O O   . HOH D 3 .   ? 14.131  -7.152  14.743  1.00 64.58 ? 110 HOH B O   1 
# 
